data_1R2C
#
_entry.id   1R2C
#
_cell.length_a   223.500
_cell.length_b   223.500
_cell.length_c   112.500
_cell.angle_alpha   90.00
_cell.angle_beta   90.00
_cell.angle_gamma   90.00
#
_symmetry.space_group_name_H-M   'P 43 21 2'
#
loop_
_entity.id
_entity.type
_entity.pdbx_description
1 polymer 'Photosynthetic reaction center cytochrome C subunit precursor'
2 polymer 'Reaction center protein L chain'
3 polymer 'Reaction center protein M chain'
4 polymer 'Reaction center protein H chain'
5 non-polymer 'PROTOPORPHYRIN IX CONTAINING FE'
6 non-polymer 'BACTERIOCHLOROPHYLL B'
7 non-polymer 'BACTERIOPHEOPHYTIN B'
8 non-polymer UBIQUINONE-2
9 non-polymer 'LAURYL DIMETHYLAMINE-N-OXIDE'
10 non-polymer 'FE (II) ION'
11 non-polymer 'SULFATE ION'
12 non-polymer MENAQUINONE-7
13 non-polymer 15-cis-1,2-dihydroneurosporene
#
loop_
_entity_poly.entity_id
_entity_poly.type
_entity_poly.pdbx_seq_one_letter_code
_entity_poly.pdbx_strand_id
1 'polypeptide(L)'
;CFEPPPATTTQTGFRGLSMGEVLHPATVKAKKERDAQYPPALAAVKAEGPPVSQVYKNVKVLGNLTEAEFLRTMTAITEW
VSPQEGCTYCHDENNLASEAKYPYVVARRMLEMTRAINTNWTQHVAQTGVTCYTCHRGTPLPPYVRYLEPTLPLNNRETP
THVERVETRSGYVVRLAKYTAYSALNYDPFTMFLANDKRQVRVVPQTALPLVGVSRGKERRPLSDAYATFALMMSISDSL
GTNCTFCHNAQTFESWGKKSTPQRAIAWWGIRMVRDLNMNYLAPLNASLPASRLGRQGEAPQADCRTCHQGVTKPLFGAS
RLKDYPELGPIKAAAK
;
C
2 'polypeptide(L)'
;ALLSFERKYRVRGGTLIGGDLFDFWVGPYFVGFFGVSAIFFIFLGVSLIGYAASQGPTWDPFAISINPPDLKYGLGAAPL
LEGGFWQAITVCALGAFISWMLREVEISRKLGIGWHVPLAFCVPIFMFCVLQVFRPLLLGSWGHAFPYGILSHLDWVNNF
GYQYLNWHYNPGHMSSVSFLFVNAMALGLHGGLILSVANPGDGDKVKTAEHENQYFRDVVGYSIGALSIHRLGLFLASNI
FLTGAFGTIASGPFWTRGWPEWWGWWLDIPFWS
;
L
3 'polypeptide(L)'
;ADYQTIYTQIQARGPHITVSGEWGDNDRVGKPFYSYWLGKIGDAQIGPIYLGASGIAAFAFGSTAILIILFNMAAEVHFD
PLQFFRQFFWLGLYPPKAQYGMGIPPLHDGGWWLMAGLFMTLSLGSWWIRVYSRARALGLGTHIAWNFAAAIFFVLCIGC
IHPTLVGSWSEGVPFGIWPHIDWLTAFSIRYGNFYYCPWHGFSIGFAYGCGLLFAAHGATILAVARFGGDREIEQITDRG
TAVERAALFWRWTIGFNATIESVHRWGWFFSLMVMVSASVGILLTGTFVDNWYLWCVKHGAAPDYPAYLPATPDPASLPG
APK
;
M
4 'polypeptide(L)'
;(FME)YHGALAQHLDIAQLVWYAQWLVIWTVVLLYLRREDRREGYPLVEPLGLVKLAPEDGQVYELPYPKTFVLPHGGTV
TVPRRRPETRELKLAQTDGFEGAPLQPTGNPLVDAVGPASYAERAEVVDATVDGKAKIVPLRVATDFSIAEGDVDPRGLP
VVAADGVEAGTVTDLWVDRSEHYFRYLELSVAGSARTALIPLGFCDVKKDKIVVTSILSEQFANVPRLQSRDQITLREED
KVSAYYAGGLLYATPERAESLL
;
H
#
loop_
_chem_comp.id
_chem_comp.type
_chem_comp.name
_chem_comp.formula
BCB non-polymer 'BACTERIOCHLOROPHYLL B' 'C55 H72 Mg N4 O6 2'
BPB non-polymer 'BACTERIOPHEOPHYTIN B' 'C55 H74 N4 O6'
FE2 non-polymer 'FE (II) ION' 'Fe 2'
HEM non-polymer 'PROTOPORPHYRIN IX CONTAINING FE' 'C34 H32 Fe N4 O4'
LDA non-polymer 'LAURYL DIMETHYLAMINE-N-OXIDE' 'C14 H31 N O'
MQ7 non-polymer MENAQUINONE-7 'C46 H64 O2'
NS5 non-polymer 15-cis-1,2-dihydroneurosporene 'C40 H60'
SO4 non-polymer 'SULFATE ION' 'O4 S -2'
UQ2 non-polymer UBIQUINONE-2 'C19 H26 O4'
#
# COMPACT_ATOMS: atom_id res chain seq x y z
N CYS A 1 23.04 -4.10 -3.94
CA CYS A 1 21.68 -4.70 -4.06
C CYS A 1 20.76 -3.81 -4.89
N PHE A 2 21.27 -3.32 -6.01
CA PHE A 2 20.52 -2.46 -6.93
C PHE A 2 21.23 -2.33 -8.29
N GLU A 3 20.53 -2.69 -9.36
CA GLU A 3 21.08 -2.62 -10.72
C GLU A 3 20.91 -1.23 -11.32
N PRO A 4 21.99 -0.63 -11.82
CA PRO A 4 21.97 0.72 -12.42
C PRO A 4 21.33 0.81 -13.80
N PRO A 5 20.56 1.88 -14.05
CA PRO A 5 19.92 2.05 -15.36
C PRO A 5 20.98 2.19 -16.44
N PRO A 6 20.57 2.22 -17.71
CA PRO A 6 19.18 2.13 -18.13
C PRO A 6 18.75 0.66 -18.19
N ALA A 7 17.46 0.45 -18.30
CA ALA A 7 16.94 -0.91 -18.38
C ALA A 7 16.34 -1.12 -19.76
N THR A 8 16.59 -2.28 -20.35
CA THR A 8 16.00 -2.58 -21.64
C THR A 8 14.59 -3.10 -21.36
N THR A 9 13.60 -2.54 -22.04
CA THR A 9 12.24 -2.98 -21.84
C THR A 9 11.54 -3.19 -23.17
N THR A 10 10.76 -4.25 -23.25
CA THR A 10 9.99 -4.58 -24.44
C THR A 10 8.52 -4.44 -24.10
N GLN A 11 7.68 -4.47 -25.12
CA GLN A 11 6.23 -4.37 -24.93
C GLN A 11 5.66 -5.71 -25.39
N THR A 12 4.69 -6.24 -24.65
CA THR A 12 4.11 -7.52 -25.03
C THR A 12 2.59 -7.51 -24.86
N GLY A 13 2.05 -6.33 -24.57
CA GLY A 13 0.62 -6.19 -24.39
C GLY A 13 0.17 -4.85 -24.93
N PHE A 14 -1.14 -4.61 -24.93
CA PHE A 14 -1.65 -3.35 -25.44
C PHE A 14 -1.04 -2.19 -24.68
N ARG A 15 -0.72 -1.12 -25.40
CA ARG A 15 -0.17 0.06 -24.78
C ARG A 15 -1.00 0.39 -23.54
N GLY A 16 -0.32 0.62 -22.42
CA GLY A 16 -1.03 0.97 -21.21
C GLY A 16 -1.22 -0.13 -20.21
N LEU A 17 -0.82 -1.36 -20.53
CA LEU A 17 -1.01 -2.44 -19.57
C LEU A 17 0.25 -2.84 -18.80
N SER A 18 1.36 -2.18 -19.08
CA SER A 18 2.62 -2.50 -18.42
C SER A 18 2.95 -3.98 -18.57
N MET A 19 2.94 -4.46 -19.81
CA MET A 19 3.26 -5.86 -20.10
C MET A 19 4.53 -5.91 -20.92
N GLY A 20 5.50 -6.69 -20.49
CA GLY A 20 6.71 -6.77 -21.26
C GLY A 20 7.90 -7.17 -20.43
N GLU A 21 9.04 -7.31 -21.09
CA GLU A 21 10.26 -7.69 -20.40
C GLU A 21 11.01 -6.50 -19.85
N VAL A 22 11.70 -6.72 -18.74
CA VAL A 22 12.51 -5.67 -18.12
C VAL A 22 13.87 -6.33 -17.98
N LEU A 23 14.77 -6.06 -18.93
CA LEU A 23 16.09 -6.65 -18.89
C LEU A 23 17.19 -5.70 -18.47
N HIS A 24 18.17 -6.25 -17.76
CA HIS A 24 19.34 -5.50 -17.33
C HIS A 24 20.39 -5.79 -18.39
N PRO A 25 20.68 -4.80 -19.25
CA PRO A 25 21.67 -4.95 -20.34
C PRO A 25 22.85 -5.86 -19.97
N ALA A 26 23.56 -5.45 -18.93
CA ALA A 26 24.72 -6.20 -18.46
C ALA A 26 24.40 -7.69 -18.34
N THR A 27 23.32 -8.02 -17.63
CA THR A 27 22.94 -9.41 -17.42
C THR A 27 22.68 -10.13 -18.75
N VAL A 28 22.06 -9.42 -19.68
CA VAL A 28 21.77 -10.01 -20.97
C VAL A 28 23.09 -10.30 -21.66
N LYS A 29 24.00 -9.33 -21.63
CA LYS A 29 25.31 -9.48 -22.25
C LYS A 29 26.08 -10.63 -21.63
N ALA A 30 25.96 -10.78 -20.31
CA ALA A 30 26.64 -11.84 -19.60
C ALA A 30 26.15 -13.19 -20.07
N LYS A 31 24.87 -13.27 -20.40
CA LYS A 31 24.29 -14.52 -20.86
C LYS A 31 24.49 -14.71 -22.36
N LYS A 32 24.44 -13.62 -23.12
CA LYS A 32 24.64 -13.70 -24.55
C LYS A 32 26.03 -14.30 -24.77
N GLU A 33 27.00 -13.83 -23.99
CA GLU A 33 28.37 -14.32 -24.09
C GLU A 33 28.51 -15.78 -23.69
N ARG A 34 27.92 -16.13 -22.55
CA ARG A 34 27.99 -17.51 -22.07
C ARG A 34 27.50 -18.45 -23.16
N ASP A 35 26.37 -18.10 -23.77
CA ASP A 35 25.77 -18.93 -24.79
C ASP A 35 26.51 -18.90 -26.12
N ALA A 36 27.23 -17.81 -26.36
CA ALA A 36 27.97 -17.66 -27.60
C ALA A 36 29.08 -18.71 -27.66
N GLN A 37 29.31 -19.39 -26.55
CA GLN A 37 30.32 -20.43 -26.48
C GLN A 37 29.88 -21.62 -27.30
N TYR A 38 28.65 -21.54 -27.82
CA TYR A 38 28.11 -22.61 -28.65
C TYR A 38 29.10 -22.90 -29.76
N PRO A 39 29.66 -24.11 -29.80
CA PRO A 39 30.62 -24.46 -30.85
C PRO A 39 29.95 -24.37 -32.21
N PRO A 40 30.65 -23.82 -33.21
CA PRO A 40 30.07 -23.71 -34.55
C PRO A 40 29.94 -25.09 -35.16
N ALA A 41 29.08 -25.22 -36.16
CA ALA A 41 28.89 -26.51 -36.80
C ALA A 41 30.18 -26.95 -37.50
N LEU A 42 30.38 -28.25 -37.58
CA LEU A 42 31.57 -28.78 -38.24
C LEU A 42 31.32 -28.77 -39.74
N ALA A 43 32.35 -28.42 -40.52
CA ALA A 43 32.22 -28.36 -41.96
C ALA A 43 31.50 -29.60 -42.46
N ALA A 44 30.57 -29.42 -43.40
CA ALA A 44 29.82 -30.53 -43.96
C ALA A 44 30.77 -31.44 -44.72
N VAL A 45 30.50 -32.74 -44.69
CA VAL A 45 31.34 -33.70 -45.39
C VAL A 45 30.60 -34.37 -46.55
N LYS A 46 31.36 -34.94 -47.47
CA LYS A 46 30.79 -35.62 -48.63
C LYS A 46 30.04 -36.88 -48.19
N ALA A 47 28.83 -37.06 -48.67
CA ALA A 47 28.03 -38.22 -48.32
C ALA A 47 28.56 -39.52 -48.92
N GLU A 48 29.65 -39.44 -49.68
CA GLU A 48 30.25 -40.63 -50.31
C GLU A 48 30.36 -41.84 -49.37
N GLY A 49 30.27 -43.03 -49.95
CA GLY A 49 30.37 -44.26 -49.18
C GLY A 49 29.04 -44.88 -48.77
N PRO A 50 29.06 -46.13 -48.28
CA PRO A 50 27.88 -46.87 -47.84
C PRO A 50 27.41 -46.49 -46.42
N PRO A 51 26.20 -46.90 -46.04
CA PRO A 51 25.68 -46.57 -44.70
C PRO A 51 26.45 -47.32 -43.61
N VAL A 52 26.77 -46.60 -42.54
CA VAL A 52 27.53 -47.16 -41.43
C VAL A 52 26.86 -48.38 -40.81
N SER A 53 25.61 -48.63 -41.15
CA SER A 53 24.90 -49.80 -40.62
C SER A 53 25.60 -51.05 -41.14
N GLN A 54 26.25 -50.91 -42.29
CA GLN A 54 26.99 -52.01 -42.91
C GLN A 54 28.41 -51.97 -42.36
N VAL A 55 29.03 -50.80 -42.39
CA VAL A 55 30.39 -50.61 -41.92
C VAL A 55 30.67 -50.98 -40.47
N TYR A 56 30.09 -50.24 -39.52
CA TYR A 56 30.33 -50.51 -38.10
C TYR A 56 29.46 -51.63 -37.53
N LYS A 57 29.90 -52.15 -36.39
CA LYS A 57 29.22 -53.27 -35.72
C LYS A 57 28.02 -52.96 -34.85
N ASN A 58 28.18 -52.05 -33.88
CA ASN A 58 27.08 -51.74 -32.98
C ASN A 58 26.49 -50.33 -33.12
N VAL A 59 25.89 -50.06 -34.27
CA VAL A 59 25.28 -48.75 -34.52
C VAL A 59 23.78 -48.91 -34.71
N LYS A 60 23.03 -48.65 -33.63
CA LYS A 60 21.58 -48.80 -33.63
C LYS A 60 20.74 -47.55 -33.91
N VAL A 61 21.36 -46.39 -34.07
CA VAL A 61 20.59 -45.17 -34.30
C VAL A 61 21.00 -44.34 -35.50
N LEU A 62 22.30 -44.24 -35.76
CA LEU A 62 22.76 -43.43 -36.88
C LEU A 62 23.23 -44.30 -38.04
N GLY A 63 22.65 -45.49 -38.14
CA GLY A 63 22.99 -46.42 -39.19
C GLY A 63 22.82 -45.94 -40.62
N ASN A 64 21.95 -44.97 -40.85
CA ASN A 64 21.72 -44.49 -42.21
C ASN A 64 22.78 -43.49 -42.67
N LEU A 65 23.51 -42.93 -41.73
CA LEU A 65 24.56 -41.97 -42.07
C LEU A 65 25.73 -42.67 -42.75
N THR A 66 26.48 -41.92 -43.56
CA THR A 66 27.65 -42.50 -44.21
C THR A 66 28.76 -42.37 -43.18
N GLU A 67 29.82 -43.12 -43.35
CA GLU A 67 30.94 -43.09 -42.42
C GLU A 67 31.42 -41.68 -42.09
N ALA A 68 31.71 -40.89 -43.12
CA ALA A 68 32.17 -39.52 -42.92
C ALA A 68 31.19 -38.68 -42.10
N GLU A 69 29.91 -38.81 -42.44
CA GLU A 69 28.84 -38.07 -41.76
C GLU A 69 28.76 -38.51 -40.32
N PHE A 70 28.86 -39.82 -40.13
CA PHE A 70 28.77 -40.43 -38.81
C PHE A 70 29.87 -39.94 -37.86
N LEU A 71 31.11 -39.97 -38.33
CA LEU A 71 32.22 -39.51 -37.51
C LEU A 71 32.04 -38.04 -37.16
N ARG A 72 31.52 -37.27 -38.12
CA ARG A 72 31.26 -35.85 -37.92
C ARG A 72 30.27 -35.70 -36.76
N THR A 73 29.31 -36.61 -36.70
CA THR A 73 28.32 -36.60 -35.64
C THR A 73 29.05 -36.85 -34.32
N MET A 74 29.89 -37.89 -34.32
CA MET A 74 30.65 -38.27 -33.14
C MET A 74 31.54 -37.14 -32.63
N THR A 75 32.15 -36.40 -33.56
CA THR A 75 33.01 -35.29 -33.17
C THR A 75 32.13 -34.25 -32.48
N ALA A 76 31.02 -33.90 -33.12
CA ALA A 76 30.07 -32.92 -32.58
C ALA A 76 29.60 -33.36 -31.19
N ILE A 77 29.24 -34.62 -31.06
CA ILE A 77 28.79 -35.14 -29.78
C ILE A 77 29.85 -34.92 -28.71
N THR A 78 31.09 -35.25 -29.05
CA THR A 78 32.21 -35.09 -28.13
C THR A 78 32.36 -33.63 -27.73
N GLU A 79 32.39 -32.77 -28.73
CA GLU A 79 32.53 -31.35 -28.51
C GLU A 79 31.40 -30.76 -27.63
N TRP A 80 30.19 -31.32 -27.73
CA TRP A 80 29.07 -30.80 -26.96
C TRP A 80 28.93 -31.40 -25.58
N VAL A 81 29.21 -32.69 -25.46
CA VAL A 81 29.06 -33.36 -24.17
C VAL A 81 30.33 -33.56 -23.37
N SER A 82 31.37 -34.07 -24.02
CA SER A 82 32.62 -34.36 -23.32
C SER A 82 33.86 -33.90 -24.09
N PRO A 83 34.00 -32.59 -24.30
CA PRO A 83 35.16 -32.08 -25.03
C PRO A 83 36.45 -32.31 -24.25
N GLN A 84 36.37 -32.18 -22.93
CA GLN A 84 37.54 -32.37 -22.09
C GLN A 84 37.88 -33.85 -21.95
N GLU A 85 36.87 -34.70 -21.98
CA GLU A 85 37.10 -36.13 -21.85
C GLU A 85 37.47 -36.76 -23.19
N GLY A 86 36.82 -36.30 -24.26
CA GLY A 86 37.11 -36.83 -25.58
C GLY A 86 36.38 -38.14 -25.85
N CYS A 87 36.65 -38.72 -27.02
CA CYS A 87 36.00 -39.96 -27.43
C CYS A 87 35.94 -41.05 -26.38
N THR A 88 37.03 -41.22 -25.65
CA THR A 88 37.11 -42.26 -24.63
C THR A 88 36.07 -42.17 -23.53
N TYR A 89 35.41 -41.02 -23.40
CA TYR A 89 34.42 -40.88 -22.35
C TYR A 89 33.31 -41.93 -22.51
N CYS A 90 33.00 -42.28 -23.75
CA CYS A 90 31.96 -43.26 -24.01
C CYS A 90 32.49 -44.54 -24.67
N HIS A 91 33.73 -44.49 -25.13
CA HIS A 91 34.33 -45.63 -25.80
C HIS A 91 35.51 -46.28 -25.12
N ASP A 92 35.79 -47.50 -25.56
CA ASP A 92 36.93 -48.26 -25.08
C ASP A 92 37.98 -48.02 -26.14
N GLU A 93 39.13 -47.47 -25.74
CA GLU A 93 40.20 -47.18 -26.68
C GLU A 93 40.33 -48.29 -27.72
N ASN A 94 40.23 -49.53 -27.27
CA ASN A 94 40.38 -50.68 -28.15
C ASN A 94 39.13 -51.31 -28.74
N ASN A 95 37.95 -50.76 -28.46
CA ASN A 95 36.74 -51.33 -29.02
C ASN A 95 35.62 -50.30 -29.08
N LEU A 96 35.52 -49.65 -30.24
CA LEU A 96 34.52 -48.61 -30.43
C LEU A 96 33.09 -49.12 -30.51
N ALA A 97 32.93 -50.42 -30.65
CA ALA A 97 31.59 -51.00 -30.71
C ALA A 97 31.23 -51.56 -29.35
N SER A 98 32.11 -51.34 -28.37
CA SER A 98 31.87 -51.81 -27.01
C SER A 98 30.90 -50.87 -26.31
N GLU A 99 30.17 -51.40 -25.32
CA GLU A 99 29.21 -50.62 -24.57
C GLU A 99 29.58 -50.65 -23.08
N ALA A 100 30.79 -51.11 -22.81
CA ALA A 100 31.29 -51.23 -21.44
C ALA A 100 31.03 -50.00 -20.58
N LYS A 101 31.37 -48.82 -21.12
CA LYS A 101 31.19 -47.57 -20.38
C LYS A 101 29.72 -47.12 -20.43
N TYR A 102 29.16 -46.75 -19.28
CA TYR A 102 27.76 -46.34 -19.24
C TYR A 102 27.44 -45.14 -20.12
N PRO A 103 28.37 -44.19 -20.27
CA PRO A 103 28.04 -43.04 -21.11
C PRO A 103 27.65 -43.47 -22.53
N TYR A 104 28.14 -44.62 -22.98
CA TYR A 104 27.81 -45.10 -24.31
C TYR A 104 26.31 -45.35 -24.39
N VAL A 105 25.82 -46.22 -23.51
CA VAL A 105 24.41 -46.56 -23.47
C VAL A 105 23.54 -45.31 -23.40
N VAL A 106 23.77 -44.51 -22.36
CA VAL A 106 23.03 -43.28 -22.15
C VAL A 106 23.09 -42.37 -23.37
N ALA A 107 24.25 -42.31 -24.01
CA ALA A 107 24.39 -41.46 -25.17
C ALA A 107 23.47 -41.92 -26.30
N ARG A 108 23.20 -43.22 -26.35
CA ARG A 108 22.33 -43.77 -27.37
C ARG A 108 20.91 -43.33 -27.08
N ARG A 109 20.52 -43.46 -25.82
CA ARG A 109 19.18 -43.06 -25.40
C ARG A 109 19.03 -41.57 -25.67
N MET A 110 20.11 -40.83 -25.42
CA MET A 110 20.12 -39.39 -25.62
C MET A 110 20.02 -39.01 -27.09
N LEU A 111 20.57 -39.84 -27.96
CA LEU A 111 20.50 -39.58 -29.39
C LEU A 111 19.04 -39.70 -29.80
N GLU A 112 18.38 -40.73 -29.29
CA GLU A 112 16.98 -40.96 -29.60
C GLU A 112 16.15 -39.82 -29.02
N MET A 113 16.40 -39.53 -27.75
CA MET A 113 15.68 -38.47 -27.06
C MET A 113 15.79 -37.15 -27.83
N THR A 114 16.98 -36.82 -28.28
CA THR A 114 17.18 -35.58 -29.02
C THR A 114 16.41 -35.62 -30.32
N ARG A 115 16.55 -36.72 -31.05
CA ARG A 115 15.84 -36.86 -32.31
C ARG A 115 14.34 -36.67 -32.04
N ALA A 116 13.87 -37.27 -30.96
CA ALA A 116 12.46 -37.15 -30.60
C ALA A 116 12.12 -35.68 -30.45
N ILE A 117 12.81 -35.00 -29.54
CA ILE A 117 12.59 -33.58 -29.28
C ILE A 117 12.45 -32.77 -30.56
N ASN A 118 13.41 -32.93 -31.47
CA ASN A 118 13.38 -32.18 -32.71
C ASN A 118 12.31 -32.62 -33.68
N THR A 119 11.77 -33.80 -33.45
CA THR A 119 10.73 -34.33 -34.32
C THR A 119 9.32 -34.23 -33.74
N ASN A 120 9.12 -34.73 -32.53
CA ASN A 120 7.80 -34.72 -31.92
C ASN A 120 7.42 -33.49 -31.12
N TRP A 121 8.36 -32.59 -30.93
CA TRP A 121 8.06 -31.40 -30.15
C TRP A 121 8.38 -30.11 -30.88
N THR A 122 8.26 -30.16 -32.20
CA THR A 122 8.51 -28.98 -32.99
C THR A 122 7.59 -27.85 -32.54
N GLN A 123 6.41 -28.19 -32.00
CA GLN A 123 5.53 -27.12 -31.56
C GLN A 123 6.17 -26.33 -30.43
N HIS A 124 7.27 -26.84 -29.88
CA HIS A 124 7.98 -26.11 -28.84
C HIS A 124 9.32 -25.61 -29.30
N VAL A 125 10.19 -26.54 -29.70
CA VAL A 125 11.52 -26.21 -30.14
C VAL A 125 11.54 -25.66 -31.56
N ALA A 126 10.39 -25.72 -32.21
CA ALA A 126 10.25 -25.21 -33.57
C ALA A 126 11.37 -25.63 -34.51
N GLN A 127 11.77 -24.71 -35.38
CA GLN A 127 12.82 -24.97 -36.34
C GLN A 127 14.20 -24.73 -35.75
N THR A 128 14.24 -24.32 -34.48
CA THR A 128 15.51 -24.07 -33.80
C THR A 128 16.04 -25.43 -33.35
N GLY A 129 15.15 -26.20 -32.74
CA GLY A 129 15.54 -27.52 -32.26
C GLY A 129 16.58 -27.44 -31.17
N VAL A 130 17.12 -28.60 -30.82
CA VAL A 130 18.14 -28.67 -29.79
C VAL A 130 19.19 -29.71 -30.17
N THR A 131 20.38 -29.58 -29.58
CA THR A 131 21.46 -30.52 -29.80
C THR A 131 21.92 -30.84 -28.41
N CYS A 132 22.84 -31.80 -28.30
CA CYS A 132 23.36 -32.19 -27.01
C CYS A 132 23.84 -30.97 -26.24
N TYR A 133 24.37 -29.99 -26.97
CA TYR A 133 24.88 -28.79 -26.35
C TYR A 133 23.86 -28.02 -25.53
N THR A 134 22.67 -27.82 -26.09
CA THR A 134 21.60 -27.07 -25.43
C THR A 134 21.53 -27.37 -23.93
N CYS A 135 21.63 -28.64 -23.57
CA CYS A 135 21.57 -29.03 -22.16
C CYS A 135 22.92 -29.19 -21.51
N HIS A 136 23.79 -29.95 -22.16
CA HIS A 136 25.13 -30.24 -21.64
C HIS A 136 26.10 -29.08 -21.59
N ARG A 137 25.90 -28.10 -22.46
CA ARG A 137 26.76 -26.93 -22.47
C ARG A 137 28.23 -27.30 -22.23
N GLY A 138 28.69 -28.39 -22.85
CA GLY A 138 30.08 -28.79 -22.73
C GLY A 138 30.56 -29.72 -21.63
N THR A 139 29.64 -30.33 -20.88
CA THR A 139 30.05 -31.24 -19.81
C THR A 139 29.07 -32.40 -19.71
N PRO A 140 29.57 -33.62 -19.47
CA PRO A 140 28.70 -34.80 -19.36
C PRO A 140 27.45 -34.56 -18.53
N LEU A 141 27.62 -33.90 -17.39
CA LEU A 141 26.50 -33.61 -16.52
C LEU A 141 26.04 -32.20 -16.83
N PRO A 142 24.80 -32.06 -17.34
CA PRO A 142 24.25 -30.75 -17.68
C PRO A 142 24.24 -29.87 -16.42
N PRO A 143 24.75 -28.64 -16.52
CA PRO A 143 24.80 -27.74 -15.37
C PRO A 143 23.49 -27.59 -14.62
N TYR A 144 22.38 -27.64 -15.34
CA TYR A 144 21.07 -27.50 -14.71
C TYR A 144 20.20 -28.74 -14.83
N VAL A 145 20.01 -29.42 -13.70
CA VAL A 145 19.19 -30.61 -13.69
C VAL A 145 18.41 -30.62 -12.38
N ARG A 146 17.52 -31.59 -12.25
CA ARG A 146 16.70 -31.68 -11.07
C ARG A 146 16.55 -33.09 -10.57
N TYR A 147 16.46 -33.20 -9.25
CA TYR A 147 16.27 -34.47 -8.56
C TYR A 147 14.89 -34.31 -7.94
N LEU A 148 14.39 -35.34 -7.30
CA LEU A 148 13.06 -35.23 -6.70
C LEU A 148 13.06 -34.30 -5.50
N GLU A 149 14.20 -33.69 -5.21
CA GLU A 149 14.32 -32.72 -4.11
C GLU A 149 15.03 -31.51 -4.66
N PRO A 150 14.73 -30.33 -4.11
CA PRO A 150 15.40 -29.13 -4.59
C PRO A 150 16.86 -29.26 -4.20
N THR A 151 17.77 -28.78 -5.05
CA THR A 151 19.18 -28.85 -4.74
C THR A 151 19.87 -27.54 -5.06
N LEU A 152 20.91 -27.22 -4.31
CA LEU A 152 21.66 -25.98 -4.52
C LEU A 152 23.15 -26.29 -4.64
N PRO A 153 23.85 -25.56 -5.52
CA PRO A 153 23.37 -24.49 -6.39
C PRO A 153 22.57 -25.01 -7.60
N LEU A 154 21.82 -24.13 -8.26
CA LEU A 154 21.05 -24.54 -9.42
C LEU A 154 22.02 -25.07 -10.46
N ASN A 155 23.16 -24.39 -10.57
CA ASN A 155 24.21 -24.79 -11.50
C ASN A 155 25.07 -25.79 -10.72
N ASN A 156 25.11 -27.05 -11.15
CA ASN A 156 25.90 -28.04 -10.43
C ASN A 156 27.40 -27.94 -10.71
N ARG A 157 27.80 -26.92 -11.46
CA ARG A 157 29.21 -26.73 -11.75
C ARG A 157 29.80 -25.98 -10.56
N GLU A 158 28.94 -25.45 -9.72
CA GLU A 158 29.38 -24.74 -8.54
C GLU A 158 29.38 -25.70 -7.37
N THR A 159 30.18 -25.40 -6.36
CA THR A 159 30.27 -26.25 -5.16
C THR A 159 29.34 -25.72 -4.08
N PRO A 160 28.50 -26.60 -3.54
CA PRO A 160 27.57 -26.17 -2.50
C PRO A 160 28.23 -25.89 -1.16
N THR A 161 27.62 -25.01 -0.38
CA THR A 161 28.11 -24.70 0.94
C THR A 161 27.55 -25.85 1.77
N HIS A 162 27.78 -25.84 3.09
CA HIS A 162 27.27 -26.94 3.87
C HIS A 162 25.74 -26.98 3.86
N VAL A 163 25.10 -25.85 4.16
CA VAL A 163 23.64 -25.79 4.19
C VAL A 163 22.99 -26.12 2.85
N GLU A 164 23.67 -25.76 1.75
CA GLU A 164 23.13 -26.04 0.42
C GLU A 164 23.03 -27.53 0.11
N ARG A 165 23.81 -28.33 0.81
CA ARG A 165 23.79 -29.76 0.56
C ARG A 165 22.43 -30.30 1.00
N VAL A 166 21.88 -31.21 0.20
CA VAL A 166 20.58 -31.78 0.51
C VAL A 166 20.65 -32.51 1.86
N GLU A 167 21.87 -32.78 2.32
CA GLU A 167 22.09 -33.45 3.60
C GLU A 167 21.65 -32.56 4.74
N THR A 168 22.05 -31.29 4.69
CA THR A 168 21.70 -30.33 5.72
C THR A 168 20.21 -30.04 5.69
N ARG A 169 19.47 -30.57 6.66
CA ARG A 169 18.03 -30.36 6.71
C ARG A 169 17.69 -28.88 6.90
N SER A 170 18.49 -28.18 7.71
CA SER A 170 18.26 -26.77 8.01
C SER A 170 18.36 -25.88 6.78
N GLY A 171 18.67 -26.45 5.62
CA GLY A 171 18.79 -25.65 4.43
C GLY A 171 17.67 -25.87 3.44
N TYR A 172 16.71 -26.72 3.80
CA TYR A 172 15.59 -27.02 2.92
C TYR A 172 14.85 -25.80 2.40
N VAL A 173 14.39 -24.95 3.32
CA VAL A 173 13.66 -23.75 2.94
C VAL A 173 14.41 -22.90 1.91
N VAL A 174 15.71 -22.73 2.08
CA VAL A 174 16.47 -21.91 1.14
C VAL A 174 16.69 -22.63 -0.19
N ARG A 175 16.76 -23.95 -0.16
CA ARG A 175 16.95 -24.68 -1.39
C ARG A 175 15.72 -24.45 -2.25
N LEU A 176 14.57 -24.61 -1.62
CA LEU A 176 13.29 -24.43 -2.30
C LEU A 176 13.13 -22.99 -2.78
N ALA A 177 13.34 -22.04 -1.88
CA ALA A 177 13.22 -20.63 -2.22
C ALA A 177 13.96 -20.28 -3.49
N LYS A 178 15.18 -20.77 -3.62
CA LYS A 178 15.97 -20.47 -4.80
C LYS A 178 15.51 -21.16 -6.06
N TYR A 179 14.59 -22.10 -5.93
CA TYR A 179 14.07 -22.76 -7.10
C TYR A 179 12.82 -22.03 -7.54
N THR A 180 12.29 -21.18 -6.66
CA THR A 180 11.09 -20.44 -6.98
C THR A 180 11.31 -18.94 -6.87
N ALA A 181 12.35 -18.46 -7.52
CA ALA A 181 12.67 -17.04 -7.56
C ALA A 181 12.76 -16.37 -6.19
N TYR A 182 13.21 -17.11 -5.18
CA TYR A 182 13.36 -16.59 -3.81
C TYR A 182 12.06 -16.35 -3.08
N SER A 183 10.98 -16.96 -3.53
CA SER A 183 9.68 -16.79 -2.88
C SER A 183 9.58 -17.78 -1.72
N ALA A 184 8.75 -17.47 -0.74
CA ALA A 184 8.60 -18.39 0.37
C ALA A 184 7.60 -19.51 0.06
N LEU A 185 7.28 -19.70 -1.23
CA LEU A 185 6.33 -20.73 -1.61
C LEU A 185 6.79 -22.13 -1.20
N ASN A 186 6.06 -22.69 -0.25
CA ASN A 186 6.37 -24.00 0.31
C ASN A 186 6.04 -25.18 -0.59
N TYR A 187 6.36 -25.08 -1.87
CA TYR A 187 6.07 -26.18 -2.80
C TYR A 187 7.18 -26.38 -3.80
N ASP A 188 7.40 -27.63 -4.20
CA ASP A 188 8.43 -27.90 -5.17
C ASP A 188 7.75 -28.16 -6.50
N PRO A 189 7.61 -27.09 -7.31
CA PRO A 189 6.96 -27.18 -8.62
C PRO A 189 7.51 -28.25 -9.56
N PHE A 190 8.80 -28.54 -9.48
CA PHE A 190 9.35 -29.55 -10.38
C PHE A 190 8.73 -30.93 -10.21
N THR A 191 8.79 -31.47 -9.00
CA THR A 191 8.23 -32.80 -8.76
C THR A 191 6.72 -32.74 -8.96
N MET A 192 6.09 -31.71 -8.43
CA MET A 192 4.66 -31.59 -8.56
C MET A 192 4.14 -31.52 -10.00
N PHE A 193 4.75 -30.68 -10.83
CA PHE A 193 4.28 -30.50 -12.20
C PHE A 193 5.16 -30.91 -13.37
N LEU A 194 6.45 -31.10 -13.15
CA LEU A 194 7.32 -31.43 -14.26
C LEU A 194 7.86 -32.84 -14.32
N ALA A 195 7.91 -33.52 -13.19
CA ALA A 195 8.43 -34.89 -13.16
C ALA A 195 7.53 -35.80 -13.98
N ASN A 196 6.22 -35.63 -13.86
CA ASN A 196 5.26 -36.44 -14.59
C ASN A 196 4.05 -35.59 -14.92
N ASP A 197 2.97 -36.23 -15.33
CA ASP A 197 1.75 -35.51 -15.70
C ASP A 197 0.55 -35.78 -14.80
N LYS A 198 0.80 -36.17 -13.56
CA LYS A 198 -0.27 -36.49 -12.64
C LYS A 198 -1.05 -35.26 -12.13
N ARG A 199 -0.43 -34.09 -12.11
CA ARG A 199 -1.13 -32.89 -11.62
C ARG A 199 -1.53 -31.88 -12.69
N GLN A 200 -2.59 -31.15 -12.40
CA GLN A 200 -3.08 -30.14 -13.32
C GLN A 200 -2.56 -28.78 -12.87
N VAL A 201 -1.97 -28.05 -13.81
CA VAL A 201 -1.43 -26.74 -13.50
C VAL A 201 -2.50 -25.68 -13.30
N ARG A 202 -3.62 -25.77 -14.04
CA ARG A 202 -4.66 -24.75 -13.91
C ARG A 202 -5.42 -24.92 -12.61
N VAL A 203 -5.78 -23.79 -11.99
CA VAL A 203 -6.47 -23.81 -10.71
C VAL A 203 -7.60 -22.82 -10.62
N VAL A 204 -7.68 -21.92 -11.59
CA VAL A 204 -8.71 -20.90 -11.59
C VAL A 204 -10.00 -21.40 -12.22
N PRO A 205 -11.14 -21.12 -11.59
CA PRO A 205 -12.47 -21.52 -12.07
C PRO A 205 -12.80 -20.82 -13.37
N GLN A 206 -13.35 -21.57 -14.32
CA GLN A 206 -13.71 -20.96 -15.58
C GLN A 206 -15.15 -20.41 -15.58
N THR A 207 -15.81 -20.42 -14.42
CA THR A 207 -17.15 -19.86 -14.33
C THR A 207 -17.15 -18.74 -13.27
N ALA A 208 -18.04 -17.76 -13.43
CA ALA A 208 -18.11 -16.64 -12.50
C ALA A 208 -18.58 -17.09 -11.12
N LEU A 209 -19.57 -17.96 -11.08
CA LEU A 209 -20.10 -18.44 -9.81
C LEU A 209 -19.62 -19.85 -9.57
N PRO A 210 -19.53 -20.26 -8.31
CA PRO A 210 -19.07 -21.62 -7.97
C PRO A 210 -20.09 -22.67 -8.42
N LEU A 211 -19.63 -23.61 -9.23
CA LEU A 211 -20.50 -24.67 -9.70
C LEU A 211 -20.79 -25.57 -8.51
N VAL A 212 -22.07 -25.84 -8.25
CA VAL A 212 -22.45 -26.70 -7.15
C VAL A 212 -22.00 -28.13 -7.43
N GLY A 213 -21.30 -28.72 -6.48
CA GLY A 213 -20.85 -30.09 -6.67
C GLY A 213 -19.34 -30.21 -6.76
N VAL A 214 -18.64 -29.09 -6.72
CA VAL A 214 -17.18 -29.09 -6.77
C VAL A 214 -16.66 -27.88 -6.01
N SER A 215 -17.57 -27.16 -5.36
CA SER A 215 -17.19 -25.96 -4.64
C SER A 215 -17.32 -26.02 -3.14
N ARG A 216 -17.46 -27.22 -2.57
CA ARG A 216 -17.59 -27.30 -1.12
C ARG A 216 -16.84 -28.47 -0.50
N GLY A 217 -16.37 -28.26 0.73
CA GLY A 217 -15.65 -29.29 1.43
C GLY A 217 -14.58 -30.00 0.62
N LYS A 218 -14.56 -31.33 0.71
CA LYS A 218 -13.56 -32.13 0.01
C LYS A 218 -13.77 -32.18 -1.49
N GLU A 219 -14.78 -31.49 -2.00
CA GLU A 219 -15.00 -31.52 -3.43
C GLU A 219 -13.99 -30.59 -4.08
N ARG A 220 -13.73 -29.50 -3.40
CA ARG A 220 -12.83 -28.49 -3.91
C ARG A 220 -11.36 -28.78 -3.69
N ARG A 221 -10.53 -28.26 -4.59
CA ARG A 221 -9.10 -28.43 -4.49
C ARG A 221 -8.66 -27.51 -3.36
N PRO A 222 -7.63 -27.91 -2.61
CA PRO A 222 -7.16 -27.08 -1.51
C PRO A 222 -6.44 -25.85 -2.08
N LEU A 223 -6.42 -24.76 -1.31
CA LEU A 223 -5.77 -23.55 -1.78
C LEU A 223 -4.32 -23.81 -2.16
N SER A 224 -3.72 -24.77 -1.48
CA SER A 224 -2.33 -25.16 -1.72
C SER A 224 -2.02 -25.30 -3.21
N ASP A 225 -2.99 -25.73 -4.01
CA ASP A 225 -2.79 -25.88 -5.45
C ASP A 225 -2.51 -24.54 -6.11
N ALA A 226 -3.19 -23.51 -5.63
CA ALA A 226 -2.99 -22.17 -6.16
C ALA A 226 -1.54 -21.78 -5.86
N TYR A 227 -1.05 -22.09 -4.65
CA TYR A 227 0.35 -21.80 -4.29
C TYR A 227 1.29 -22.59 -5.19
N ALA A 228 1.06 -23.90 -5.25
CA ALA A 228 1.88 -24.76 -6.06
C ALA A 228 1.99 -24.17 -7.46
N THR A 229 0.85 -23.81 -8.03
CA THR A 229 0.84 -23.24 -9.36
C THR A 229 1.69 -21.99 -9.40
N PHE A 230 1.48 -21.12 -8.44
CA PHE A 230 2.21 -19.87 -8.37
C PHE A 230 3.71 -20.16 -8.42
N ALA A 231 4.13 -21.12 -7.59
CA ALA A 231 5.51 -21.54 -7.49
C ALA A 231 6.02 -21.95 -8.87
N LEU A 232 5.34 -22.89 -9.50
CA LEU A 232 5.75 -23.35 -10.82
C LEU A 232 5.93 -22.18 -11.76
N MET A 233 5.05 -21.19 -11.62
CA MET A 233 5.12 -20.04 -12.48
C MET A 233 6.33 -19.20 -12.16
N MET A 234 6.64 -19.04 -10.88
CA MET A 234 7.81 -18.27 -10.46
C MET A 234 9.07 -18.91 -11.08
N SER A 235 9.23 -20.21 -10.87
CA SER A 235 10.40 -20.88 -11.40
C SER A 235 10.45 -20.83 -12.93
N ILE A 236 9.29 -20.88 -13.58
CA ILE A 236 9.29 -20.82 -15.03
C ILE A 236 9.80 -19.44 -15.43
N SER A 237 9.29 -18.41 -14.77
CA SER A 237 9.72 -17.05 -15.07
C SER A 237 11.23 -16.95 -14.90
N ASP A 238 11.71 -17.50 -13.79
CA ASP A 238 13.13 -17.44 -13.52
C ASP A 238 13.95 -18.24 -14.50
N SER A 239 13.49 -19.45 -14.78
CA SER A 239 14.19 -20.31 -15.72
C SER A 239 14.39 -19.66 -17.09
N LEU A 240 13.44 -18.83 -17.50
CA LEU A 240 13.54 -18.17 -18.80
C LEU A 240 14.08 -16.76 -18.66
N GLY A 241 14.30 -16.34 -17.42
CA GLY A 241 14.80 -15.01 -17.14
C GLY A 241 13.80 -13.99 -17.62
N THR A 242 12.56 -14.13 -17.18
CA THR A 242 11.50 -13.22 -17.62
C THR A 242 10.41 -13.09 -16.58
N ASN A 243 9.42 -12.24 -16.85
CA ASN A 243 8.33 -12.06 -15.90
C ASN A 243 6.99 -12.58 -16.46
N CYS A 244 5.98 -12.64 -15.59
CA CYS A 244 4.65 -13.12 -15.95
C CYS A 244 4.08 -12.50 -17.22
N THR A 245 4.20 -11.18 -17.34
CA THR A 245 3.62 -10.50 -18.49
C THR A 245 4.25 -10.92 -19.80
N PHE A 246 5.25 -11.77 -19.74
CA PHE A 246 5.88 -12.24 -20.96
C PHE A 246 4.94 -13.23 -21.63
N CYS A 247 3.95 -13.69 -20.87
CA CYS A 247 3.00 -14.68 -21.37
C CYS A 247 1.56 -14.36 -21.01
N HIS A 248 1.40 -13.68 -19.88
CA HIS A 248 0.08 -13.37 -19.37
C HIS A 248 -0.21 -11.89 -19.30
N ASN A 249 -1.50 -11.61 -19.24
CA ASN A 249 -1.98 -10.26 -19.02
C ASN A 249 -2.55 -10.58 -17.64
N ALA A 250 -1.85 -10.18 -16.60
CA ALA A 250 -2.27 -10.47 -15.23
C ALA A 250 -3.75 -10.19 -14.99
N GLN A 251 -4.37 -9.39 -15.86
CA GLN A 251 -5.78 -9.11 -15.67
C GLN A 251 -6.59 -10.39 -15.52
N THR A 252 -6.17 -11.44 -16.21
CA THR A 252 -6.85 -12.72 -16.12
C THR A 252 -5.90 -13.83 -16.56
N PHE A 253 -5.13 -14.33 -15.60
CA PHE A 253 -4.17 -15.38 -15.87
C PHE A 253 -4.75 -16.56 -16.63
N GLU A 254 -5.87 -17.08 -16.12
CA GLU A 254 -6.53 -18.24 -16.69
C GLU A 254 -7.03 -18.08 -18.13
N SER A 255 -7.24 -16.85 -18.57
CA SER A 255 -7.72 -16.60 -19.93
C SER A 255 -6.68 -16.65 -21.04
N TRP A 256 -7.06 -17.16 -22.20
CA TRP A 256 -6.15 -17.20 -23.32
C TRP A 256 -6.59 -16.15 -24.33
N GLY A 257 -6.44 -16.44 -25.62
CA GLY A 257 -6.85 -15.47 -26.61
C GLY A 257 -6.01 -14.22 -26.55
N LYS A 258 -6.66 -13.07 -26.41
CA LYS A 258 -5.93 -11.80 -26.37
C LYS A 258 -5.30 -11.58 -25.00
N LYS A 259 -5.65 -12.43 -24.05
CA LYS A 259 -5.11 -12.30 -22.72
C LYS A 259 -3.79 -13.05 -22.59
N SER A 260 -3.41 -13.77 -23.63
CA SER A 260 -2.18 -14.50 -23.58
C SER A 260 -1.32 -14.20 -24.79
N THR A 261 -0.01 -14.36 -24.63
CA THR A 261 0.92 -14.11 -25.71
C THR A 261 1.26 -15.46 -26.33
N PRO A 262 1.67 -15.47 -27.61
CA PRO A 262 2.02 -16.73 -28.25
C PRO A 262 2.92 -17.58 -27.39
N GLN A 263 3.91 -16.94 -26.77
CA GLN A 263 4.86 -17.62 -25.90
C GLN A 263 4.21 -18.52 -24.86
N ARG A 264 3.08 -18.09 -24.32
CA ARG A 264 2.40 -18.88 -23.31
C ARG A 264 2.01 -20.22 -23.90
N ALA A 265 1.53 -20.19 -25.14
CA ALA A 265 1.14 -21.42 -25.80
C ALA A 265 2.37 -22.28 -25.91
N ILE A 266 3.46 -21.67 -26.34
CA ILE A 266 4.71 -22.41 -26.47
C ILE A 266 5.07 -23.02 -25.12
N ALA A 267 4.97 -22.20 -24.08
CA ALA A 267 5.28 -22.65 -22.73
C ALA A 267 4.40 -23.86 -22.45
N TRP A 268 3.13 -23.78 -22.85
CA TRP A 268 2.21 -24.87 -22.63
C TRP A 268 2.84 -26.12 -23.20
N TRP A 269 3.31 -26.04 -24.45
CA TRP A 269 3.93 -27.21 -25.07
C TRP A 269 5.20 -27.61 -24.34
N GLY A 270 5.91 -26.63 -23.79
CA GLY A 270 7.13 -26.92 -23.06
C GLY A 270 6.83 -27.85 -21.90
N ILE A 271 5.77 -27.55 -21.17
CA ILE A 271 5.41 -28.37 -20.03
C ILE A 271 5.20 -29.81 -20.48
N ARG A 272 4.43 -30.01 -21.54
CA ARG A 272 4.18 -31.35 -22.04
C ARG A 272 5.47 -32.04 -22.48
N MET A 273 6.30 -31.33 -23.23
CA MET A 273 7.56 -31.89 -23.70
C MET A 273 8.49 -32.27 -22.53
N VAL A 274 8.59 -31.39 -21.54
CA VAL A 274 9.45 -31.68 -20.40
C VAL A 274 8.95 -32.94 -19.72
N ARG A 275 7.63 -33.06 -19.54
CA ARG A 275 7.04 -34.24 -18.92
C ARG A 275 7.36 -35.48 -19.73
N ASP A 276 7.23 -35.36 -21.04
CA ASP A 276 7.53 -36.49 -21.90
C ASP A 276 8.99 -36.89 -21.68
N LEU A 277 9.90 -35.95 -21.86
CA LEU A 277 11.32 -36.20 -21.68
C LEU A 277 11.60 -36.88 -20.35
N ASN A 278 11.23 -36.23 -19.24
CA ASN A 278 11.48 -36.83 -17.94
C ASN A 278 10.92 -38.23 -17.82
N MET A 279 9.60 -38.35 -17.92
CA MET A 279 8.94 -39.63 -17.79
C MET A 279 9.46 -40.76 -18.66
N ASN A 280 9.70 -40.47 -19.93
CA ASN A 280 10.12 -41.51 -20.87
C ASN A 280 11.57 -41.63 -21.28
N TYR A 281 12.41 -40.67 -20.92
CA TYR A 281 13.81 -40.77 -21.30
C TYR A 281 14.76 -40.65 -20.12
N LEU A 282 14.68 -39.52 -19.43
CA LEU A 282 15.56 -39.25 -18.30
C LEU A 282 15.28 -40.13 -17.08
N ALA A 283 14.06 -40.10 -16.56
CA ALA A 283 13.70 -40.89 -15.39
C ALA A 283 14.19 -42.34 -15.46
N PRO A 284 13.87 -43.04 -16.56
CA PRO A 284 14.29 -44.44 -16.69
C PRO A 284 15.80 -44.63 -16.59
N LEU A 285 16.55 -43.67 -17.11
CA LEU A 285 18.01 -43.73 -17.11
C LEU A 285 18.62 -44.10 -15.76
N ASN A 286 17.87 -43.94 -14.69
CA ASN A 286 18.40 -44.27 -13.37
C ASN A 286 18.85 -45.73 -13.33
N ALA A 287 18.51 -46.49 -14.37
CA ALA A 287 18.88 -47.89 -14.46
C ALA A 287 20.30 -48.07 -15.01
N SER A 288 20.68 -47.17 -15.92
CA SER A 288 21.99 -47.23 -16.56
C SER A 288 23.03 -46.35 -15.90
N LEU A 289 22.59 -45.38 -15.11
CA LEU A 289 23.51 -44.46 -14.45
C LEU A 289 24.12 -45.04 -13.20
N PRO A 290 25.41 -44.78 -12.97
CA PRO A 290 26.04 -45.30 -11.76
C PRO A 290 25.38 -44.63 -10.56
N ALA A 291 25.22 -45.37 -9.47
CA ALA A 291 24.59 -44.82 -8.27
C ALA A 291 25.16 -43.45 -7.90
N SER A 292 26.37 -43.17 -8.39
CA SER A 292 27.01 -41.90 -8.13
C SER A 292 26.20 -40.70 -8.64
N ARG A 293 25.45 -40.90 -9.73
CA ARG A 293 24.65 -39.84 -10.33
C ARG A 293 23.25 -39.69 -9.75
N LEU A 294 22.72 -40.78 -9.21
CA LEU A 294 21.38 -40.78 -8.65
C LEU A 294 21.18 -39.86 -7.45
N GLY A 295 19.91 -39.57 -7.16
CA GLY A 295 19.58 -38.72 -6.03
C GLY A 295 19.39 -39.62 -4.82
N ARG A 296 18.88 -39.06 -3.73
CA ARG A 296 18.67 -39.85 -2.52
C ARG A 296 17.49 -40.81 -2.64
N GLN A 297 16.75 -40.70 -3.73
CA GLN A 297 15.62 -41.56 -3.95
C GLN A 297 15.89 -42.49 -5.14
N GLY A 298 17.16 -42.52 -5.54
CA GLY A 298 17.57 -43.35 -6.65
C GLY A 298 17.10 -42.85 -7.99
N GLU A 299 16.66 -41.60 -8.03
CA GLU A 299 16.18 -41.01 -9.28
C GLU A 299 17.35 -40.48 -10.10
N ALA A 300 17.17 -40.40 -11.41
CA ALA A 300 18.22 -39.88 -12.27
C ALA A 300 17.96 -38.39 -12.43
N PRO A 301 19.01 -37.60 -12.67
CA PRO A 301 18.80 -36.15 -12.84
C PRO A 301 17.82 -35.97 -13.99
N GLN A 302 16.81 -35.13 -13.76
CA GLN A 302 15.81 -34.87 -14.78
C GLN A 302 15.88 -33.43 -15.26
N ALA A 303 15.23 -33.16 -16.39
CA ALA A 303 15.23 -31.84 -16.98
C ALA A 303 14.02 -31.01 -16.58
N ASP A 304 14.13 -29.71 -16.78
CA ASP A 304 13.05 -28.79 -16.48
C ASP A 304 13.28 -27.61 -17.43
N CYS A 305 12.53 -26.54 -17.28
CA CYS A 305 12.70 -25.43 -18.21
C CYS A 305 14.12 -24.90 -18.24
N ARG A 306 14.73 -24.76 -17.06
CA ARG A 306 16.06 -24.21 -16.96
C ARG A 306 17.14 -25.07 -17.62
N THR A 307 16.95 -26.38 -17.61
CA THR A 307 17.93 -27.28 -18.22
C THR A 307 18.35 -26.80 -19.59
N CYS A 308 17.40 -26.35 -20.41
CA CYS A 308 17.73 -25.86 -21.75
C CYS A 308 17.84 -24.33 -21.81
N HIS A 309 16.84 -23.66 -21.26
CA HIS A 309 16.78 -22.21 -21.30
C HIS A 309 17.86 -21.50 -20.55
N GLN A 310 18.16 -21.98 -19.35
CA GLN A 310 19.21 -21.37 -18.57
C GLN A 310 19.13 -19.86 -18.53
N GLY A 311 18.03 -19.36 -17.96
CA GLY A 311 17.81 -17.93 -17.80
C GLY A 311 17.52 -17.11 -19.02
N VAL A 312 17.31 -17.75 -20.17
CA VAL A 312 17.01 -17.03 -21.40
C VAL A 312 15.69 -17.54 -21.98
N THR A 313 14.87 -16.66 -22.56
CA THR A 313 13.59 -17.07 -23.13
C THR A 313 13.75 -18.02 -24.31
N LYS A 314 14.90 -17.94 -24.96
CA LYS A 314 15.20 -18.84 -26.07
C LYS A 314 16.57 -19.44 -25.79
N PRO A 315 16.64 -20.77 -25.68
CA PRO A 315 17.95 -21.37 -25.41
C PRO A 315 19.01 -20.83 -26.34
N LEU A 316 20.13 -20.41 -25.76
CA LEU A 316 21.24 -19.90 -26.55
C LEU A 316 20.80 -18.79 -27.50
N PHE A 317 19.90 -17.95 -27.02
CA PHE A 317 19.41 -16.83 -27.82
C PHE A 317 18.96 -17.24 -29.20
N GLY A 318 18.29 -18.39 -29.28
CA GLY A 318 17.77 -18.85 -30.55
C GLY A 318 18.75 -19.46 -31.52
N ALA A 319 19.99 -19.66 -31.10
CA ALA A 319 20.99 -20.26 -31.99
C ALA A 319 20.46 -21.62 -32.42
N SER A 320 20.86 -22.07 -33.60
CA SER A 320 20.41 -23.36 -34.09
C SER A 320 21.51 -24.07 -34.85
N ARG A 321 21.42 -25.40 -34.91
CA ARG A 321 22.39 -26.23 -35.61
C ARG A 321 21.61 -27.30 -36.37
N LEU A 322 20.29 -27.18 -36.30
CA LEU A 322 19.34 -28.10 -36.92
C LEU A 322 19.69 -28.45 -38.37
N LYS A 323 19.95 -27.42 -39.18
CA LYS A 323 20.31 -27.60 -40.58
C LYS A 323 21.66 -28.28 -40.75
N ASP A 324 22.55 -28.09 -39.77
CA ASP A 324 23.88 -28.65 -39.83
C ASP A 324 23.97 -30.09 -39.38
N TYR A 325 23.03 -30.51 -38.55
CA TYR A 325 23.05 -31.88 -38.07
C TYR A 325 21.69 -32.55 -38.18
N PRO A 326 21.22 -32.78 -39.42
CA PRO A 326 19.92 -33.42 -39.63
C PRO A 326 19.78 -34.80 -39.00
N GLU A 327 20.87 -35.34 -38.47
CA GLU A 327 20.84 -36.66 -37.85
C GLU A 327 20.13 -36.53 -36.52
N LEU A 328 20.08 -35.30 -36.02
CA LEU A 328 19.45 -35.03 -34.74
C LEU A 328 17.99 -34.63 -34.88
N GLY A 329 17.51 -34.57 -36.13
CA GLY A 329 16.12 -34.22 -36.34
C GLY A 329 15.93 -32.95 -37.13
N PRO A 330 14.72 -32.71 -37.66
CA PRO A 330 13.56 -33.60 -37.50
C PRO A 330 13.71 -34.85 -38.36
N ILE A 331 13.21 -35.98 -37.87
CA ILE A 331 13.31 -37.23 -38.61
C ILE A 331 12.05 -37.55 -39.42
N LYS A 332 12.20 -37.62 -40.74
CA LYS A 332 11.10 -37.90 -41.66
C LYS A 332 11.01 -39.40 -42.01
N ALA B 1 -26.29 31.17 2.25
CA ALA B 1 -25.06 31.24 1.39
C ALA B 1 -23.81 31.27 2.26
N LEU B 2 -23.94 31.83 3.44
CA LEU B 2 -22.82 31.94 4.37
C LEU B 2 -23.09 31.25 5.69
N LEU B 3 -22.06 30.63 6.24
CA LEU B 3 -22.17 29.99 7.53
C LEU B 3 -22.42 31.14 8.51
N SER B 4 -23.04 30.85 9.65
CA SER B 4 -23.34 31.91 10.61
C SER B 4 -22.08 32.67 11.04
N PHE B 5 -20.98 31.96 11.17
CA PHE B 5 -19.72 32.55 11.63
C PHE B 5 -18.73 32.85 10.53
N GLU B 6 -19.19 32.83 9.28
CA GLU B 6 -18.32 33.06 8.13
C GLU B 6 -18.10 34.51 7.72
N ARG B 7 -19.11 35.36 7.93
CA ARG B 7 -19.03 36.76 7.54
C ARG B 7 -17.67 37.43 7.80
N LYS B 8 -17.27 37.47 9.06
CA LYS B 8 -16.03 38.12 9.49
C LYS B 8 -14.72 37.65 8.86
N TYR B 9 -14.68 36.41 8.37
CA TYR B 9 -13.45 35.87 7.76
C TYR B 9 -13.32 36.18 6.28
N ARG B 10 -14.42 36.52 5.63
CA ARG B 10 -14.41 36.80 4.20
C ARG B 10 -13.79 38.13 3.82
N VAL B 11 -12.54 38.33 4.22
CA VAL B 11 -11.83 39.57 3.91
C VAL B 11 -10.99 39.42 2.66
N ARG B 12 -10.52 40.53 2.11
CA ARG B 12 -9.69 40.50 0.92
C ARG B 12 -8.25 40.22 1.30
N GLY B 13 -7.45 39.81 0.32
CA GLY B 13 -6.05 39.55 0.57
C GLY B 13 -5.66 38.11 0.80
N GLY B 14 -4.36 37.84 0.71
CA GLY B 14 -3.84 36.51 0.93
C GLY B 14 -3.50 35.81 -0.38
N THR B 15 -3.80 36.47 -1.50
CA THR B 15 -3.55 35.91 -2.83
C THR B 15 -2.06 35.78 -3.15
N LEU B 16 -1.76 35.00 -4.18
CA LEU B 16 -0.37 34.78 -4.61
C LEU B 16 -0.07 35.56 -5.88
N ILE B 17 -1.08 35.69 -6.73
CA ILE B 17 -0.95 36.47 -7.98
C ILE B 17 -2.35 36.98 -8.31
N GLY B 18 -2.41 38.12 -8.98
CA GLY B 18 -3.69 38.68 -9.34
C GLY B 18 -4.29 39.70 -8.38
N GLY B 19 -3.92 39.62 -7.12
CA GLY B 19 -4.46 40.56 -6.14
C GLY B 19 -5.98 40.54 -6.15
N ASP B 20 -6.59 41.70 -5.95
CA ASP B 20 -8.05 41.81 -5.92
C ASP B 20 -8.76 41.20 -7.11
N LEU B 21 -8.09 41.14 -8.25
CA LEU B 21 -8.68 40.63 -9.49
C LEU B 21 -9.55 39.38 -9.36
N PHE B 22 -9.00 38.30 -8.82
CA PHE B 22 -9.76 37.07 -8.67
C PHE B 22 -10.03 36.76 -7.19
N ASP B 23 -9.80 37.75 -6.34
CA ASP B 23 -10.03 37.55 -4.92
C ASP B 23 -11.50 37.73 -4.58
N PHE B 24 -12.26 36.66 -4.76
CA PHE B 24 -13.69 36.66 -4.46
C PHE B 24 -14.22 35.24 -4.47
N TRP B 25 -15.47 35.09 -4.02
CA TRP B 25 -16.12 33.80 -3.96
C TRP B 25 -17.24 33.68 -4.99
N VAL B 26 -17.66 32.44 -5.22
CA VAL B 26 -18.76 32.10 -6.10
C VAL B 26 -19.40 30.99 -5.29
N GLY B 27 -20.45 31.33 -4.56
CA GLY B 27 -21.07 30.33 -3.73
C GLY B 27 -20.10 30.15 -2.58
N PRO B 28 -19.86 28.92 -2.15
CA PRO B 28 -18.92 28.76 -1.03
C PRO B 28 -17.48 28.67 -1.52
N TYR B 29 -17.31 28.53 -2.83
CA TYR B 29 -15.99 28.39 -3.42
C TYR B 29 -15.15 29.65 -3.52
N PHE B 30 -13.95 29.63 -2.94
CA PHE B 30 -13.07 30.78 -3.06
C PHE B 30 -12.49 30.59 -4.44
N VAL B 31 -12.40 31.67 -5.22
CA VAL B 31 -11.86 31.53 -6.56
C VAL B 31 -10.36 31.68 -6.63
N GLY B 32 -9.89 32.92 -6.63
CA GLY B 32 -8.47 33.17 -6.72
C GLY B 32 -8.00 32.85 -8.12
N PHE B 33 -6.81 33.34 -8.48
CA PHE B 33 -6.28 33.07 -9.81
C PHE B 33 -6.18 31.56 -10.09
N PHE B 34 -5.67 30.83 -9.09
CA PHE B 34 -5.49 29.39 -9.21
C PHE B 34 -6.79 28.62 -9.27
N GLY B 35 -7.84 29.18 -8.71
CA GLY B 35 -9.13 28.53 -8.78
C GLY B 35 -9.49 28.62 -10.26
N VAL B 36 -9.21 29.78 -10.85
CA VAL B 36 -9.50 29.99 -12.25
C VAL B 36 -8.71 28.99 -13.10
N SER B 37 -7.38 29.00 -12.96
CA SER B 37 -6.57 28.08 -13.75
C SER B 37 -7.00 26.62 -13.51
N ALA B 38 -7.48 26.33 -12.31
CA ALA B 38 -7.93 24.96 -12.03
C ALA B 38 -9.09 24.65 -12.98
N ILE B 39 -10.10 25.51 -12.95
CA ILE B 39 -11.27 25.34 -13.82
C ILE B 39 -10.81 25.18 -15.27
N PHE B 40 -9.93 26.07 -15.70
CA PHE B 40 -9.42 26.01 -17.06
C PHE B 40 -8.93 24.59 -17.36
N PHE B 41 -7.99 24.13 -16.55
CA PHE B 41 -7.41 22.80 -16.71
C PHE B 41 -8.43 21.68 -16.54
N ILE B 42 -9.37 21.84 -15.61
CA ILE B 42 -10.36 20.81 -15.42
C ILE B 42 -11.19 20.75 -16.69
N PHE B 43 -11.52 21.92 -17.20
CA PHE B 43 -12.30 22.01 -18.42
C PHE B 43 -11.56 21.27 -19.52
N LEU B 44 -10.39 21.79 -19.89
CA LEU B 44 -9.54 21.18 -20.91
C LEU B 44 -9.44 19.67 -20.74
N GLY B 45 -9.15 19.24 -19.51
CA GLY B 45 -9.00 17.83 -19.20
C GLY B 45 -10.23 16.98 -19.46
N VAL B 46 -11.37 17.40 -18.92
CA VAL B 46 -12.60 16.64 -19.11
C VAL B 46 -12.99 16.60 -20.58
N SER B 47 -12.84 17.74 -21.25
CA SER B 47 -13.14 17.80 -22.68
C SER B 47 -12.36 16.70 -23.39
N LEU B 48 -11.04 16.78 -23.31
CA LEU B 48 -10.18 15.80 -23.93
C LEU B 48 -10.60 14.37 -23.59
N ILE B 49 -11.05 14.13 -22.36
CA ILE B 49 -11.48 12.81 -21.98
C ILE B 49 -12.73 12.39 -22.73
N GLY B 50 -13.60 13.35 -23.01
CA GLY B 50 -14.83 13.06 -23.72
C GLY B 50 -14.60 12.76 -25.19
N TYR B 51 -13.80 13.60 -25.85
CA TYR B 51 -13.51 13.40 -27.25
C TYR B 51 -12.80 12.05 -27.39
N ALA B 52 -11.73 11.88 -26.63
CA ALA B 52 -10.98 10.64 -26.67
C ALA B 52 -11.91 9.46 -26.46
N ALA B 53 -12.70 9.52 -25.40
CA ALA B 53 -13.63 8.45 -25.09
C ALA B 53 -14.51 8.12 -26.29
N SER B 54 -15.07 9.17 -26.89
CA SER B 54 -15.96 9.04 -28.06
C SER B 54 -15.29 8.35 -29.23
N GLN B 55 -14.02 8.63 -29.43
CA GLN B 55 -13.26 8.02 -30.51
C GLN B 55 -12.96 6.58 -30.12
N GLY B 56 -13.35 6.21 -28.91
CA GLY B 56 -13.11 4.87 -28.41
C GLY B 56 -14.28 3.93 -28.62
N PRO B 57 -14.16 2.68 -28.16
CA PRO B 57 -15.24 1.71 -28.32
C PRO B 57 -16.49 1.98 -27.49
N THR B 58 -16.52 1.45 -26.27
CA THR B 58 -17.68 1.62 -25.39
C THR B 58 -17.78 2.96 -24.68
N TRP B 59 -18.89 3.13 -23.96
CA TRP B 59 -19.15 4.33 -23.18
C TRP B 59 -19.36 3.93 -21.72
N ASP B 60 -19.32 2.62 -21.46
CA ASP B 60 -19.47 2.12 -20.11
C ASP B 60 -18.30 2.71 -19.32
N PRO B 61 -18.60 3.47 -18.26
CA PRO B 61 -17.54 4.07 -17.44
C PRO B 61 -16.46 3.11 -16.95
N PHE B 62 -16.87 1.90 -16.55
CA PHE B 62 -15.92 0.90 -16.06
C PHE B 62 -15.00 0.38 -17.15
N ALA B 63 -15.45 0.44 -18.40
CA ALA B 63 -14.66 -0.06 -19.51
C ALA B 63 -13.94 0.99 -20.35
N ILE B 64 -14.26 2.26 -20.16
CA ILE B 64 -13.59 3.33 -20.91
C ILE B 64 -12.14 3.37 -20.50
N SER B 65 -11.26 3.69 -21.44
CA SER B 65 -9.85 3.73 -21.14
C SER B 65 -9.00 4.55 -22.10
N ILE B 66 -8.35 5.59 -21.60
CA ILE B 66 -7.47 6.43 -22.40
C ILE B 66 -6.05 5.98 -22.07
N ASN B 67 -5.36 5.36 -23.02
CA ASN B 67 -4.02 4.84 -22.74
C ASN B 67 -2.83 5.60 -23.30
N PRO B 68 -1.68 5.47 -22.63
CA PRO B 68 -0.48 6.16 -23.13
C PRO B 68 -0.06 5.48 -24.43
N PRO B 69 1.01 5.98 -25.06
CA PRO B 69 1.47 5.37 -26.31
C PRO B 69 2.30 4.10 -26.14
N ASP B 70 2.51 3.39 -27.25
CA ASP B 70 3.35 2.19 -27.21
C ASP B 70 4.72 2.67 -26.76
N LEU B 71 5.55 1.75 -26.27
CA LEU B 71 6.87 2.14 -25.83
C LEU B 71 7.70 2.71 -26.98
N LYS B 72 7.48 2.22 -28.19
CA LYS B 72 8.25 2.67 -29.34
C LYS B 72 8.23 4.17 -29.59
N TYR B 73 7.23 4.86 -29.06
CA TYR B 73 7.14 6.31 -29.25
C TYR B 73 8.03 7.05 -28.27
N GLY B 74 8.75 6.29 -27.44
CA GLY B 74 9.65 6.87 -26.46
C GLY B 74 9.09 8.04 -25.67
N LEU B 75 9.84 9.13 -25.63
CA LEU B 75 9.40 10.30 -24.87
C LEU B 75 8.83 11.38 -25.79
N GLY B 76 8.68 11.06 -27.06
CA GLY B 76 8.14 12.04 -27.98
C GLY B 76 6.63 12.04 -27.96
N ALA B 77 6.03 12.97 -28.71
CA ALA B 77 4.58 13.06 -28.78
C ALA B 77 4.04 11.92 -29.65
N ALA B 78 2.83 11.48 -29.35
CA ALA B 78 2.22 10.40 -30.11
C ALA B 78 0.91 10.89 -30.68
N PRO B 79 0.46 10.28 -31.78
CA PRO B 79 -0.80 10.70 -32.37
C PRO B 79 -1.94 10.58 -31.36
N LEU B 80 -2.75 11.63 -31.26
CA LEU B 80 -3.88 11.67 -30.33
C LEU B 80 -4.56 10.36 -29.97
N LEU B 81 -5.02 9.64 -30.97
CA LEU B 81 -5.72 8.38 -30.73
C LEU B 81 -4.86 7.29 -30.13
N GLU B 82 -3.53 7.43 -30.27
CA GLU B 82 -2.61 6.43 -29.76
C GLU B 82 -1.66 6.90 -28.66
N GLY B 83 -2.13 7.78 -27.78
CA GLY B 83 -1.26 8.26 -26.73
C GLY B 83 -1.29 9.76 -26.51
N GLY B 84 -1.44 10.51 -27.60
CA GLY B 84 -1.50 11.95 -27.49
C GLY B 84 -2.57 12.42 -26.54
N PHE B 85 -3.74 11.81 -26.60
CA PHE B 85 -4.82 12.21 -25.71
C PHE B 85 -4.37 12.01 -24.27
N TRP B 86 -3.72 10.87 -24.03
CA TRP B 86 -3.23 10.55 -22.70
C TRP B 86 -2.23 11.63 -22.29
N GLN B 87 -1.33 11.97 -23.20
CA GLN B 87 -0.34 12.99 -22.91
C GLN B 87 -1.02 14.30 -22.55
N ALA B 88 -1.92 14.77 -23.40
CA ALA B 88 -2.62 16.01 -23.14
C ALA B 88 -3.33 15.97 -21.78
N ILE B 89 -4.13 14.95 -21.56
CA ILE B 89 -4.86 14.84 -20.30
C ILE B 89 -3.93 14.86 -19.08
N THR B 90 -2.80 14.17 -19.18
CA THR B 90 -1.84 14.13 -18.08
C THR B 90 -1.39 15.55 -17.73
N VAL B 91 -0.98 16.31 -18.74
CA VAL B 91 -0.57 17.68 -18.52
C VAL B 91 -1.70 18.45 -17.87
N CYS B 92 -2.92 18.21 -18.33
CA CYS B 92 -4.07 18.91 -17.75
C CYS B 92 -4.26 18.51 -16.30
N ALA B 93 -4.13 17.22 -16.03
CA ALA B 93 -4.28 16.75 -14.65
C ALA B 93 -3.30 17.54 -13.79
N LEU B 94 -2.04 17.58 -14.21
CA LEU B 94 -0.99 18.30 -13.49
C LEU B 94 -1.35 19.77 -13.27
N GLY B 95 -1.74 20.44 -14.34
CA GLY B 95 -2.12 21.84 -14.21
C GLY B 95 -3.23 21.97 -13.19
N ALA B 96 -4.17 21.02 -13.21
CA ALA B 96 -5.30 21.03 -12.29
C ALA B 96 -4.89 20.77 -10.86
N PHE B 97 -4.03 19.77 -10.66
CA PHE B 97 -3.56 19.41 -9.31
C PHE B 97 -2.76 20.54 -8.67
N ILE B 98 -1.75 21.02 -9.39
CA ILE B 98 -0.93 22.12 -8.90
C ILE B 98 -1.83 23.34 -8.64
N SER B 99 -2.66 23.68 -9.61
CA SER B 99 -3.54 24.82 -9.43
C SER B 99 -4.37 24.63 -8.18
N TRP B 100 -4.86 23.42 -7.98
CA TRP B 100 -5.68 23.14 -6.82
C TRP B 100 -4.92 23.39 -5.54
N MET B 101 -3.65 22.97 -5.52
CA MET B 101 -2.79 23.13 -4.35
C MET B 101 -2.50 24.60 -4.06
N LEU B 102 -1.96 25.32 -5.04
CA LEU B 102 -1.65 26.73 -4.85
C LEU B 102 -2.89 27.51 -4.42
N ARG B 103 -4.07 27.05 -4.85
CA ARG B 103 -5.31 27.69 -4.49
C ARG B 103 -5.55 27.51 -2.99
N GLU B 104 -5.15 26.35 -2.47
CA GLU B 104 -5.32 26.08 -1.03
C GLU B 104 -4.39 27.00 -0.25
N VAL B 105 -3.27 27.36 -0.87
CA VAL B 105 -2.32 28.26 -0.23
C VAL B 105 -2.99 29.60 -0.02
N GLU B 106 -3.56 30.17 -1.10
CA GLU B 106 -4.24 31.46 -1.01
C GLU B 106 -5.31 31.41 0.07
N ILE B 107 -6.13 30.36 0.04
CA ILE B 107 -7.20 30.21 1.02
C ILE B 107 -6.59 30.16 2.42
N SER B 108 -5.45 29.49 2.57
CA SER B 108 -4.80 29.42 3.88
C SER B 108 -4.34 30.79 4.35
N ARG B 109 -3.72 31.55 3.45
CA ARG B 109 -3.25 32.88 3.80
C ARG B 109 -4.41 33.76 4.25
N LYS B 110 -5.46 33.82 3.43
CA LYS B 110 -6.61 34.64 3.77
C LYS B 110 -7.12 34.31 5.17
N LEU B 111 -7.11 33.04 5.52
CA LEU B 111 -7.59 32.64 6.84
C LEU B 111 -6.55 32.77 7.95
N GLY B 112 -5.32 33.14 7.58
CA GLY B 112 -4.26 33.29 8.56
C GLY B 112 -3.92 32.00 9.28
N ILE B 113 -3.93 30.89 8.54
CA ILE B 113 -3.59 29.59 9.13
C ILE B 113 -2.42 28.99 8.38
N GLY B 114 -1.91 27.87 8.90
CA GLY B 114 -0.78 27.23 8.27
C GLY B 114 -1.04 26.62 6.91
N TRP B 115 0.01 26.54 6.10
CA TRP B 115 -0.08 25.98 4.75
C TRP B 115 0.12 24.46 4.85
N HIS B 116 -0.12 23.89 6.02
CA HIS B 116 0.06 22.46 6.19
C HIS B 116 -0.75 21.64 5.19
N VAL B 117 -2.02 21.96 5.02
CA VAL B 117 -2.86 21.21 4.11
C VAL B 117 -2.31 21.13 2.69
N PRO B 118 -2.10 22.28 2.03
CA PRO B 118 -1.57 22.23 0.67
C PRO B 118 -0.23 21.52 0.59
N LEU B 119 0.54 21.58 1.67
CA LEU B 119 1.82 20.92 1.71
C LEU B 119 1.58 19.43 1.72
N ALA B 120 0.65 19.01 2.55
CA ALA B 120 0.28 17.60 2.66
C ALA B 120 -0.25 17.11 1.30
N PHE B 121 -0.95 18.00 0.59
CA PHE B 121 -1.52 17.69 -0.70
C PHE B 121 -0.44 17.52 -1.79
N CYS B 122 0.78 17.97 -1.52
CA CYS B 122 1.87 17.83 -2.49
C CYS B 122 2.30 16.37 -2.60
N VAL B 123 2.23 15.63 -1.49
CA VAL B 123 2.63 14.25 -1.51
C VAL B 123 1.93 13.48 -2.61
N PRO B 124 0.58 13.47 -2.61
CA PRO B 124 -0.16 12.76 -3.65
C PRO B 124 0.18 13.29 -5.04
N ILE B 125 0.32 14.60 -5.18
CA ILE B 125 0.69 15.16 -6.47
C ILE B 125 2.06 14.58 -6.86
N PHE B 126 2.95 14.52 -5.87
CA PHE B 126 4.31 14.01 -6.07
C PHE B 126 4.30 12.56 -6.55
N MET B 127 3.45 11.73 -5.92
CA MET B 127 3.36 10.32 -6.27
C MET B 127 2.79 10.18 -7.69
N PHE B 128 1.84 11.05 -8.03
CA PHE B 128 1.26 11.05 -9.36
C PHE B 128 2.40 11.26 -10.33
N CYS B 129 3.23 12.25 -10.05
CA CYS B 129 4.37 12.54 -10.91
C CYS B 129 5.35 11.38 -10.99
N VAL B 130 5.52 10.68 -9.87
CA VAL B 130 6.43 9.56 -9.86
C VAL B 130 5.98 8.51 -10.87
N LEU B 131 4.70 8.14 -10.76
CA LEU B 131 4.13 7.12 -11.62
C LEU B 131 4.05 7.53 -13.10
N GLN B 132 3.51 8.72 -13.34
CA GLN B 132 3.31 9.18 -14.70
C GLN B 132 4.48 9.86 -15.38
N VAL B 133 5.26 10.62 -14.62
CA VAL B 133 6.37 11.37 -15.21
C VAL B 133 7.78 10.85 -14.99
N PHE B 134 8.18 10.79 -13.73
CA PHE B 134 9.53 10.36 -13.36
C PHE B 134 9.93 8.94 -13.76
N ARG B 135 9.17 7.93 -13.32
CA ARG B 135 9.55 6.57 -13.70
C ARG B 135 9.52 6.46 -15.23
N PRO B 136 8.49 7.04 -15.87
CA PRO B 136 8.47 6.94 -17.34
C PRO B 136 9.72 7.61 -17.94
N LEU B 137 10.15 8.73 -17.36
CA LEU B 137 11.36 9.39 -17.85
C LEU B 137 12.55 8.44 -17.69
N LEU B 138 12.74 7.92 -16.49
CA LEU B 138 13.87 7.03 -16.23
C LEU B 138 13.88 5.80 -17.12
N LEU B 139 12.70 5.28 -17.46
CA LEU B 139 12.65 4.10 -18.32
C LEU B 139 12.70 4.49 -19.79
N GLY B 140 12.58 5.79 -20.05
CA GLY B 140 12.66 6.29 -21.41
C GLY B 140 11.45 6.24 -22.32
N SER B 141 10.25 6.21 -21.75
CA SER B 141 9.05 6.15 -22.59
C SER B 141 7.76 6.40 -21.81
N TRP B 142 6.88 7.24 -22.35
CA TRP B 142 5.61 7.50 -21.67
C TRP B 142 4.76 6.25 -21.60
N GLY B 143 5.07 5.29 -22.47
CA GLY B 143 4.32 4.04 -22.52
C GLY B 143 4.28 3.30 -21.19
N HIS B 144 5.17 3.66 -20.28
CA HIS B 144 5.22 3.00 -18.99
C HIS B 144 4.24 3.57 -17.98
N ALA B 145 3.63 4.70 -18.30
CA ALA B 145 2.66 5.31 -17.38
C ALA B 145 1.38 4.46 -17.30
N PHE B 146 0.46 4.86 -16.44
CA PHE B 146 -0.77 4.10 -16.31
C PHE B 146 -1.87 4.79 -17.08
N PRO B 147 -2.80 3.99 -17.62
CA PRO B 147 -3.93 4.46 -18.40
C PRO B 147 -5.00 5.06 -17.52
N TYR B 148 -5.71 6.05 -18.05
CA TYR B 148 -6.78 6.68 -17.29
C TYR B 148 -8.06 5.90 -17.55
N GLY B 149 -8.37 5.01 -16.62
CA GLY B 149 -9.54 4.19 -16.72
C GLY B 149 -9.84 3.56 -15.37
N ILE B 150 -11.11 3.64 -14.97
CA ILE B 150 -11.55 3.11 -13.71
C ILE B 150 -11.07 1.70 -13.41
N LEU B 151 -11.13 0.80 -14.40
CA LEU B 151 -10.66 -0.56 -14.17
C LEU B 151 -9.36 -0.77 -14.91
N SER B 152 -9.24 -0.02 -16.01
CA SER B 152 -8.07 -0.04 -16.85
C SER B 152 -6.82 0.07 -15.97
N HIS B 153 -6.77 1.13 -15.17
CA HIS B 153 -5.61 1.37 -14.33
C HIS B 153 -5.31 0.28 -13.32
N LEU B 154 -6.33 -0.46 -12.90
CA LEU B 154 -6.09 -1.56 -11.96
C LEU B 154 -5.30 -2.60 -12.71
N ASP B 155 -5.61 -2.75 -13.99
CA ASP B 155 -4.94 -3.73 -14.82
C ASP B 155 -3.48 -3.40 -14.96
N TRP B 156 -3.19 -2.12 -15.19
CA TRP B 156 -1.82 -1.66 -15.32
C TRP B 156 -1.08 -1.93 -14.01
N VAL B 157 -1.70 -1.58 -12.89
CA VAL B 157 -1.09 -1.84 -11.60
C VAL B 157 -0.77 -3.32 -11.51
N ASN B 158 -1.79 -4.14 -11.78
CA ASN B 158 -1.67 -5.58 -11.72
C ASN B 158 -0.48 -6.15 -12.50
N ASN B 159 -0.37 -5.81 -13.77
CA ASN B 159 0.73 -6.31 -14.59
C ASN B 159 2.07 -5.76 -14.13
N PHE B 160 2.07 -4.49 -13.71
CA PHE B 160 3.27 -3.82 -13.24
C PHE B 160 3.84 -4.65 -12.10
N GLY B 161 3.03 -4.90 -11.09
CA GLY B 161 3.48 -5.68 -9.98
C GLY B 161 4.06 -6.98 -10.48
N TYR B 162 3.29 -7.68 -11.31
CA TYR B 162 3.74 -8.97 -11.82
C TYR B 162 4.96 -8.98 -12.71
N GLN B 163 5.42 -7.81 -13.13
CA GLN B 163 6.61 -7.76 -13.95
C GLN B 163 7.80 -8.10 -13.07
N TYR B 164 7.54 -8.11 -11.76
CA TYR B 164 8.57 -8.42 -10.80
C TYR B 164 8.19 -9.64 -9.97
N LEU B 165 7.60 -10.61 -10.65
CA LEU B 165 7.17 -11.88 -10.07
C LEU B 165 6.27 -11.77 -8.84
N ASN B 166 6.67 -10.94 -7.87
CA ASN B 166 5.86 -10.75 -6.67
C ASN B 166 6.21 -9.44 -6.01
N TRP B 167 5.51 -8.42 -6.44
CA TRP B 167 5.67 -7.07 -5.98
C TRP B 167 5.53 -6.94 -4.47
N HIS B 168 4.93 -7.92 -3.82
CA HIS B 168 4.75 -7.83 -2.39
C HIS B 168 6.09 -7.78 -1.65
N TYR B 169 7.09 -8.40 -2.26
CA TYR B 169 8.42 -8.46 -1.70
C TYR B 169 9.20 -7.16 -1.86
N ASN B 170 8.64 -6.22 -2.61
CA ASN B 170 9.32 -4.94 -2.82
C ASN B 170 9.38 -4.25 -1.45
N PRO B 171 10.60 -3.90 -0.99
CA PRO B 171 10.79 -3.22 0.30
C PRO B 171 10.11 -1.86 0.39
N GLY B 172 10.06 -1.14 -0.73
CA GLY B 172 9.40 0.15 -0.72
C GLY B 172 7.90 -0.06 -0.59
N HIS B 173 7.43 -1.15 -1.20
CA HIS B 173 6.03 -1.50 -1.15
C HIS B 173 5.71 -1.90 0.29
N MET B 174 6.48 -2.82 0.85
CA MET B 174 6.26 -3.26 2.23
C MET B 174 6.14 -2.06 3.17
N SER B 175 7.07 -1.13 3.01
CA SER B 175 7.07 0.07 3.81
C SER B 175 5.73 0.76 3.64
N SER B 176 5.41 1.08 2.40
CA SER B 176 4.17 1.77 2.03
C SER B 176 2.88 1.09 2.53
N VAL B 177 2.74 -0.20 2.25
CA VAL B 177 1.56 -0.91 2.69
C VAL B 177 1.41 -0.74 4.19
N SER B 178 2.53 -0.88 4.89
CA SER B 178 2.55 -0.76 6.33
C SER B 178 1.97 0.56 6.77
N PHE B 179 2.40 1.64 6.13
CA PHE B 179 1.88 2.95 6.48
C PHE B 179 0.39 3.10 6.14
N LEU B 180 -0.05 2.47 5.05
CA LEU B 180 -1.45 2.54 4.67
C LEU B 180 -2.26 1.92 5.81
N PHE B 181 -1.84 0.73 6.23
CA PHE B 181 -2.54 0.06 7.32
C PHE B 181 -2.46 0.83 8.64
N VAL B 182 -1.26 1.21 9.07
CA VAL B 182 -1.15 1.92 10.34
C VAL B 182 -1.98 3.19 10.29
N ASN B 183 -1.87 3.92 9.20
CA ASN B 183 -2.61 5.16 9.10
C ASN B 183 -4.10 4.87 9.22
N ALA B 184 -4.59 3.88 8.48
CA ALA B 184 -5.99 3.53 8.53
C ALA B 184 -6.43 3.23 9.97
N MET B 185 -5.61 2.48 10.69
CA MET B 185 -5.91 2.14 12.08
C MET B 185 -5.89 3.36 12.98
N ALA B 186 -4.86 4.19 12.82
CA ALA B 186 -4.72 5.38 13.63
C ALA B 186 -5.94 6.27 13.52
N LEU B 187 -6.38 6.51 12.29
CA LEU B 187 -7.56 7.36 12.04
C LEU B 187 -8.78 6.76 12.73
N GLY B 188 -8.84 5.44 12.77
CA GLY B 188 -9.94 4.78 13.42
C GLY B 188 -9.81 5.02 14.91
N LEU B 189 -8.61 4.81 15.44
CA LEU B 189 -8.36 5.03 16.88
C LEU B 189 -8.54 6.50 17.24
N HIS B 190 -8.04 7.41 16.40
CA HIS B 190 -8.18 8.82 16.71
C HIS B 190 -9.63 9.27 16.68
N GLY B 191 -10.28 9.06 15.55
CA GLY B 191 -11.68 9.44 15.41
C GLY B 191 -12.47 8.76 16.51
N GLY B 192 -12.19 7.47 16.72
CA GLY B 192 -12.89 6.76 17.75
C GLY B 192 -12.73 7.42 19.11
N LEU B 193 -11.49 7.74 19.47
CA LEU B 193 -11.21 8.37 20.75
C LEU B 193 -11.98 9.66 20.96
N ILE B 194 -11.86 10.58 20.01
CA ILE B 194 -12.55 11.86 20.12
C ILE B 194 -14.03 11.68 20.38
N LEU B 195 -14.67 10.83 19.56
CA LEU B 195 -16.08 10.55 19.70
C LEU B 195 -16.39 9.91 21.02
N SER B 196 -15.51 9.02 21.47
CA SER B 196 -15.70 8.33 22.74
C SER B 196 -15.70 9.30 23.92
N VAL B 197 -14.97 10.40 23.75
CA VAL B 197 -14.88 11.41 24.79
C VAL B 197 -16.06 12.36 24.78
N ALA B 198 -16.41 12.89 23.60
CA ALA B 198 -17.53 13.83 23.52
C ALA B 198 -18.89 13.15 23.49
N ASN B 199 -18.90 11.85 23.25
CA ASN B 199 -20.14 11.10 23.17
C ASN B 199 -20.06 9.84 24.01
N PRO B 200 -20.03 10.01 25.34
CA PRO B 200 -19.94 8.90 26.30
C PRO B 200 -21.18 8.04 26.40
N GLY B 201 -22.30 8.54 25.88
CA GLY B 201 -23.54 7.77 25.93
C GLY B 201 -24.36 8.15 27.15
N ASP B 202 -25.63 7.77 27.15
CA ASP B 202 -26.54 8.08 28.26
C ASP B 202 -26.46 9.57 28.61
N GLY B 203 -26.65 9.89 29.88
CA GLY B 203 -26.60 11.28 30.28
C GLY B 203 -25.20 11.70 30.73
N ASP B 204 -24.23 10.81 30.55
CA ASP B 204 -22.85 11.06 30.95
C ASP B 204 -22.24 12.36 30.48
N LYS B 205 -21.38 12.92 31.32
CA LYS B 205 -20.71 14.19 31.04
C LYS B 205 -19.63 14.05 29.97
N VAL B 206 -19.48 15.10 29.17
CA VAL B 206 -18.44 15.11 28.14
C VAL B 206 -17.13 15.01 28.92
N LYS B 207 -16.22 14.14 28.49
CA LYS B 207 -14.98 13.98 29.20
C LYS B 207 -13.87 14.99 28.92
N THR B 208 -12.66 14.62 29.30
CA THR B 208 -11.52 15.53 29.18
C THR B 208 -10.27 14.98 28.53
N ALA B 209 -9.32 15.88 28.30
CA ALA B 209 -8.02 15.54 27.73
C ALA B 209 -7.37 14.51 28.66
N GLU B 210 -7.53 14.70 29.96
CA GLU B 210 -6.98 13.78 30.94
C GLU B 210 -7.50 12.39 30.61
N HIS B 211 -8.80 12.29 30.35
CA HIS B 211 -9.40 11.00 30.03
C HIS B 211 -8.84 10.44 28.74
N GLU B 212 -8.56 11.33 27.78
CA GLU B 212 -8.01 10.87 26.52
C GLU B 212 -6.74 10.12 26.84
N ASN B 213 -5.76 10.85 27.37
CA ASN B 213 -4.48 10.28 27.72
C ASN B 213 -4.60 9.07 28.63
N GLN B 214 -5.46 9.14 29.63
CA GLN B 214 -5.61 8.01 30.53
C GLN B 214 -6.01 6.74 29.78
N TYR B 215 -6.85 6.89 28.77
CA TYR B 215 -7.32 5.75 28.01
C TYR B 215 -6.20 4.94 27.37
N PHE B 216 -5.37 5.61 26.58
CA PHE B 216 -4.30 4.90 25.90
C PHE B 216 -3.15 4.44 26.78
N ARG B 217 -2.89 5.18 27.85
CA ARG B 217 -1.85 4.75 28.78
C ARG B 217 -2.37 3.46 29.39
N ASP B 218 -3.64 3.47 29.78
CA ASP B 218 -4.23 2.27 30.36
C ASP B 218 -4.18 1.08 29.40
N VAL B 219 -4.47 1.33 28.12
CA VAL B 219 -4.50 0.25 27.14
C VAL B 219 -3.14 -0.19 26.62
N VAL B 220 -2.37 0.73 26.08
CA VAL B 220 -1.07 0.37 25.54
C VAL B 220 0.10 1.02 26.29
N GLY B 221 -0.17 1.56 27.47
CA GLY B 221 0.86 2.17 28.28
C GLY B 221 1.54 3.39 27.73
N TYR B 222 0.85 4.14 26.89
CA TYR B 222 1.44 5.36 26.34
C TYR B 222 0.37 6.15 25.61
N SER B 223 0.56 7.46 25.53
CA SER B 223 -0.38 8.34 24.87
C SER B 223 0.38 9.50 24.24
N ILE B 224 0.47 9.49 22.93
CA ILE B 224 1.20 10.52 22.20
C ILE B 224 0.66 11.93 22.41
N GLY B 225 -0.59 12.04 22.84
CA GLY B 225 -1.18 13.35 23.08
C GLY B 225 -1.95 13.97 21.92
N ALA B 226 -2.82 14.92 22.26
CA ALA B 226 -3.66 15.61 21.28
C ALA B 226 -2.96 16.12 20.02
N LEU B 227 -2.25 17.25 20.11
CA LEU B 227 -1.58 17.79 18.94
C LEU B 227 -0.69 16.79 18.24
N SER B 228 -0.02 15.95 19.02
CA SER B 228 0.90 14.99 18.41
C SER B 228 0.27 13.95 17.50
N ILE B 229 -0.88 13.41 17.89
CA ILE B 229 -1.55 12.42 17.05
C ILE B 229 -1.89 13.02 15.69
N HIS B 230 -2.15 14.31 15.66
CA HIS B 230 -2.46 14.94 14.40
C HIS B 230 -1.22 15.02 13.56
N ARG B 231 -0.09 15.31 14.20
CA ARG B 231 1.18 15.36 13.47
C ARG B 231 1.53 13.94 13.02
N LEU B 232 1.31 12.98 13.90
CA LEU B 232 1.59 11.58 13.56
C LEU B 232 0.73 11.16 12.36
N GLY B 233 -0.54 11.56 12.39
CA GLY B 233 -1.48 11.26 11.31
C GLY B 233 -0.92 11.76 9.99
N LEU B 234 -0.66 13.06 9.91
CA LEU B 234 -0.11 13.62 8.69
C LEU B 234 1.17 12.86 8.31
N PHE B 235 1.93 12.47 9.31
CA PHE B 235 3.18 11.76 9.05
C PHE B 235 2.91 10.39 8.47
N LEU B 236 2.15 9.59 9.19
CA LEU B 236 1.81 8.25 8.76
C LEU B 236 1.24 8.30 7.35
N ALA B 237 0.24 9.16 7.14
CA ALA B 237 -0.39 9.31 5.83
C ALA B 237 0.61 9.62 4.73
N SER B 238 1.32 10.73 4.87
CA SER B 238 2.31 11.14 3.87
C SER B 238 3.35 10.07 3.54
N ASN B 239 3.68 9.22 4.51
CA ASN B 239 4.69 8.21 4.27
C ASN B 239 4.25 7.03 3.44
N ILE B 240 2.97 6.99 3.10
CA ILE B 240 2.46 5.91 2.25
C ILE B 240 3.10 6.10 0.88
N PHE B 241 3.06 7.33 0.38
CA PHE B 241 3.67 7.61 -0.92
C PHE B 241 5.15 7.98 -0.81
N LEU B 242 5.52 8.75 0.22
CA LEU B 242 6.93 9.12 0.36
C LEU B 242 7.85 7.90 0.36
N THR B 243 7.52 6.86 1.12
CA THR B 243 8.38 5.70 1.12
C THR B 243 8.08 4.83 -0.09
N GLY B 244 6.78 4.75 -0.44
CA GLY B 244 6.37 3.93 -1.57
C GLY B 244 6.97 4.39 -2.89
N ALA B 245 7.17 5.70 -3.01
CA ALA B 245 7.73 6.29 -4.22
C ALA B 245 9.08 5.65 -4.55
N PHE B 246 9.79 5.22 -3.51
CA PHE B 246 11.08 4.60 -3.70
C PHE B 246 10.95 3.21 -4.27
N GLY B 247 9.91 2.49 -3.84
CA GLY B 247 9.68 1.14 -4.34
C GLY B 247 9.25 1.16 -5.81
N THR B 248 8.49 2.18 -6.16
CA THR B 248 8.01 2.37 -7.52
C THR B 248 9.16 2.70 -8.45
N ILE B 249 9.89 3.76 -8.11
CA ILE B 249 11.02 4.20 -8.92
C ILE B 249 12.12 3.14 -9.02
N ALA B 250 12.34 2.41 -7.94
CA ALA B 250 13.35 1.39 -7.95
C ALA B 250 13.01 0.35 -9.01
N SER B 251 11.72 0.02 -9.13
CA SER B 251 11.29 -1.01 -10.09
C SER B 251 11.46 -0.64 -11.56
N GLY B 252 12.44 -1.29 -12.19
CA GLY B 252 12.72 -1.01 -13.57
C GLY B 252 14.03 -0.26 -13.72
N PRO B 253 14.07 1.02 -13.36
CA PRO B 253 15.31 1.81 -13.48
C PRO B 253 16.48 1.32 -12.62
N PHE B 254 16.19 0.81 -11.43
CA PHE B 254 17.24 0.36 -10.51
C PHE B 254 17.11 -1.09 -10.10
N TRP B 255 16.25 -1.84 -10.76
CA TRP B 255 16.06 -3.26 -10.43
C TRP B 255 15.19 -3.89 -11.51
N THR B 256 15.71 -4.96 -12.11
CA THR B 256 14.99 -5.62 -13.18
C THR B 256 14.68 -7.08 -12.92
N ARG B 257 15.06 -7.57 -11.74
CA ARG B 257 14.79 -8.95 -11.41
C ARG B 257 13.50 -8.93 -10.60
N GLY B 258 13.08 -10.08 -10.10
CA GLY B 258 11.88 -10.08 -9.28
C GLY B 258 12.23 -9.49 -7.93
N TRP B 259 11.25 -9.02 -7.19
CA TRP B 259 11.54 -8.46 -5.88
C TRP B 259 11.88 -9.50 -4.82
N PRO B 260 11.36 -10.72 -4.94
CA PRO B 260 11.77 -11.63 -3.88
C PRO B 260 13.28 -11.90 -3.94
N GLU B 261 13.82 -11.94 -5.16
CA GLU B 261 15.25 -12.19 -5.32
C GLU B 261 16.12 -11.08 -4.77
N TRP B 262 15.52 -9.90 -4.59
CA TRP B 262 16.26 -8.77 -4.07
C TRP B 262 16.73 -9.06 -2.66
N TRP B 263 15.90 -9.74 -1.89
CA TRP B 263 16.24 -10.09 -0.53
C TRP B 263 17.35 -11.10 -0.47
N GLY B 264 17.92 -11.41 -1.63
CA GLY B 264 19.02 -12.35 -1.66
C GLY B 264 20.21 -11.71 -0.96
N TRP B 265 20.29 -10.39 -1.03
CA TRP B 265 21.38 -9.68 -0.39
C TRP B 265 21.49 -10.12 1.06
N TRP B 266 20.34 -10.41 1.66
CA TRP B 266 20.31 -10.86 3.03
C TRP B 266 20.50 -12.36 3.09
N LEU B 267 19.60 -13.07 2.42
CA LEU B 267 19.65 -14.53 2.43
C LEU B 267 20.98 -15.11 1.99
N ASP B 268 21.70 -14.39 1.15
CA ASP B 268 22.97 -14.90 0.66
C ASP B 268 24.24 -14.35 1.28
N ILE B 269 24.13 -13.69 2.44
CA ILE B 269 25.33 -13.19 3.10
C ILE B 269 26.13 -14.47 3.37
N PRO B 270 27.38 -14.52 2.90
CA PRO B 270 28.29 -15.67 3.05
C PRO B 270 28.37 -16.39 4.39
N PHE B 271 28.54 -15.66 5.50
CA PHE B 271 28.66 -16.36 6.75
C PHE B 271 27.54 -17.34 7.08
N TRP B 272 26.29 -17.03 6.76
CA TRP B 272 25.23 -18.00 7.05
C TRP B 272 24.65 -18.71 5.83
N SER B 273 25.30 -18.53 4.68
CA SER B 273 24.86 -19.17 3.45
C SER B 273 25.16 -20.66 3.47
N ALA C 1 6.62 30.36 10.78
CA ALA C 1 6.25 28.92 10.58
C ALA C 1 6.09 28.23 11.92
N ASP C 2 4.86 28.11 12.39
CA ASP C 2 4.61 27.46 13.67
C ASP C 2 5.48 26.22 13.82
N TYR C 3 6.61 26.36 14.52
CA TYR C 3 7.53 25.26 14.73
C TYR C 3 6.93 24.28 15.74
N GLN C 4 5.91 24.74 16.45
CA GLN C 4 5.26 23.89 17.43
C GLN C 4 4.64 22.68 16.74
N THR C 5 4.35 22.85 15.45
CA THR C 5 3.73 21.81 14.65
C THR C 5 4.75 20.75 14.25
N ILE C 6 6.03 21.16 14.24
CA ILE C 6 7.11 20.24 13.90
C ILE C 6 7.58 19.44 15.11
N TYR C 7 7.69 20.10 16.26
CA TYR C 7 8.11 19.46 17.51
C TYR C 7 7.95 20.50 18.61
N THR C 8 7.94 20.04 19.87
CA THR C 8 7.81 20.92 21.03
C THR C 8 9.10 21.68 21.37
N GLN C 9 9.11 23.00 21.15
CA GLN C 9 10.29 23.79 21.46
C GLN C 9 10.66 23.74 22.95
N ILE C 10 9.71 24.06 23.83
CA ILE C 10 10.00 24.02 25.27
C ILE C 10 9.16 22.95 25.96
N GLN C 11 9.77 21.82 26.31
CA GLN C 11 9.00 20.79 27.00
C GLN C 11 8.65 21.22 28.40
N ALA C 12 7.66 20.54 28.98
CA ALA C 12 7.21 20.86 30.31
C ALA C 12 7.17 19.57 31.10
N ARG C 13 7.16 19.72 32.42
CA ARG C 13 7.10 18.58 33.31
C ARG C 13 6.21 18.99 34.48
N GLY C 14 5.47 18.02 35.00
CA GLY C 14 4.59 18.32 36.10
C GLY C 14 4.14 17.04 36.74
N PRO C 15 3.42 17.14 37.84
CA PRO C 15 2.95 15.93 38.52
C PRO C 15 2.20 14.97 37.59
N HIS C 16 2.49 13.67 37.75
CA HIS C 16 1.85 12.62 36.96
C HIS C 16 0.35 12.64 37.25
N ILE C 17 -0.45 12.95 36.21
CA ILE C 17 -1.90 12.99 36.37
C ILE C 17 -2.48 11.59 36.26
N THR C 18 -3.66 11.38 36.84
CA THR C 18 -4.30 10.09 36.77
C THR C 18 -5.81 10.27 36.88
N VAL C 19 -6.55 9.54 36.04
CA VAL C 19 -7.99 9.60 36.09
C VAL C 19 -8.44 8.25 36.60
N SER C 20 -9.30 8.28 37.60
CA SER C 20 -9.79 7.05 38.22
C SER C 20 -10.82 6.35 37.37
N GLY C 21 -10.66 5.04 37.22
CA GLY C 21 -11.63 4.27 36.46
C GLY C 21 -12.67 3.72 37.40
N GLU C 22 -13.82 3.34 36.87
CA GLU C 22 -14.89 2.78 37.70
C GLU C 22 -14.30 1.58 38.44
N TRP C 23 -13.10 1.17 38.04
CA TRP C 23 -12.42 0.04 38.66
C TRP C 23 -11.05 -0.15 38.03
N GLY C 24 -10.29 -1.09 38.57
CA GLY C 24 -8.97 -1.39 38.04
C GLY C 24 -7.87 -0.41 38.31
N ASP C 25 -8.14 0.65 39.06
CA ASP C 25 -7.13 1.66 39.39
C ASP C 25 -5.93 1.03 40.07
N ASN C 26 -6.20 0.05 40.93
CA ASN C 26 -5.15 -0.64 41.67
C ASN C 26 -4.44 -1.62 40.75
N ASP C 27 -4.89 -1.70 39.51
CA ASP C 27 -4.28 -2.62 38.55
C ASP C 27 -3.33 -1.92 37.60
N ARG C 28 -3.14 -0.63 37.79
CA ARG C 28 -2.21 0.11 36.97
C ARG C 28 -0.83 -0.08 37.62
N VAL C 29 0.01 -0.86 36.97
CA VAL C 29 1.35 -1.12 37.46
C VAL C 29 2.37 -0.33 36.65
N GLY C 30 3.53 -0.06 37.24
CA GLY C 30 4.56 0.68 36.53
C GLY C 30 4.79 2.07 37.07
N LYS C 31 5.98 2.59 36.85
CA LYS C 31 6.33 3.93 37.32
C LYS C 31 6.56 4.85 36.14
N PRO C 32 5.69 5.86 35.96
CA PRO C 32 5.78 6.82 34.87
C PRO C 32 7.16 7.45 34.73
N PHE C 33 7.85 7.18 33.63
CA PHE C 33 9.14 7.83 33.42
C PHE C 33 9.02 8.67 32.16
N TYR C 34 9.84 9.69 32.05
CA TYR C 34 9.77 10.59 30.92
C TYR C 34 10.93 10.44 29.97
N SER C 35 10.69 10.77 28.71
CA SER C 35 11.69 10.68 27.68
C SER C 35 11.75 12.03 27.00
N TYR C 36 12.92 12.67 27.06
CA TYR C 36 13.10 13.99 26.48
C TYR C 36 12.88 13.99 24.97
N TRP C 37 13.51 13.05 24.28
CA TRP C 37 13.39 12.97 22.84
C TRP C 37 11.97 12.65 22.43
N LEU C 38 11.35 11.70 23.13
CA LEU C 38 9.98 11.34 22.83
C LEU C 38 9.15 12.62 22.93
N GLY C 39 9.30 13.33 24.04
CA GLY C 39 8.56 14.55 24.25
C GLY C 39 8.74 15.61 23.19
N LYS C 40 9.75 15.46 22.34
CA LYS C 40 9.97 16.48 21.31
C LYS C 40 8.89 16.41 20.24
N ILE C 41 8.41 15.19 19.97
CA ILE C 41 7.38 14.98 18.97
C ILE C 41 6.20 14.21 19.55
N GLY C 42 6.02 14.34 20.86
CA GLY C 42 4.93 13.64 21.51
C GLY C 42 4.90 13.94 22.99
N ASP C 43 4.21 13.10 23.74
CA ASP C 43 4.12 13.26 25.19
C ASP C 43 5.29 12.46 25.74
N ALA C 44 6.09 13.07 26.61
CA ALA C 44 7.26 12.41 27.17
C ALA C 44 6.96 11.25 28.12
N GLN C 45 5.82 11.29 28.80
CA GLN C 45 5.49 10.24 29.75
C GLN C 45 5.20 8.85 29.18
N ILE C 46 5.95 7.86 29.68
CA ILE C 46 5.77 6.49 29.26
C ILE C 46 5.32 5.68 30.48
N GLY C 47 4.10 5.15 30.40
CA GLY C 47 3.55 4.37 31.49
C GLY C 47 2.77 5.26 32.43
N PRO C 48 2.15 4.70 33.48
CA PRO C 48 2.16 3.27 33.78
C PRO C 48 1.21 2.59 32.81
N ILE C 49 0.90 1.32 33.05
CA ILE C 49 0.00 0.62 32.15
C ILE C 49 -0.98 -0.26 32.91
N TYR C 50 -2.24 -0.20 32.54
CA TYR C 50 -3.28 -0.99 33.18
C TYR C 50 -3.12 -2.49 32.85
N LEU C 51 -3.20 -3.33 33.87
CA LEU C 51 -3.06 -4.77 33.65
C LEU C 51 -4.41 -5.43 33.40
N GLY C 52 -5.15 -5.68 34.48
CA GLY C 52 -6.45 -6.30 34.35
C GLY C 52 -6.41 -7.74 33.87
N ALA C 53 -7.54 -8.42 34.01
CA ALA C 53 -7.66 -9.82 33.61
C ALA C 53 -7.62 -9.99 32.10
N SER C 54 -8.32 -9.10 31.40
CA SER C 54 -8.38 -9.13 29.95
C SER C 54 -6.95 -9.02 29.39
N GLY C 55 -6.24 -7.97 29.77
CA GLY C 55 -4.88 -7.79 29.29
C GLY C 55 -4.01 -9.03 29.51
N ILE C 56 -4.08 -9.60 30.71
CA ILE C 56 -3.29 -10.77 31.03
C ILE C 56 -3.72 -11.97 30.18
N ALA C 57 -5.03 -12.21 30.11
CA ALA C 57 -5.53 -13.32 29.31
C ALA C 57 -5.04 -13.12 27.88
N ALA C 58 -5.01 -11.86 27.44
CA ALA C 58 -4.55 -11.54 26.10
C ALA C 58 -3.10 -12.03 25.93
N PHE C 59 -2.18 -11.51 26.74
CA PHE C 59 -0.78 -11.94 26.64
C PHE C 59 -0.67 -13.44 26.77
N ALA C 60 -1.47 -14.00 27.68
CA ALA C 60 -1.44 -15.43 27.90
C ALA C 60 -1.64 -16.18 26.58
N PHE C 61 -2.79 -15.93 25.97
CA PHE C 61 -3.14 -16.58 24.71
C PHE C 61 -2.21 -16.19 23.57
N GLY C 62 -1.99 -14.90 23.39
CA GLY C 62 -1.13 -14.43 22.31
C GLY C 62 0.19 -15.17 22.30
N SER C 63 0.78 -15.26 23.48
CA SER C 63 2.07 -15.93 23.66
C SER C 63 1.95 -17.38 23.27
N THR C 64 0.97 -18.06 23.83
CA THR C 64 0.78 -19.47 23.48
C THR C 64 0.78 -19.56 21.96
N ALA C 65 0.05 -18.64 21.34
CA ALA C 65 -0.08 -18.58 19.89
C ALA C 65 1.29 -18.39 19.25
N ILE C 66 1.99 -17.34 19.66
CA ILE C 66 3.31 -17.06 19.13
C ILE C 66 4.27 -18.23 19.33
N LEU C 67 4.20 -18.87 20.49
CA LEU C 67 5.08 -19.99 20.78
C LEU C 67 4.84 -21.13 19.81
N ILE C 68 3.57 -21.49 19.61
CA ILE C 68 3.24 -22.56 18.68
C ILE C 68 3.82 -22.27 17.30
N ILE C 69 3.74 -21.01 16.89
CA ILE C 69 4.25 -20.60 15.59
C ILE C 69 5.78 -20.72 15.50
N LEU C 70 6.49 -20.03 16.37
CA LEU C 70 7.96 -20.07 16.37
C LEU C 70 8.50 -21.49 16.43
N PHE C 71 7.99 -22.29 17.37
CA PHE C 71 8.46 -23.68 17.48
C PHE C 71 8.34 -24.38 16.15
N ASN C 72 7.26 -24.10 15.44
CA ASN C 72 7.06 -24.72 14.14
C ASN C 72 8.05 -24.15 13.13
N MET C 73 8.31 -22.85 13.22
CA MET C 73 9.26 -22.23 12.31
C MET C 73 10.61 -22.85 12.61
N ALA C 74 10.95 -22.87 13.90
CA ALA C 74 12.22 -23.43 14.35
C ALA C 74 12.37 -24.83 13.80
N ALA C 75 11.31 -25.62 13.93
CA ALA C 75 11.32 -26.99 13.43
C ALA C 75 11.60 -27.03 11.93
N GLU C 76 11.23 -25.97 11.22
CA GLU C 76 11.44 -25.90 9.77
C GLU C 76 12.92 -25.83 9.44
N VAL C 77 13.67 -25.08 10.23
CA VAL C 77 15.10 -24.94 10.01
C VAL C 77 15.84 -25.98 10.85
N HIS C 78 15.10 -26.99 11.31
CA HIS C 78 15.66 -28.07 12.09
C HIS C 78 16.35 -27.52 13.35
N PHE C 79 15.82 -26.41 13.84
CA PHE C 79 16.34 -25.79 15.06
C PHE C 79 17.74 -25.22 14.99
N ASP C 80 18.24 -25.01 13.77
CA ASP C 80 19.57 -24.44 13.59
C ASP C 80 19.47 -22.93 13.79
N PRO C 81 19.79 -22.43 14.99
CA PRO C 81 19.75 -21.01 15.33
C PRO C 81 20.17 -20.02 14.26
N LEU C 82 21.22 -20.33 13.52
CA LEU C 82 21.68 -19.40 12.50
C LEU C 82 20.74 -19.35 11.30
N GLN C 83 20.28 -20.52 10.85
CA GLN C 83 19.37 -20.56 9.71
C GLN C 83 18.00 -19.99 10.10
N PHE C 84 17.60 -20.21 11.36
CA PHE C 84 16.33 -19.69 11.83
C PHE C 84 16.32 -18.18 11.69
N PHE C 85 17.41 -17.55 12.12
CA PHE C 85 17.54 -16.10 12.07
C PHE C 85 17.74 -15.64 10.62
N ARG C 86 18.36 -16.48 9.82
CA ARG C 86 18.65 -16.16 8.43
C ARG C 86 17.41 -16.29 7.56
N GLN C 87 16.70 -17.39 7.73
CA GLN C 87 15.50 -17.70 6.95
C GLN C 87 14.19 -17.27 7.60
N PHE C 88 14.24 -16.46 8.65
CA PHE C 88 13.03 -16.06 9.35
C PHE C 88 11.82 -15.69 8.46
N PHE C 89 11.97 -14.65 7.66
CA PHE C 89 10.90 -14.21 6.75
C PHE C 89 10.28 -15.34 5.95
N TRP C 90 11.10 -16.29 5.51
CA TRP C 90 10.61 -17.40 4.71
C TRP C 90 9.93 -18.50 5.51
N LEU C 91 10.09 -18.44 6.83
CA LEU C 91 9.50 -19.48 7.66
C LEU C 91 8.06 -19.18 8.03
N GLY C 92 7.27 -20.23 8.18
CA GLY C 92 5.88 -20.03 8.53
C GLY C 92 5.17 -21.29 9.00
N LEU C 93 3.96 -21.09 9.51
CA LEU C 93 3.12 -22.18 9.99
C LEU C 93 1.95 -22.20 9.03
N TYR C 94 1.91 -23.23 8.18
CA TYR C 94 0.87 -23.35 7.16
C TYR C 94 -0.39 -24.10 7.52
N PRO C 95 -1.51 -23.73 6.89
CA PRO C 95 -2.77 -24.42 7.16
C PRO C 95 -2.59 -25.75 6.46
N PRO C 96 -3.56 -26.67 6.58
CA PRO C 96 -3.39 -27.96 5.91
C PRO C 96 -3.17 -27.83 4.39
N LYS C 97 -2.19 -28.56 3.86
CA LYS C 97 -1.90 -28.51 2.43
C LYS C 97 -2.85 -29.43 1.67
N ALA C 98 -3.21 -30.54 2.29
CA ALA C 98 -4.12 -31.49 1.68
C ALA C 98 -5.54 -31.07 1.96
N GLN C 99 -6.48 -31.73 1.29
CA GLN C 99 -7.88 -31.40 1.49
C GLN C 99 -8.49 -32.36 2.49
N TYR C 100 -8.97 -31.81 3.60
CA TYR C 100 -9.60 -32.60 4.65
C TYR C 100 -10.97 -31.97 4.87
N GLY C 101 -11.33 -31.01 4.02
CA GLY C 101 -12.60 -30.33 4.17
C GLY C 101 -12.55 -29.57 5.49
N MET C 102 -13.57 -29.74 6.31
CA MET C 102 -13.61 -29.08 7.61
C MET C 102 -13.07 -29.97 8.71
N GLY C 103 -12.70 -31.20 8.35
CA GLY C 103 -12.17 -32.11 9.34
C GLY C 103 -10.93 -31.52 9.98
N ILE C 104 -10.76 -31.72 11.30
CA ILE C 104 -9.58 -31.21 11.98
C ILE C 104 -8.41 -31.91 11.31
N PRO C 105 -7.37 -31.14 10.92
CA PRO C 105 -6.22 -31.73 10.25
C PRO C 105 -5.11 -32.24 11.17
N PRO C 106 -4.23 -33.09 10.61
CA PRO C 106 -3.11 -33.65 11.37
C PRO C 106 -2.23 -32.50 11.89
N LEU C 107 -1.62 -32.68 13.06
CA LEU C 107 -0.77 -31.64 13.63
C LEU C 107 0.30 -31.17 12.66
N HIS C 108 0.92 -32.12 11.97
CA HIS C 108 1.99 -31.79 11.01
C HIS C 108 1.47 -31.19 9.71
N ASP C 109 0.15 -31.18 9.53
CA ASP C 109 -0.42 -30.62 8.32
C ASP C 109 -1.70 -29.83 8.61
N GLY C 110 -1.55 -28.69 9.28
CA GLY C 110 -2.70 -27.86 9.59
C GLY C 110 -3.10 -27.84 11.05
N GLY C 111 -2.86 -28.95 11.75
CA GLY C 111 -3.21 -29.04 13.16
C GLY C 111 -2.64 -27.90 13.99
N TRP C 112 -1.32 -27.72 13.93
CA TRP C 112 -0.70 -26.66 14.71
C TRP C 112 -1.20 -25.28 14.27
N TRP C 113 -1.30 -25.07 12.96
CA TRP C 113 -1.78 -23.81 12.41
C TRP C 113 -3.16 -23.51 13.01
N LEU C 114 -4.00 -24.53 13.05
CA LEU C 114 -5.34 -24.37 13.57
C LEU C 114 -5.33 -23.91 15.03
N MET C 115 -4.48 -24.54 15.84
CA MET C 115 -4.36 -24.19 17.25
C MET C 115 -3.81 -22.78 17.44
N ALA C 116 -2.78 -22.45 16.70
CA ALA C 116 -2.19 -21.13 16.80
C ALA C 116 -3.32 -20.13 16.54
N GLY C 117 -4.11 -20.40 15.50
CA GLY C 117 -5.20 -19.52 15.14
C GLY C 117 -6.25 -19.40 16.23
N LEU C 118 -6.45 -20.48 16.98
CA LEU C 118 -7.40 -20.49 18.08
C LEU C 118 -6.93 -19.55 19.19
N PHE C 119 -5.66 -19.71 19.57
CA PHE C 119 -5.10 -18.87 20.61
C PHE C 119 -4.97 -17.43 20.21
N MET C 120 -4.65 -17.18 18.93
CA MET C 120 -4.56 -15.81 18.47
C MET C 120 -5.93 -15.16 18.58
N THR C 121 -6.95 -15.92 18.20
CA THR C 121 -8.33 -15.46 18.24
C THR C 121 -8.77 -15.11 19.65
N LEU C 122 -8.54 -16.03 20.58
CA LEU C 122 -8.89 -15.79 21.99
C LEU C 122 -8.13 -14.56 22.46
N SER C 123 -6.86 -14.47 22.08
CA SER C 123 -6.03 -13.34 22.43
C SER C 123 -6.66 -12.04 21.93
N LEU C 124 -7.11 -12.05 20.68
CA LEU C 124 -7.74 -10.86 20.10
C LEU C 124 -9.02 -10.54 20.86
N GLY C 125 -9.77 -11.59 21.18
CA GLY C 125 -11.01 -11.42 21.91
C GLY C 125 -10.80 -10.76 23.27
N SER C 126 -9.80 -11.26 23.99
CA SER C 126 -9.50 -10.70 25.31
C SER C 126 -9.13 -9.23 25.18
N TRP C 127 -8.22 -8.93 24.26
CA TRP C 127 -7.81 -7.56 24.08
C TRP C 127 -8.99 -6.67 23.68
N TRP C 128 -9.98 -7.26 23.04
CA TRP C 128 -11.14 -6.48 22.64
C TRP C 128 -11.87 -6.07 23.92
N ILE C 129 -11.99 -7.03 24.85
CA ILE C 129 -12.66 -6.79 26.13
C ILE C 129 -11.93 -5.65 26.81
N ARG C 130 -10.60 -5.69 26.72
CA ARG C 130 -9.74 -4.68 27.31
C ARG C 130 -10.05 -3.31 26.73
N VAL C 131 -10.02 -3.22 25.40
CA VAL C 131 -10.28 -1.96 24.70
C VAL C 131 -11.65 -1.42 25.01
N TYR C 132 -12.59 -2.34 25.22
CA TYR C 132 -13.97 -2.01 25.52
C TYR C 132 -14.10 -1.55 26.97
N SER C 133 -13.74 -2.42 27.90
CA SER C 133 -13.78 -2.15 29.34
C SER C 133 -13.13 -0.82 29.70
N ARG C 134 -11.86 -0.67 29.36
CA ARG C 134 -11.17 0.57 29.68
C ARG C 134 -12.03 1.78 29.35
N ALA C 135 -12.76 1.68 28.24
CA ALA C 135 -13.62 2.77 27.79
C ALA C 135 -14.75 3.00 28.80
N ARG C 136 -15.44 1.92 29.15
CA ARG C 136 -16.51 2.02 30.11
C ARG C 136 -15.93 2.50 31.45
N ALA C 137 -14.90 1.82 31.92
CA ALA C 137 -14.24 2.17 33.17
C ALA C 137 -13.91 3.66 33.26
N LEU C 138 -13.39 4.24 32.18
CA LEU C 138 -13.06 5.66 32.19
C LEU C 138 -14.26 6.53 31.86
N GLY C 139 -15.42 5.91 31.71
CA GLY C 139 -16.64 6.64 31.38
C GLY C 139 -16.60 7.27 29.99
N LEU C 140 -16.18 6.47 29.03
CA LEU C 140 -16.06 6.93 27.65
C LEU C 140 -16.91 6.06 26.71
N GLY C 141 -17.24 6.61 25.54
CA GLY C 141 -18.03 5.88 24.56
C GLY C 141 -17.23 4.70 24.03
N THR C 142 -17.91 3.63 23.62
CA THR C 142 -17.19 2.47 23.12
C THR C 142 -16.89 2.48 21.63
N HIS C 143 -16.68 3.67 21.07
CA HIS C 143 -16.37 3.80 19.65
C HIS C 143 -15.18 2.97 19.18
N ILE C 144 -14.05 3.11 19.86
CA ILE C 144 -12.86 2.37 19.48
C ILE C 144 -13.14 0.89 19.45
N ALA C 145 -13.80 0.38 20.48
CA ALA C 145 -14.10 -1.05 20.52
C ALA C 145 -14.83 -1.51 19.26
N TRP C 146 -15.75 -0.69 18.76
CA TRP C 146 -16.49 -1.10 17.57
C TRP C 146 -15.65 -1.13 16.32
N ASN C 147 -14.81 -0.12 16.14
CA ASN C 147 -13.93 -0.07 14.97
C ASN C 147 -13.00 -1.28 15.08
N PHE C 148 -12.48 -1.53 16.28
CA PHE C 148 -11.59 -2.65 16.51
C PHE C 148 -12.31 -3.97 16.28
N ALA C 149 -13.61 -3.99 16.57
CA ALA C 149 -14.41 -5.19 16.39
C ALA C 149 -14.45 -5.56 14.91
N ALA C 150 -14.56 -4.54 14.05
CA ALA C 150 -14.60 -4.77 12.62
C ALA C 150 -13.29 -5.44 12.19
N ALA C 151 -12.19 -4.92 12.72
CA ALA C 151 -10.86 -5.45 12.41
C ALA C 151 -10.75 -6.90 12.87
N ILE C 152 -11.21 -7.20 14.08
CA ILE C 152 -11.14 -8.58 14.54
C ILE C 152 -12.03 -9.44 13.65
N PHE C 153 -13.18 -8.89 13.26
CA PHE C 153 -14.12 -9.63 12.43
C PHE C 153 -13.47 -10.02 11.09
N PHE C 154 -12.81 -9.06 10.46
CA PHE C 154 -12.15 -9.33 9.20
C PHE C 154 -11.11 -10.42 9.34
N VAL C 155 -10.33 -10.34 10.41
CA VAL C 155 -9.30 -11.36 10.64
C VAL C 155 -10.00 -12.71 10.72
N LEU C 156 -11.11 -12.75 11.46
CA LEU C 156 -11.84 -14.00 11.59
C LEU C 156 -12.28 -14.49 10.20
N CYS C 157 -12.67 -13.55 9.34
CA CYS C 157 -13.12 -13.87 7.99
C CYS C 157 -12.06 -14.58 7.15
N ILE C 158 -10.88 -13.98 7.03
CA ILE C 158 -9.82 -14.61 6.26
C ILE C 158 -9.21 -15.76 7.05
N GLY C 159 -9.41 -15.75 8.36
CA GLY C 159 -8.86 -16.78 9.20
C GLY C 159 -9.63 -18.10 9.27
N CYS C 160 -10.94 -18.03 9.49
CA CYS C 160 -11.69 -19.27 9.58
C CYS C 160 -13.13 -19.22 9.08
N ILE C 161 -13.75 -18.04 9.06
CA ILE C 161 -15.12 -17.99 8.57
C ILE C 161 -15.15 -18.38 7.08
N HIS C 162 -14.35 -17.71 6.26
CA HIS C 162 -14.31 -18.05 4.85
C HIS C 162 -14.00 -19.54 4.69
N PRO C 163 -12.92 -20.01 5.32
CA PRO C 163 -12.59 -21.43 5.20
C PRO C 163 -13.78 -22.29 5.60
N THR C 164 -14.48 -21.85 6.63
CA THR C 164 -15.64 -22.60 7.10
C THR C 164 -16.71 -22.62 6.01
N LEU C 165 -17.07 -21.43 5.53
CA LEU C 165 -18.07 -21.31 4.49
C LEU C 165 -17.82 -22.24 3.30
N VAL C 166 -16.64 -22.16 2.68
CA VAL C 166 -16.37 -23.05 1.56
C VAL C 166 -16.08 -24.47 2.06
N GLY C 167 -15.87 -24.57 3.37
CA GLY C 167 -15.60 -25.86 3.98
C GLY C 167 -14.20 -26.43 3.84
N SER C 168 -13.17 -25.59 3.93
CA SER C 168 -11.79 -26.08 3.82
C SER C 168 -10.75 -25.18 4.50
N TRP C 169 -10.07 -25.73 5.50
CA TRP C 169 -9.04 -25.02 6.25
C TRP C 169 -7.87 -24.62 5.37
N SER C 170 -7.62 -25.39 4.31
CA SER C 170 -6.52 -25.09 3.42
C SER C 170 -6.58 -23.64 2.92
N GLU C 171 -7.74 -23.02 3.04
CA GLU C 171 -7.94 -21.65 2.57
C GLU C 171 -7.38 -20.61 3.54
N GLY C 172 -7.17 -21.02 4.78
CA GLY C 172 -6.68 -20.11 5.80
C GLY C 172 -5.37 -19.38 5.47
N VAL C 173 -5.11 -18.30 6.21
CA VAL C 173 -3.90 -17.50 6.05
C VAL C 173 -2.78 -18.07 6.92
N PRO C 174 -1.65 -18.44 6.29
CA PRO C 174 -0.54 -19.00 7.07
C PRO C 174 0.19 -17.95 7.91
N PHE C 175 0.83 -18.39 9.00
CA PHE C 175 1.58 -17.47 9.85
C PHE C 175 3.02 -17.41 9.34
N GLY C 176 3.49 -16.19 9.07
CA GLY C 176 4.83 -16.01 8.58
C GLY C 176 4.93 -14.71 7.84
N ILE C 177 6.11 -14.09 7.85
CA ILE C 177 6.26 -12.82 7.15
C ILE C 177 5.90 -13.04 5.70
N TRP C 178 6.83 -13.58 4.93
CA TRP C 178 6.56 -13.85 3.52
C TRP C 178 5.33 -14.75 3.32
N PRO C 179 5.24 -15.87 4.05
CA PRO C 179 4.11 -16.77 3.91
C PRO C 179 2.70 -16.15 3.93
N HIS C 180 2.40 -15.32 4.93
CA HIS C 180 1.06 -14.75 4.96
C HIS C 180 0.86 -13.85 3.75
N ILE C 181 1.97 -13.43 3.18
CA ILE C 181 1.93 -12.57 2.02
C ILE C 181 1.78 -13.39 0.74
N ASP C 182 2.36 -14.59 0.71
CA ASP C 182 2.24 -15.44 -0.46
C ASP C 182 0.78 -15.82 -0.62
N TRP C 183 0.07 -15.89 0.51
CA TRP C 183 -1.33 -16.26 0.54
C TRP C 183 -2.16 -15.26 -0.26
N LEU C 184 -1.82 -13.98 -0.15
CA LEU C 184 -2.56 -12.96 -0.86
C LEU C 184 -2.62 -13.24 -2.36
N THR C 185 -1.54 -13.72 -2.94
CA THR C 185 -1.53 -14.02 -4.36
C THR C 185 -2.24 -15.35 -4.67
N ALA C 186 -1.96 -16.38 -3.87
CA ALA C 186 -2.59 -17.67 -4.10
C ALA C 186 -4.11 -17.48 -3.99
N PHE C 187 -4.53 -16.71 -3.00
CA PHE C 187 -5.95 -16.46 -2.79
C PHE C 187 -6.55 -15.66 -3.96
N SER C 188 -5.88 -14.58 -4.35
CA SER C 188 -6.37 -13.77 -5.45
C SER C 188 -6.38 -14.56 -6.75
N ILE C 189 -5.33 -15.33 -7.00
CA ILE C 189 -5.24 -16.14 -8.20
C ILE C 189 -6.41 -17.11 -8.24
N ARG C 190 -6.68 -17.74 -7.10
CA ARG C 190 -7.75 -18.72 -7.03
C ARG C 190 -9.12 -18.14 -7.32
N TYR C 191 -9.36 -16.93 -6.85
CA TYR C 191 -10.65 -16.32 -7.03
C TYR C 191 -10.73 -15.34 -8.18
N GLY C 192 -9.93 -15.63 -9.19
CA GLY C 192 -9.91 -14.83 -10.38
C GLY C 192 -9.66 -13.35 -10.26
N ASN C 193 -8.52 -12.98 -9.69
CA ASN C 193 -8.11 -11.58 -9.59
C ASN C 193 -8.94 -10.72 -8.67
N PHE C 194 -8.39 -10.46 -7.50
CA PHE C 194 -9.08 -9.65 -6.51
C PHE C 194 -9.31 -8.21 -6.94
N TYR C 195 -8.63 -7.77 -7.99
CA TYR C 195 -8.80 -6.40 -8.47
C TYR C 195 -10.22 -6.21 -9.00
N TYR C 196 -10.87 -7.32 -9.35
CA TYR C 196 -12.23 -7.28 -9.87
C TYR C 196 -13.29 -7.60 -8.84
N CYS C 197 -12.89 -7.60 -7.58
CA CYS C 197 -13.81 -7.85 -6.50
C CYS C 197 -14.26 -6.46 -6.03
N PRO C 198 -15.52 -6.10 -6.32
CA PRO C 198 -16.03 -4.79 -5.90
C PRO C 198 -15.71 -4.39 -4.46
N TRP C 199 -15.74 -5.36 -3.56
CA TRP C 199 -15.47 -5.07 -2.16
C TRP C 199 -13.99 -4.81 -1.93
N HIS C 200 -13.13 -5.45 -2.73
CA HIS C 200 -11.71 -5.18 -2.62
C HIS C 200 -11.60 -3.67 -2.94
N GLY C 201 -12.15 -3.27 -4.07
CA GLY C 201 -12.13 -1.86 -4.47
C GLY C 201 -12.72 -0.92 -3.43
N PHE C 202 -13.85 -1.30 -2.85
CA PHE C 202 -14.46 -0.47 -1.82
C PHE C 202 -13.46 -0.28 -0.67
N SER C 203 -12.93 -1.40 -0.19
CA SER C 203 -11.98 -1.40 0.91
C SER C 203 -10.78 -0.52 0.60
N ILE C 204 -10.25 -0.66 -0.61
CA ILE C 204 -9.12 0.15 -1.03
C ILE C 204 -9.56 1.61 -1.04
N GLY C 205 -10.78 1.85 -1.51
CA GLY C 205 -11.28 3.21 -1.57
C GLY C 205 -11.24 3.87 -0.22
N PHE C 206 -11.67 3.14 0.80
CA PHE C 206 -11.69 3.67 2.15
C PHE C 206 -10.29 3.75 2.74
N ALA C 207 -9.43 2.78 2.41
CA ALA C 207 -8.05 2.80 2.88
C ALA C 207 -7.47 4.10 2.32
N TYR C 208 -7.35 4.16 1.00
CA TYR C 208 -6.84 5.35 0.34
C TYR C 208 -7.52 6.58 0.93
N GLY C 209 -8.80 6.43 1.26
CA GLY C 209 -9.55 7.53 1.81
C GLY C 209 -9.08 7.90 3.20
N CYS C 210 -8.76 6.88 4.00
CA CYS C 210 -8.26 7.12 5.34
C CYS C 210 -6.94 7.88 5.20
N GLY C 211 -6.19 7.54 4.17
CA GLY C 211 -4.95 8.24 3.93
C GLY C 211 -5.29 9.69 3.69
N LEU C 212 -6.22 9.93 2.77
CA LEU C 212 -6.62 11.29 2.43
C LEU C 212 -7.20 12.02 3.65
N LEU C 213 -8.02 11.33 4.43
CA LEU C 213 -8.60 11.99 5.59
C LEU C 213 -7.63 12.34 6.71
N PHE C 214 -6.66 11.47 7.01
CA PHE C 214 -5.74 11.80 8.09
C PHE C 214 -4.73 12.85 7.65
N ALA C 215 -4.24 12.73 6.43
CA ALA C 215 -3.29 13.70 5.92
C ALA C 215 -3.99 15.05 6.01
N ALA C 216 -5.23 15.08 5.53
CA ALA C 216 -6.02 16.29 5.51
C ALA C 216 -6.44 16.75 6.91
N HIS C 217 -6.95 15.83 7.71
CA HIS C 217 -7.37 16.21 9.06
C HIS C 217 -6.15 16.68 9.87
N GLY C 218 -5.10 15.87 9.84
CA GLY C 218 -3.87 16.19 10.55
C GLY C 218 -3.28 17.52 10.13
N ALA C 219 -3.12 17.72 8.82
CA ALA C 219 -2.57 18.97 8.35
C ALA C 219 -3.48 20.11 8.75
N THR C 220 -4.78 19.84 8.80
CA THR C 220 -5.74 20.88 9.15
C THR C 220 -5.50 21.41 10.54
N ILE C 221 -5.44 20.49 11.50
CA ILE C 221 -5.21 20.83 12.88
C ILE C 221 -3.89 21.56 13.08
N LEU C 222 -2.81 21.02 12.52
CA LEU C 222 -1.52 21.69 12.66
C LEU C 222 -1.69 23.11 12.13
N ALA C 223 -2.34 23.23 10.99
CA ALA C 223 -2.56 24.54 10.38
C ALA C 223 -3.36 25.48 11.28
N VAL C 224 -4.02 24.94 12.31
CA VAL C 224 -4.77 25.81 13.21
C VAL C 224 -4.37 25.58 14.67
N ALA C 225 -3.17 25.04 14.85
CA ALA C 225 -2.63 24.78 16.17
C ALA C 225 -2.41 26.09 16.95
N ARG C 226 -2.10 27.15 16.21
CA ARG C 226 -1.87 28.46 16.80
C ARG C 226 -3.12 28.98 17.48
N PHE C 227 -4.24 28.30 17.25
CA PHE C 227 -5.51 28.74 17.83
C PHE C 227 -6.09 27.69 18.74
N GLY C 228 -5.39 26.57 18.90
CA GLY C 228 -5.87 25.55 19.81
C GLY C 228 -6.58 24.38 19.16
N GLY C 229 -6.58 24.34 17.84
CA GLY C 229 -7.24 23.27 17.12
C GLY C 229 -7.05 21.89 17.73
N ASP C 230 -5.86 21.68 18.29
CA ASP C 230 -5.53 20.38 18.89
C ASP C 230 -6.41 20.05 20.08
N ARG C 231 -7.00 21.07 20.70
CA ARG C 231 -7.87 20.85 21.85
C ARG C 231 -9.30 20.55 21.38
N GLU C 232 -9.40 19.58 20.47
CA GLU C 232 -10.66 19.18 19.82
C GLU C 232 -11.91 19.04 20.69
N ILE C 233 -11.82 18.36 21.84
CA ILE C 233 -12.98 18.20 22.71
C ILE C 233 -13.70 19.53 23.03
N GLU C 234 -12.97 20.52 23.51
CA GLU C 234 -13.60 21.79 23.85
C GLU C 234 -13.90 22.60 22.60
N GLN C 235 -13.36 22.15 21.47
CA GLN C 235 -13.66 22.84 20.22
C GLN C 235 -15.06 22.39 19.82
N ILE C 236 -15.39 21.17 20.22
CA ILE C 236 -16.69 20.59 19.95
C ILE C 236 -17.73 21.30 20.80
N THR C 237 -17.62 21.12 22.11
CA THR C 237 -18.53 21.75 23.06
C THR C 237 -18.57 23.28 22.96
N ASP C 238 -17.49 23.89 22.47
CA ASP C 238 -17.48 25.35 22.34
C ASP C 238 -16.68 25.80 21.12
N ARG C 239 -17.36 25.86 19.98
CA ARG C 239 -16.71 26.24 18.73
C ARG C 239 -15.79 27.43 18.94
N GLY C 240 -14.55 27.31 18.47
CA GLY C 240 -13.59 28.39 18.56
C GLY C 240 -13.02 28.69 17.19
N THR C 241 -12.51 29.91 17.00
CA THR C 241 -11.95 30.35 15.73
C THR C 241 -11.10 29.27 15.06
N ALA C 242 -10.53 28.37 15.83
CA ALA C 242 -9.70 27.31 15.26
C ALA C 242 -10.51 26.51 14.25
N VAL C 243 -11.52 25.81 14.76
CA VAL C 243 -12.39 25.01 13.93
C VAL C 243 -13.24 25.85 12.97
N GLU C 244 -13.44 27.13 13.30
CA GLU C 244 -14.21 27.94 12.38
C GLU C 244 -13.38 28.06 11.11
N ARG C 245 -12.09 28.34 11.29
CA ARG C 245 -11.18 28.49 10.15
C ARG C 245 -10.91 27.15 9.51
N ALA C 246 -10.85 26.10 10.31
CA ALA C 246 -10.61 24.78 9.76
C ALA C 246 -11.76 24.53 8.79
N ALA C 247 -12.98 24.84 9.24
CA ALA C 247 -14.20 24.68 8.44
C ALA C 247 -14.18 25.54 7.19
N LEU C 248 -13.96 26.83 7.34
CA LEU C 248 -13.93 27.72 6.20
C LEU C 248 -12.82 27.38 5.21
N PHE C 249 -11.72 26.80 5.69
CA PHE C 249 -10.64 26.44 4.79
C PHE C 249 -11.18 25.46 3.76
N TRP C 250 -11.84 24.41 4.26
CA TRP C 250 -12.41 23.38 3.41
C TRP C 250 -13.65 23.80 2.64
N ARG C 251 -14.56 24.51 3.29
CA ARG C 251 -15.75 24.96 2.60
C ARG C 251 -15.33 25.79 1.39
N TRP C 252 -14.41 26.73 1.60
CA TRP C 252 -13.96 27.58 0.51
C TRP C 252 -13.16 26.80 -0.51
N THR C 253 -12.68 25.63 -0.12
CA THR C 253 -11.86 24.84 -1.03
C THR C 253 -12.68 23.85 -1.84
N ILE C 254 -13.39 22.97 -1.14
CA ILE C 254 -14.19 21.94 -1.79
C ILE C 254 -15.68 22.22 -1.86
N GLY C 255 -16.11 23.39 -1.40
CA GLY C 255 -17.53 23.73 -1.47
C GLY C 255 -18.38 23.37 -0.28
N PHE C 256 -17.93 22.44 0.54
CA PHE C 256 -18.69 22.07 1.74
C PHE C 256 -17.70 21.70 2.84
N ASN C 257 -18.18 21.66 4.08
CA ASN C 257 -17.31 21.33 5.18
C ASN C 257 -17.96 20.44 6.23
N ALA C 258 -17.19 20.16 7.27
CA ALA C 258 -17.66 19.35 8.38
C ALA C 258 -17.50 20.20 9.64
N THR C 259 -17.70 19.57 10.79
CA THR C 259 -17.52 20.25 12.06
C THR C 259 -16.30 19.55 12.66
N ILE C 260 -15.75 20.09 13.73
CA ILE C 260 -14.59 19.45 14.33
C ILE C 260 -15.01 18.07 14.85
N GLU C 261 -16.25 17.91 15.24
CA GLU C 261 -16.67 16.60 15.71
C GLU C 261 -16.99 15.66 14.56
N SER C 262 -17.70 16.17 13.55
CA SER C 262 -18.09 15.30 12.44
C SER C 262 -16.91 14.71 11.68
N VAL C 263 -15.88 15.52 11.42
CA VAL C 263 -14.74 15.01 10.68
C VAL C 263 -14.20 13.76 11.35
N HIS C 264 -14.33 13.67 12.67
CA HIS C 264 -13.85 12.50 13.37
C HIS C 264 -14.75 11.33 13.04
N ARG C 265 -16.05 11.61 12.88
CA ARG C 265 -17.04 10.58 12.51
C ARG C 265 -16.72 10.10 11.10
N TRP C 266 -16.42 11.04 10.20
CA TRP C 266 -16.07 10.66 8.86
C TRP C 266 -14.89 9.69 8.92
N GLY C 267 -13.82 10.15 9.57
CA GLY C 267 -12.62 9.34 9.70
C GLY C 267 -12.92 8.01 10.35
N TRP C 268 -13.70 8.02 11.42
CA TRP C 268 -14.04 6.78 12.10
C TRP C 268 -14.75 5.85 11.13
N PHE C 269 -15.77 6.40 10.45
CA PHE C 269 -16.56 5.65 9.48
C PHE C 269 -15.66 5.05 8.41
N PHE C 270 -14.88 5.90 7.74
CA PHE C 270 -13.95 5.43 6.72
C PHE C 270 -13.11 4.26 7.21
N SER C 271 -12.51 4.41 8.38
CA SER C 271 -11.67 3.38 8.97
C SER C 271 -12.47 2.09 9.06
N LEU C 272 -13.64 2.19 9.68
CA LEU C 272 -14.55 1.07 9.86
C LEU C 272 -14.88 0.43 8.52
N MET C 273 -15.19 1.27 7.53
CA MET C 273 -15.54 0.76 6.22
C MET C 273 -14.45 -0.02 5.52
N VAL C 274 -13.19 0.25 5.82
CA VAL C 274 -12.11 -0.51 5.21
C VAL C 274 -12.28 -1.98 5.60
N MET C 275 -12.50 -2.22 6.89
CA MET C 275 -12.65 -3.58 7.39
C MET C 275 -14.00 -4.22 7.07
N VAL C 276 -15.08 -3.45 7.20
CA VAL C 276 -16.40 -3.97 6.92
C VAL C 276 -16.45 -4.41 5.44
N SER C 277 -15.99 -3.51 4.56
CA SER C 277 -15.98 -3.79 3.13
C SER C 277 -15.27 -5.07 2.77
N ALA C 278 -14.03 -5.21 3.23
CA ALA C 278 -13.22 -6.38 2.95
C ALA C 278 -13.84 -7.64 3.55
N SER C 279 -14.50 -7.50 4.69
CA SER C 279 -15.11 -8.68 5.30
C SER C 279 -16.19 -9.19 4.33
N VAL C 280 -16.99 -8.27 3.79
CA VAL C 280 -18.02 -8.65 2.85
C VAL C 280 -17.37 -9.28 1.62
N GLY C 281 -16.33 -8.64 1.11
CA GLY C 281 -15.65 -9.20 -0.05
C GLY C 281 -15.22 -10.63 0.19
N ILE C 282 -14.73 -10.92 1.39
CA ILE C 282 -14.28 -12.27 1.70
C ILE C 282 -15.46 -13.21 1.90
N LEU C 283 -16.48 -12.74 2.62
CA LEU C 283 -17.66 -13.55 2.86
C LEU C 283 -18.28 -13.97 1.54
N LEU C 284 -18.24 -13.08 0.56
CA LEU C 284 -18.79 -13.38 -0.74
C LEU C 284 -17.89 -14.28 -1.57
N THR C 285 -16.59 -14.14 -1.40
CA THR C 285 -15.62 -14.91 -2.18
C THR C 285 -15.64 -16.39 -1.86
N GLY C 286 -15.66 -17.20 -2.91
CA GLY C 286 -15.66 -18.64 -2.74
C GLY C 286 -17.05 -19.19 -2.45
N THR C 287 -17.80 -18.42 -1.67
CA THR C 287 -19.17 -18.76 -1.31
C THR C 287 -20.11 -18.60 -2.49
N PHE C 288 -20.19 -17.37 -3.02
CA PHE C 288 -21.09 -17.06 -4.12
C PHE C 288 -20.44 -16.55 -5.39
N VAL C 289 -19.12 -16.42 -5.38
CA VAL C 289 -18.38 -15.98 -6.56
C VAL C 289 -17.12 -16.84 -6.59
N ASP C 290 -16.77 -17.34 -7.76
CA ASP C 290 -15.59 -18.19 -7.88
C ASP C 290 -14.47 -17.48 -8.65
N ASN C 291 -14.83 -16.51 -9.47
CA ASN C 291 -13.85 -15.81 -10.31
C ASN C 291 -14.31 -14.38 -10.53
N TRP C 292 -13.87 -13.50 -9.64
CA TRP C 292 -14.25 -12.11 -9.71
C TRP C 292 -14.11 -11.46 -11.08
N TYR C 293 -13.16 -11.91 -11.87
CA TYR C 293 -13.00 -11.32 -13.19
C TYR C 293 -14.19 -11.73 -14.08
N LEU C 294 -14.42 -13.04 -14.20
CA LEU C 294 -15.52 -13.54 -15.01
C LEU C 294 -16.83 -12.96 -14.49
N TRP C 295 -16.90 -12.78 -13.17
CA TRP C 295 -18.08 -12.20 -12.57
C TRP C 295 -18.29 -10.78 -13.10
N CYS C 296 -17.20 -10.09 -13.38
CA CYS C 296 -17.31 -8.73 -13.88
C CYS C 296 -17.66 -8.73 -15.34
N VAL C 297 -17.09 -9.71 -16.06
CA VAL C 297 -17.36 -9.84 -17.47
C VAL C 297 -18.84 -10.13 -17.58
N LYS C 298 -19.31 -11.06 -16.78
CA LYS C 298 -20.71 -11.43 -16.78
C LYS C 298 -21.61 -10.21 -16.62
N HIS C 299 -21.24 -9.31 -15.73
CA HIS C 299 -22.07 -8.13 -15.50
C HIS C 299 -21.60 -6.94 -16.33
N GLY C 300 -20.89 -7.24 -17.41
CA GLY C 300 -20.40 -6.21 -18.33
C GLY C 300 -19.46 -5.15 -17.79
N ALA C 301 -18.75 -5.46 -16.71
CA ALA C 301 -17.83 -4.49 -16.11
C ALA C 301 -16.39 -4.52 -16.66
N ALA C 302 -15.74 -5.67 -16.63
CA ALA C 302 -14.35 -5.78 -17.09
C ALA C 302 -14.00 -5.10 -18.41
N PRO C 303 -12.88 -4.35 -18.43
CA PRO C 303 -12.46 -3.66 -19.65
C PRO C 303 -11.75 -4.67 -20.55
N ASP C 304 -11.72 -4.39 -21.85
CA ASP C 304 -11.07 -5.29 -22.80
C ASP C 304 -10.11 -4.48 -23.66
N TYR C 305 -9.09 -5.15 -24.19
CA TYR C 305 -8.09 -4.44 -24.98
C TYR C 305 -7.72 -5.20 -26.24
N PRO C 306 -7.28 -4.47 -27.25
CA PRO C 306 -6.90 -5.12 -28.50
C PRO C 306 -5.71 -6.01 -28.16
N ALA C 307 -5.40 -6.97 -29.02
CA ALA C 307 -4.23 -7.79 -28.77
C ALA C 307 -3.09 -6.92 -29.29
N TYR C 308 -1.88 -7.20 -28.83
CA TYR C 308 -0.70 -6.46 -29.28
C TYR C 308 0.01 -7.53 -30.06
N LEU C 309 0.33 -8.63 -29.38
CA LEU C 309 0.92 -9.75 -30.07
C LEU C 309 -0.33 -10.52 -30.47
N PRO C 310 -0.22 -11.42 -31.45
CA PRO C 310 -1.40 -12.18 -31.85
C PRO C 310 -2.16 -12.93 -30.74
N ALA C 311 -3.48 -12.84 -30.79
CA ALA C 311 -4.32 -13.53 -29.82
C ALA C 311 -3.88 -14.98 -29.87
N THR C 312 -3.89 -15.64 -28.72
CA THR C 312 -3.42 -17.00 -28.69
C THR C 312 -4.41 -18.01 -28.15
N PRO C 313 -4.85 -18.92 -29.03
CA PRO C 313 -5.82 -19.98 -28.71
C PRO C 313 -5.26 -20.93 -27.65
N ASP C 314 -6.08 -21.28 -26.66
CA ASP C 314 -5.67 -22.20 -25.62
C ASP C 314 -5.20 -23.49 -26.30
N PRO C 315 -3.91 -23.83 -26.15
CA PRO C 315 -3.37 -25.05 -26.79
C PRO C 315 -4.12 -26.31 -26.40
N ALA C 316 -4.57 -26.38 -25.16
CA ALA C 316 -5.29 -27.53 -24.64
C ALA C 316 -6.65 -27.76 -25.29
N SER C 317 -7.16 -26.76 -26.00
CA SER C 317 -8.47 -26.90 -26.64
C SER C 317 -8.34 -27.25 -28.13
N LEU C 318 -7.12 -27.19 -28.65
CA LEU C 318 -6.89 -27.52 -30.05
C LEU C 318 -7.16 -29.01 -30.25
N PRO C 319 -7.51 -29.42 -31.47
CA PRO C 319 -7.79 -30.83 -31.75
C PRO C 319 -6.51 -31.66 -31.74
N GLY C 320 -6.53 -32.73 -30.96
CA GLY C 320 -5.37 -33.61 -30.86
C GLY C 320 -4.21 -32.97 -30.11
N ALA C 321 -4.47 -32.55 -28.87
CA ALA C 321 -3.45 -31.93 -28.05
C ALA C 321 -3.27 -32.82 -26.83
N PRO C 322 -2.05 -32.86 -26.28
CA PRO C 322 -1.85 -33.72 -25.09
C PRO C 322 -2.66 -33.19 -23.92
N LYS C 323 -2.70 -33.96 -22.84
CA LYS C 323 -3.43 -33.56 -21.63
C LYS C 323 -2.53 -32.62 -20.83
N FME D 1 -25.60 -26.46 -11.56
CN FME D 1 -25.88 -26.32 -12.91
O1 FME D 1 -25.56 -25.23 -13.39
CA FME D 1 -26.11 -25.33 -10.79
CB FME D 1 -27.03 -25.84 -9.68
CG FME D 1 -28.36 -26.35 -10.21
SD FME D 1 -29.15 -27.29 -8.86
CE FME D 1 -28.96 -28.76 -9.81
C FME D 1 -24.98 -24.50 -10.18
O FME D 1 -23.84 -24.94 -10.10
N TYR D 2 -25.30 -23.28 -9.74
CA TYR D 2 -24.30 -22.41 -9.16
C TYR D 2 -24.63 -21.83 -7.81
N HIS D 3 -23.64 -21.81 -6.92
CA HIS D 3 -23.83 -21.23 -5.61
C HIS D 3 -23.94 -19.73 -5.84
N GLY D 4 -24.89 -19.09 -5.16
CA GLY D 4 -25.05 -17.66 -5.32
C GLY D 4 -25.97 -17.28 -6.45
N ALA D 5 -26.13 -18.16 -7.43
CA ALA D 5 -27.03 -17.89 -8.56
C ALA D 5 -28.48 -17.72 -8.10
N LEU D 6 -29.16 -16.74 -8.66
CA LEU D 6 -30.57 -16.51 -8.32
C LEU D 6 -31.37 -16.48 -9.62
N ALA D 7 -32.61 -16.01 -9.53
CA ALA D 7 -33.47 -15.93 -10.70
C ALA D 7 -32.86 -15.12 -11.84
N GLN D 8 -33.66 -14.21 -12.38
CA GLN D 8 -33.29 -13.34 -13.49
C GLN D 8 -31.79 -13.00 -13.57
N HIS D 9 -31.02 -13.83 -14.28
CA HIS D 9 -29.59 -13.65 -14.47
C HIS D 9 -28.94 -12.75 -13.39
N LEU D 10 -29.30 -12.97 -12.13
CA LEU D 10 -28.72 -12.18 -11.06
C LEU D 10 -28.25 -13.06 -9.92
N ASP D 11 -27.19 -12.61 -9.25
CA ASP D 11 -26.60 -13.35 -8.15
C ASP D 11 -26.50 -12.55 -6.85
N ILE D 12 -26.22 -13.26 -5.76
CA ILE D 12 -26.10 -12.66 -4.43
C ILE D 12 -25.13 -11.48 -4.41
N ALA D 13 -23.94 -11.68 -4.98
CA ALA D 13 -22.93 -10.64 -5.00
C ALA D 13 -23.47 -9.37 -5.62
N GLN D 14 -24.20 -9.53 -6.72
CA GLN D 14 -24.76 -8.40 -7.42
C GLN D 14 -25.76 -7.62 -6.57
N LEU D 15 -26.55 -8.33 -5.78
CA LEU D 15 -27.50 -7.63 -4.94
C LEU D 15 -26.73 -6.87 -3.87
N VAL D 16 -25.76 -7.55 -3.23
CA VAL D 16 -24.96 -6.93 -2.18
C VAL D 16 -24.28 -5.68 -2.73
N TRP D 17 -23.87 -5.74 -4.00
CA TRP D 17 -23.25 -4.60 -4.64
C TRP D 17 -24.14 -3.39 -4.52
N TYR D 18 -25.44 -3.56 -4.78
CA TYR D 18 -26.40 -2.47 -4.69
C TYR D 18 -26.64 -2.07 -3.24
N ALA D 19 -26.82 -3.07 -2.37
CA ALA D 19 -27.04 -2.80 -0.95
C ALA D 19 -25.90 -1.94 -0.43
N GLN D 20 -24.66 -2.34 -0.74
CA GLN D 20 -23.47 -1.63 -0.31
C GLN D 20 -23.59 -0.13 -0.61
N TRP D 21 -23.68 0.22 -1.89
CA TRP D 21 -23.80 1.62 -2.26
C TRP D 21 -24.96 2.30 -1.56
N LEU D 22 -26.02 1.54 -1.34
CA LEU D 22 -27.20 2.09 -0.70
C LEU D 22 -26.81 2.51 0.71
N VAL D 23 -26.24 1.58 1.46
CA VAL D 23 -25.79 1.84 2.82
C VAL D 23 -24.81 3.00 2.84
N ILE D 24 -23.82 2.95 1.98
CA ILE D 24 -22.84 4.02 1.94
C ILE D 24 -23.52 5.38 1.83
N TRP D 25 -24.18 5.64 0.70
CA TRP D 25 -24.86 6.92 0.50
C TRP D 25 -25.83 7.28 1.62
N THR D 26 -26.51 6.28 2.15
CA THR D 26 -27.45 6.54 3.23
C THR D 26 -26.66 7.23 4.35
N VAL D 27 -25.65 6.52 4.87
CA VAL D 27 -24.79 7.03 5.94
C VAL D 27 -24.16 8.37 5.59
N VAL D 28 -23.58 8.48 4.41
CA VAL D 28 -22.93 9.73 4.01
C VAL D 28 -23.84 10.94 3.92
N LEU D 29 -24.99 10.79 3.24
CA LEU D 29 -25.90 11.92 3.06
C LEU D 29 -26.86 12.13 4.22
N LEU D 30 -27.49 11.06 4.66
CA LEU D 30 -28.46 11.17 5.74
C LEU D 30 -27.87 11.35 7.13
N TYR D 31 -26.71 10.74 7.38
CA TYR D 31 -26.05 10.84 8.68
C TYR D 31 -24.92 11.86 8.72
N LEU D 32 -23.79 11.54 8.10
CA LEU D 32 -22.62 12.41 8.12
C LEU D 32 -22.86 13.87 7.74
N ARG D 33 -23.36 14.12 6.52
CA ARG D 33 -23.58 15.49 6.09
C ARG D 33 -24.53 16.21 7.03
N ARG D 34 -25.41 15.47 7.70
CA ARG D 34 -26.33 16.10 8.64
C ARG D 34 -25.46 16.61 9.79
N GLU D 35 -24.59 15.73 10.30
CA GLU D 35 -23.68 16.06 11.37
C GLU D 35 -22.74 17.22 10.96
N ASP D 36 -22.27 17.22 9.71
CA ASP D 36 -21.39 18.29 9.27
C ASP D 36 -22.08 19.61 9.48
N ARG D 37 -23.38 19.56 9.73
CA ARG D 37 -24.15 20.80 9.85
C ARG D 37 -24.51 21.29 11.24
N ARG D 38 -23.97 20.67 12.27
CA ARG D 38 -24.28 21.10 13.62
C ARG D 38 -23.60 22.42 14.02
N GLU D 39 -22.92 23.08 13.08
CA GLU D 39 -22.25 24.36 13.36
C GLU D 39 -22.34 25.27 12.16
N GLY D 40 -22.70 26.53 12.38
CA GLY D 40 -22.77 27.47 11.28
C GLY D 40 -24.09 27.49 10.55
N TYR D 41 -24.98 26.57 10.90
CA TYR D 41 -26.29 26.47 10.28
C TYR D 41 -27.41 26.87 11.25
N PRO D 42 -28.54 27.36 10.72
CA PRO D 42 -28.79 27.54 9.28
C PRO D 42 -28.01 28.70 8.68
N LEU D 43 -27.65 28.57 7.40
CA LEU D 43 -26.88 29.59 6.71
C LEU D 43 -27.49 30.97 6.84
N VAL D 44 -26.75 31.98 6.39
CA VAL D 44 -27.24 33.35 6.46
C VAL D 44 -27.14 34.02 5.09
N GLU D 45 -28.07 34.96 4.85
CA GLU D 45 -28.13 35.70 3.59
C GLU D 45 -29.02 36.92 3.80
N PRO D 46 -28.69 38.04 3.12
CA PRO D 46 -29.43 39.31 3.20
C PRO D 46 -30.91 39.30 2.77
N LEU D 47 -31.76 39.84 3.63
CA LEU D 47 -33.20 39.90 3.35
C LEU D 47 -33.60 41.31 2.90
N GLY D 48 -34.84 41.46 2.48
CA GLY D 48 -35.32 42.75 2.03
C GLY D 48 -36.79 42.98 2.31
N LEU D 49 -37.62 42.76 1.29
CA LEU D 49 -39.05 42.95 1.42
C LEU D 49 -39.68 41.89 2.31
N VAL D 50 -40.28 40.86 1.69
CA VAL D 50 -40.92 39.78 2.42
C VAL D 50 -40.18 38.47 2.19
N LYS D 51 -39.75 37.84 3.29
CA LYS D 51 -39.04 36.58 3.22
C LYS D 51 -38.91 35.98 4.62
N LEU D 52 -40.06 35.79 5.28
CA LEU D 52 -40.09 35.24 6.63
C LEU D 52 -40.84 33.91 6.67
N ALA D 53 -40.07 32.83 6.82
CA ALA D 53 -40.64 31.48 6.87
C ALA D 53 -39.55 30.42 7.05
N PRO D 54 -39.85 29.34 7.82
CA PRO D 54 -38.91 28.24 8.09
C PRO D 54 -38.03 27.75 6.93
N GLU D 55 -38.48 27.92 5.68
CA GLU D 55 -37.73 27.47 4.50
C GLU D 55 -37.44 25.97 4.58
N ASP D 56 -38.26 25.18 3.90
CA ASP D 56 -38.17 23.72 3.88
C ASP D 56 -36.78 23.09 3.95
N GLY D 57 -35.93 23.42 2.98
CA GLY D 57 -34.59 22.86 2.93
C GLY D 57 -33.79 22.98 4.21
N GLN D 58 -33.91 24.13 4.87
CA GLN D 58 -33.20 24.40 6.12
C GLN D 58 -33.61 23.52 7.29
N VAL D 59 -34.75 22.87 7.21
CA VAL D 59 -35.14 21.99 8.30
C VAL D 59 -34.68 20.59 7.97
N TYR D 60 -34.64 20.27 6.68
CA TYR D 60 -34.23 18.92 6.27
C TYR D 60 -32.74 18.61 6.42
N GLU D 61 -31.89 19.60 6.17
CA GLU D 61 -30.44 19.40 6.27
C GLU D 61 -29.94 19.27 7.71
N LEU D 62 -30.61 19.93 8.65
CA LEU D 62 -30.20 19.86 10.04
C LEU D 62 -30.54 18.54 10.70
N PRO D 63 -29.71 18.12 11.68
CA PRO D 63 -29.97 16.86 12.39
C PRO D 63 -30.70 17.24 13.68
N TYR D 64 -31.18 16.24 14.42
CA TYR D 64 -31.86 16.56 15.67
C TYR D 64 -30.86 17.13 16.64
N PRO D 65 -31.26 18.19 17.36
CA PRO D 65 -30.34 18.81 18.33
C PRO D 65 -29.81 17.81 19.34
N LYS D 66 -28.50 17.75 19.48
CA LYS D 66 -27.88 16.85 20.44
C LYS D 66 -27.44 17.77 21.59
N THR D 67 -27.41 17.23 22.80
CA THR D 67 -26.99 18.04 23.93
C THR D 67 -25.79 17.48 24.66
N PHE D 68 -24.76 18.33 24.79
CA PHE D 68 -23.53 17.98 25.48
C PHE D 68 -23.62 18.41 26.94
N VAL D 69 -23.60 17.45 27.86
CA VAL D 69 -23.61 17.83 29.26
C VAL D 69 -22.15 18.00 29.66
N LEU D 70 -21.75 19.25 29.84
CA LEU D 70 -20.38 19.60 30.20
C LEU D 70 -19.88 18.93 31.48
N PRO D 71 -18.56 18.63 31.53
CA PRO D 71 -17.88 17.98 32.65
C PRO D 71 -17.91 18.76 33.96
N HIS D 72 -17.94 20.09 33.86
CA HIS D 72 -17.95 20.91 35.06
C HIS D 72 -19.26 21.70 35.13
N GLY D 73 -20.37 20.98 34.97
CA GLY D 73 -21.68 21.60 35.03
C GLY D 73 -22.09 22.34 33.77
N GLY D 74 -23.39 22.33 33.49
CA GLY D 74 -23.88 23.02 32.32
C GLY D 74 -24.09 22.09 31.14
N THR D 75 -24.64 22.65 30.07
CA THR D 75 -24.90 21.89 28.86
C THR D 75 -24.80 22.79 27.65
N VAL D 76 -24.54 22.17 26.51
CA VAL D 76 -24.46 22.88 25.25
C VAL D 76 -25.27 22.04 24.27
N THR D 77 -26.16 22.69 23.54
CA THR D 77 -27.01 21.99 22.59
C THR D 77 -26.70 22.42 21.18
N VAL D 78 -26.46 21.45 20.31
CA VAL D 78 -26.16 21.74 18.93
C VAL D 78 -27.02 20.91 17.98
N PRO D 79 -27.35 21.49 16.82
CA PRO D 79 -26.91 22.84 16.46
C PRO D 79 -27.74 23.86 17.24
N ARG D 80 -27.49 25.13 17.00
CA ARG D 80 -28.26 26.17 17.69
C ARG D 80 -28.07 27.55 17.10
N ARG D 81 -28.83 28.50 17.62
CA ARG D 81 -28.76 29.88 17.16
C ARG D 81 -27.58 30.58 17.82
N ARG D 82 -26.50 30.73 17.05
CA ARG D 82 -25.30 31.41 17.53
C ARG D 82 -24.90 32.46 16.51
N PRO D 83 -25.68 33.54 16.40
CA PRO D 83 -25.39 34.62 15.46
C PRO D 83 -24.28 35.52 15.99
N GLU D 84 -23.53 36.11 15.08
CA GLU D 84 -22.43 37.00 15.45
C GLU D 84 -23.00 38.33 15.94
N THR D 85 -23.12 38.45 17.26
CA THR D 85 -23.65 39.67 17.88
C THR D 85 -22.75 40.86 17.55
N ARG D 86 -21.45 40.66 17.67
CA ARG D 86 -20.45 41.69 17.41
C ARG D 86 -20.70 42.56 16.18
N GLU D 87 -20.15 43.78 16.23
CA GLU D 87 -20.24 44.69 15.11
C GLU D 87 -18.89 44.55 14.42
N LEU D 88 -18.91 44.26 13.12
CA LEU D 88 -17.68 44.07 12.39
C LEU D 88 -17.28 45.32 11.62
N LYS D 89 -16.09 45.84 11.89
CA LYS D 89 -15.64 47.02 11.18
C LYS D 89 -15.20 46.64 9.77
N LEU D 90 -16.14 46.04 9.02
CA LEU D 90 -15.89 45.60 7.65
C LEU D 90 -16.87 46.29 6.70
N ALA D 91 -16.50 46.40 5.43
CA ALA D 91 -17.34 47.04 4.43
C ALA D 91 -17.23 46.32 3.09
N GLN D 92 -18.34 46.27 2.35
CA GLN D 92 -18.38 45.63 1.04
C GLN D 92 -17.43 46.35 0.06
N THR D 93 -16.77 45.59 -0.81
CA THR D 93 -15.86 46.18 -1.78
C THR D 93 -16.48 46.26 -3.18
N ASP D 94 -17.62 45.60 -3.38
CA ASP D 94 -18.31 45.61 -4.67
C ASP D 94 -19.72 45.02 -4.56
N GLY D 95 -20.27 44.59 -5.69
CA GLY D 95 -21.62 44.05 -5.73
C GLY D 95 -21.90 42.71 -5.07
N PHE D 96 -22.05 41.68 -5.90
CA PHE D 96 -22.35 40.32 -5.46
C PHE D 96 -21.79 39.91 -4.10
N GLU D 97 -22.38 38.87 -3.51
CA GLU D 97 -21.96 38.37 -2.21
C GLU D 97 -20.54 37.80 -2.27
N GLY D 98 -20.20 37.19 -3.39
CA GLY D 98 -18.88 36.61 -3.53
C GLY D 98 -17.79 37.65 -3.36
N ALA D 99 -18.19 38.92 -3.25
CA ALA D 99 -17.24 40.01 -3.08
C ALA D 99 -16.64 39.99 -1.68
N PRO D 100 -15.31 40.13 -1.58
CA PRO D 100 -14.68 40.12 -0.27
C PRO D 100 -14.94 41.40 0.52
N LEU D 101 -14.95 41.29 1.84
CA LEU D 101 -15.17 42.44 2.72
C LEU D 101 -13.84 43.13 2.94
N GLN D 102 -13.88 44.33 3.52
CA GLN D 102 -12.66 45.08 3.78
C GLN D 102 -12.67 45.78 5.12
N PRO D 103 -11.54 45.69 5.86
CA PRO D 103 -11.47 46.34 7.17
C PRO D 103 -11.55 47.85 7.02
N THR D 104 -12.50 48.47 7.70
CA THR D 104 -12.65 49.91 7.64
C THR D 104 -11.72 50.59 8.65
N GLY D 105 -11.53 49.94 9.80
CA GLY D 105 -10.67 50.49 10.82
C GLY D 105 -9.34 49.72 10.89
N ASN D 106 -8.96 49.34 12.10
CA ASN D 106 -7.73 48.58 12.30
C ASN D 106 -8.09 47.13 12.57
N PRO D 107 -7.93 46.27 11.56
CA PRO D 107 -8.22 44.83 11.62
C PRO D 107 -7.75 44.10 12.87
N LEU D 108 -6.55 44.45 13.35
CA LEU D 108 -6.04 43.78 14.54
C LEU D 108 -6.91 44.00 15.78
N VAL D 109 -7.25 45.25 16.05
CA VAL D 109 -8.08 45.57 17.20
C VAL D 109 -9.53 45.23 16.91
N ASP D 110 -9.97 45.58 15.70
CA ASP D 110 -11.34 45.32 15.28
C ASP D 110 -11.66 43.82 15.32
N ALA D 111 -10.64 43.01 15.15
CA ALA D 111 -10.77 41.55 15.17
C ALA D 111 -11.58 41.01 14.00
N VAL D 112 -11.15 41.35 12.79
CA VAL D 112 -11.81 40.89 11.60
C VAL D 112 -10.81 40.09 10.79
N GLY D 113 -11.28 39.44 9.73
CA GLY D 113 -10.40 38.65 8.90
C GLY D 113 -9.62 37.63 9.70
N PRO D 114 -8.31 37.49 9.43
CA PRO D 114 -7.46 36.54 10.14
C PRO D 114 -7.42 36.85 11.63
N ALA D 115 -7.69 38.10 11.97
CA ALA D 115 -7.67 38.55 13.35
C ALA D 115 -8.97 38.24 14.07
N SER D 116 -9.94 37.68 13.35
CA SER D 116 -11.24 37.35 13.93
C SER D 116 -11.14 36.28 15.00
N TYR D 117 -11.93 36.42 16.05
CA TYR D 117 -11.93 35.40 17.09
C TYR D 117 -13.36 34.91 17.24
N ALA D 118 -13.52 33.67 17.71
CA ALA D 118 -14.84 33.11 17.90
C ALA D 118 -15.41 33.62 19.20
N GLU D 119 -16.72 33.75 19.27
CA GLU D 119 -17.35 34.23 20.48
C GLU D 119 -17.49 33.05 21.44
N ARG D 120 -16.35 32.52 21.88
CA ARG D 120 -16.35 31.39 22.80
C ARG D 120 -16.85 31.82 24.17
N ALA D 121 -17.03 30.85 25.05
CA ALA D 121 -17.50 31.12 26.41
C ALA D 121 -16.50 32.02 27.11
N GLU D 122 -16.98 32.93 27.95
CA GLU D 122 -16.07 33.77 28.69
C GLU D 122 -15.81 33.05 30.01
N VAL D 123 -15.38 31.79 29.89
CA VAL D 123 -15.06 30.97 31.06
C VAL D 123 -13.65 30.40 30.93
N VAL D 124 -13.09 30.02 32.07
CA VAL D 124 -11.74 29.48 32.13
C VAL D 124 -11.76 27.98 31.88
N ASP D 125 -11.07 27.54 30.83
CA ASP D 125 -11.03 26.11 30.55
C ASP D 125 -10.43 25.42 31.77
N ALA D 126 -11.16 24.46 32.32
CA ALA D 126 -10.73 23.75 33.53
C ALA D 126 -9.99 22.44 33.27
N THR D 127 -9.44 21.87 34.34
CA THR D 127 -8.73 20.62 34.28
C THR D 127 -9.73 19.57 34.70
N VAL D 128 -9.40 18.29 34.53
CA VAL D 128 -10.34 17.23 34.86
C VAL D 128 -10.98 17.45 36.21
N ASP D 129 -10.36 18.32 37.02
CA ASP D 129 -10.90 18.63 38.34
C ASP D 129 -10.96 20.13 38.66
N GLY D 130 -11.82 20.83 37.95
CA GLY D 130 -12.05 22.25 38.15
C GLY D 130 -10.93 23.26 38.23
N LYS D 131 -9.67 22.84 38.27
CA LYS D 131 -8.60 23.82 38.35
C LYS D 131 -8.44 24.50 37.00
N ALA D 132 -7.90 25.71 36.99
CA ALA D 132 -7.70 26.40 35.72
C ALA D 132 -6.71 25.59 34.89
N LYS D 133 -7.09 25.23 33.67
CA LYS D 133 -6.26 24.44 32.75
C LYS D 133 -5.00 25.20 32.34
N ILE D 134 -5.17 26.37 31.73
CA ILE D 134 -4.03 27.16 31.26
C ILE D 134 -3.64 28.25 32.27
N VAL D 135 -2.49 28.05 32.91
CA VAL D 135 -2.02 28.98 33.93
C VAL D 135 -0.53 29.26 33.77
N PRO D 136 -0.07 30.44 34.25
CA PRO D 136 1.35 30.79 34.16
C PRO D 136 2.14 30.01 35.24
N LEU D 137 3.40 29.70 34.95
CA LEU D 137 4.21 28.92 35.89
C LEU D 137 4.26 29.52 37.29
N ARG D 138 4.20 30.85 37.37
CA ARG D 138 4.21 31.55 38.65
C ARG D 138 3.12 30.95 39.54
N VAL D 139 2.16 30.26 38.91
CA VAL D 139 1.06 29.62 39.62
C VAL D 139 1.24 28.11 39.55
N ALA D 140 1.66 27.64 38.38
CA ALA D 140 1.88 26.22 38.15
C ALA D 140 3.18 25.81 38.83
N THR D 141 3.17 25.92 40.16
CA THR D 141 4.31 25.60 41.01
C THR D 141 4.99 24.27 40.70
N ASP D 142 4.20 23.20 40.68
CA ASP D 142 4.74 21.87 40.42
C ASP D 142 5.08 21.57 38.96
N PHE D 143 4.97 22.58 38.10
CA PHE D 143 5.32 22.40 36.71
C PHE D 143 6.63 23.10 36.43
N SER D 144 7.42 22.52 35.54
CA SER D 144 8.72 23.09 35.21
C SER D 144 9.13 22.83 33.78
N ILE D 145 10.15 23.56 33.35
CA ILE D 145 10.69 23.41 32.01
C ILE D 145 11.57 22.17 32.02
N ALA D 146 11.43 21.33 31.00
CA ALA D 146 12.24 20.11 30.94
C ALA D 146 13.73 20.47 30.80
N GLU D 147 14.56 19.80 31.59
CA GLU D 147 16.01 20.02 31.58
C GLU D 147 16.55 19.82 30.18
N GLY D 148 17.19 20.86 29.65
CA GLY D 148 17.75 20.75 28.32
C GLY D 148 17.09 21.74 27.37
N ASP D 149 15.87 22.12 27.69
CA ASP D 149 15.13 23.07 26.85
C ASP D 149 15.32 24.48 27.37
N VAL D 150 15.29 25.44 26.45
CA VAL D 150 15.44 26.84 26.80
C VAL D 150 14.44 27.26 27.86
N ASP D 151 14.81 28.25 28.66
CA ASP D 151 13.95 28.81 29.68
C ASP D 151 13.88 30.25 29.18
N PRO D 152 12.86 30.57 28.37
CA PRO D 152 12.70 31.91 27.82
C PRO D 152 12.59 33.02 28.86
N ARG D 153 12.25 32.65 30.09
CA ARG D 153 12.12 33.63 31.16
C ARG D 153 13.37 34.48 31.28
N GLY D 154 13.26 35.74 30.88
CA GLY D 154 14.39 36.65 30.94
C GLY D 154 14.80 37.06 29.54
N LEU D 155 14.76 36.10 28.62
CA LEU D 155 15.12 36.35 27.23
C LEU D 155 14.21 37.39 26.58
N PRO D 156 14.77 38.24 25.71
CA PRO D 156 13.99 39.29 25.03
C PRO D 156 13.18 38.73 23.87
N VAL D 157 12.14 39.46 23.47
CA VAL D 157 11.29 39.04 22.37
C VAL D 157 11.45 40.05 21.24
N VAL D 158 12.04 39.61 20.13
CA VAL D 158 12.24 40.47 18.97
C VAL D 158 11.03 40.33 18.06
N ALA D 159 10.55 41.45 17.54
CA ALA D 159 9.40 41.44 16.66
C ALA D 159 9.81 41.40 15.18
N ALA D 160 8.82 41.40 14.29
CA ALA D 160 9.06 41.35 12.86
C ALA D 160 10.01 42.41 12.36
N ASP D 161 9.79 43.65 12.79
CA ASP D 161 10.63 44.77 12.39
C ASP D 161 12.00 44.71 13.04
N GLY D 162 12.33 43.56 13.62
CA GLY D 162 13.61 43.41 14.26
C GLY D 162 13.79 44.52 15.27
N VAL D 163 13.46 44.24 16.52
CA VAL D 163 13.57 45.23 17.59
C VAL D 163 12.98 44.61 18.83
N GLU D 164 13.69 44.74 19.94
CA GLU D 164 13.22 44.18 21.20
C GLU D 164 11.86 44.77 21.48
N ALA D 165 10.93 43.93 21.94
CA ALA D 165 9.58 44.40 22.22
C ALA D 165 9.22 44.13 23.67
N GLY D 166 9.96 43.24 24.29
CA GLY D 166 9.69 42.91 25.68
C GLY D 166 10.49 41.74 26.17
N THR D 167 10.25 41.35 27.42
CA THR D 167 10.98 40.25 28.02
C THR D 167 10.04 39.15 28.47
N VAL D 168 10.39 37.91 28.17
CA VAL D 168 9.54 36.83 28.57
C VAL D 168 9.51 36.76 30.09
N THR D 169 8.37 37.11 30.65
CA THR D 169 8.16 37.07 32.09
C THR D 169 7.85 35.66 32.54
N ASP D 170 6.89 35.01 31.89
CA ASP D 170 6.52 33.66 32.30
C ASP D 170 6.08 32.76 31.13
N LEU D 171 5.71 31.54 31.47
CA LEU D 171 5.22 30.55 30.51
C LEU D 171 3.91 29.99 31.03
N TRP D 172 2.85 30.05 30.23
CA TRP D 172 1.58 29.48 30.67
C TRP D 172 1.54 28.03 30.20
N VAL D 173 1.33 27.13 31.15
CA VAL D 173 1.30 25.70 30.86
C VAL D 173 -0.12 25.15 30.91
N ASP D 174 -0.33 24.07 30.18
CA ASP D 174 -1.61 23.38 30.14
C ASP D 174 -1.44 22.27 31.17
N ARG D 175 -2.14 22.40 32.29
CA ARG D 175 -2.03 21.39 33.35
C ARG D 175 -2.73 20.08 33.02
N SER D 176 -3.44 20.06 31.90
CA SER D 176 -4.17 18.87 31.48
C SER D 176 -3.33 18.08 30.48
N GLU D 177 -2.51 18.79 29.73
CA GLU D 177 -1.68 18.17 28.70
C GLU D 177 -0.19 18.24 29.01
N HIS D 178 0.19 19.12 29.93
CA HIS D 178 1.60 19.30 30.27
C HIS D 178 2.25 19.81 29.00
N TYR D 179 1.72 20.90 28.47
CA TYR D 179 2.23 21.46 27.24
C TYR D 179 2.21 22.97 27.37
N PHE D 180 3.34 23.63 27.10
CA PHE D 180 3.37 25.07 27.19
C PHE D 180 2.64 25.66 26.00
N ARG D 181 1.61 26.45 26.27
CA ARG D 181 0.83 27.05 25.21
C ARG D 181 1.14 28.53 24.95
N TYR D 182 1.32 29.32 26.00
CA TYR D 182 1.65 30.73 25.79
C TYR D 182 2.89 31.20 26.53
N LEU D 183 3.51 32.26 26.01
CA LEU D 183 4.67 32.87 26.64
C LEU D 183 4.19 34.24 27.08
N GLU D 184 4.35 34.56 28.36
CA GLU D 184 3.96 35.88 28.84
C GLU D 184 5.21 36.76 28.78
N LEU D 185 5.06 37.94 28.20
CA LEU D 185 6.17 38.87 28.08
C LEU D 185 5.75 40.25 28.53
N SER D 186 6.71 41.02 29.02
CA SER D 186 6.45 42.37 29.46
C SER D 186 6.57 43.21 28.20
N VAL D 187 5.60 44.09 27.96
CA VAL D 187 5.66 44.91 26.77
C VAL D 187 6.48 46.15 27.07
N ALA D 188 7.70 46.16 26.57
CA ALA D 188 8.61 47.28 26.78
C ALA D 188 7.99 48.60 26.35
N GLY D 189 8.02 49.58 27.25
CA GLY D 189 7.48 50.89 26.93
C GLY D 189 6.11 51.15 27.51
N SER D 190 5.30 50.12 27.60
CA SER D 190 3.96 50.27 28.14
C SER D 190 3.73 49.25 29.24
N ALA D 191 4.04 49.64 30.47
CA ALA D 191 3.89 48.76 31.62
C ALA D 191 2.61 47.94 31.54
N ARG D 192 2.78 46.68 31.15
CA ARG D 192 1.69 45.71 31.01
C ARG D 192 2.24 44.47 30.34
N THR D 193 1.72 43.31 30.72
CA THR D 193 2.18 42.07 30.13
C THR D 193 1.21 41.67 29.03
N ALA D 194 1.65 40.78 28.14
CA ALA D 194 0.83 40.31 27.04
C ALA D 194 1.18 38.85 26.81
N LEU D 195 0.21 38.06 26.35
CA LEU D 195 0.49 36.67 26.06
C LEU D 195 0.69 36.53 24.55
N ILE D 196 1.40 35.48 24.17
CA ILE D 196 1.64 35.19 22.78
C ILE D 196 1.67 33.67 22.69
N PRO D 197 0.86 33.10 21.79
CA PRO D 197 0.85 31.64 21.67
C PRO D 197 2.24 31.15 21.25
N LEU D 198 2.70 30.10 21.91
CA LEU D 198 4.01 29.56 21.59
C LEU D 198 4.15 29.40 20.08
N GLY D 199 3.08 28.95 19.43
CA GLY D 199 3.10 28.73 18.00
C GLY D 199 3.56 29.92 17.18
N PHE D 200 3.54 31.11 17.77
CA PHE D 200 3.98 32.31 17.07
C PHE D 200 5.41 32.67 17.44
N CYS D 201 5.98 31.84 18.32
CA CYS D 201 7.32 32.04 18.82
C CYS D 201 8.38 31.13 18.22
N ASP D 202 9.49 31.72 17.84
CA ASP D 202 10.63 30.98 17.32
C ASP D 202 11.61 31.01 18.49
N VAL D 203 11.48 30.04 19.39
CA VAL D 203 12.29 29.96 20.58
C VAL D 203 13.78 29.65 20.41
N LYS D 204 14.60 30.69 20.48
CA LYS D 204 16.05 30.59 20.36
C LYS D 204 16.70 30.48 21.77
N LYS D 205 18.04 30.49 21.81
CA LYS D 205 18.75 30.40 23.08
C LYS D 205 18.88 31.77 23.73
N ASP D 206 19.13 32.79 22.91
CA ASP D 206 19.30 34.13 23.40
C ASP D 206 18.10 35.05 23.20
N LYS D 207 17.22 34.69 22.27
CA LYS D 207 16.05 35.52 22.02
C LYS D 207 14.84 34.71 21.57
N ILE D 208 13.69 35.40 21.47
CA ILE D 208 12.44 34.80 21.03
C ILE D 208 12.00 35.66 19.83
N VAL D 209 12.09 35.09 18.62
CA VAL D 209 11.70 35.84 17.44
C VAL D 209 10.20 35.66 17.15
N VAL D 210 9.55 36.78 16.86
CA VAL D 210 8.13 36.82 16.57
C VAL D 210 7.90 37.58 15.27
N THR D 211 7.78 36.85 14.17
CA THR D 211 7.58 37.46 12.86
C THR D 211 6.14 37.86 12.56
N SER D 212 5.18 37.28 13.27
CA SER D 212 3.78 37.60 13.02
C SER D 212 3.47 39.10 13.06
N ILE D 213 3.79 39.76 14.17
CA ILE D 213 3.52 41.19 14.28
C ILE D 213 4.76 42.06 14.49
N LEU D 214 4.57 43.36 14.43
CA LEU D 214 5.65 44.32 14.61
C LEU D 214 5.75 44.67 16.11
N SER D 215 6.91 45.19 16.50
CA SER D 215 7.14 45.57 17.90
C SER D 215 6.05 46.47 18.47
N GLU D 216 5.72 47.54 17.75
CA GLU D 216 4.68 48.47 18.20
C GLU D 216 3.36 47.78 18.47
N GLN D 217 2.88 47.02 17.49
CA GLN D 217 1.61 46.31 17.59
C GLN D 217 1.45 45.46 18.86
N PHE D 218 2.55 45.23 19.58
CA PHE D 218 2.50 44.44 20.80
C PHE D 218 1.68 45.06 21.92
N ALA D 219 1.46 46.37 21.85
CA ALA D 219 0.71 47.08 22.86
C ALA D 219 -0.80 46.83 22.78
N ASN D 220 -1.29 46.65 21.56
CA ASN D 220 -2.71 46.42 21.33
C ASN D 220 -3.14 44.98 21.54
N VAL D 221 -2.19 44.11 21.88
CA VAL D 221 -2.55 42.72 22.13
C VAL D 221 -3.63 42.70 23.20
N PRO D 222 -4.75 42.03 22.92
CA PRO D 222 -5.85 41.96 23.90
C PRO D 222 -5.36 41.64 25.32
N ARG D 223 -6.03 42.23 26.30
CA ARG D 223 -5.69 42.05 27.71
C ARG D 223 -6.60 41.03 28.38
N LEU D 224 -6.14 40.43 29.47
CA LEU D 224 -6.93 39.44 30.18
C LEU D 224 -7.61 40.08 31.39
N GLN D 225 -8.74 39.52 31.83
CA GLN D 225 -9.43 40.06 32.99
C GLN D 225 -8.55 39.81 34.19
N SER D 226 -8.12 38.56 34.34
CA SER D 226 -7.22 38.19 35.42
C SER D 226 -5.79 38.29 34.93
N ARG D 227 -4.87 37.83 35.76
CA ARG D 227 -3.45 37.89 35.44
C ARG D 227 -2.90 36.49 35.45
N ASP D 228 -3.55 35.62 36.22
CA ASP D 228 -3.12 34.24 36.36
C ASP D 228 -4.22 33.29 35.91
N GLN D 229 -5.07 33.79 35.01
CA GLN D 229 -6.19 33.04 34.46
C GLN D 229 -6.49 33.54 33.08
N ILE D 230 -7.08 32.68 32.26
CA ILE D 230 -7.47 33.08 30.93
C ILE D 230 -8.74 32.32 30.50
N THR D 231 -9.65 33.00 29.84
CA THR D 231 -10.90 32.39 29.38
C THR D 231 -10.78 32.03 27.90
N LEU D 232 -11.44 30.94 27.51
CA LEU D 232 -11.41 30.49 26.12
C LEU D 232 -11.53 31.64 25.13
N ARG D 233 -12.48 32.54 25.36
CA ARG D 233 -12.62 33.65 24.45
C ARG D 233 -11.34 34.47 24.41
N GLU D 234 -10.72 34.64 25.56
CA GLU D 234 -9.49 35.42 25.63
C GLU D 234 -8.39 34.71 24.85
N GLU D 235 -8.35 33.38 24.95
CA GLU D 235 -7.36 32.61 24.22
C GLU D 235 -7.54 32.86 22.74
N ASP D 236 -8.79 33.04 22.32
CA ASP D 236 -9.09 33.30 20.93
C ASP D 236 -8.67 34.71 20.55
N LYS D 237 -9.02 35.68 21.39
CA LYS D 237 -8.66 37.06 21.12
C LYS D 237 -7.15 37.18 20.98
N VAL D 238 -6.43 36.55 21.91
CA VAL D 238 -4.97 36.60 21.90
C VAL D 238 -4.40 35.94 20.64
N SER D 239 -4.71 34.67 20.43
CA SER D 239 -4.23 33.94 19.25
C SER D 239 -4.61 34.67 17.97
N ALA D 240 -5.89 35.02 17.85
CA ALA D 240 -6.41 35.72 16.69
C ALA D 240 -5.61 36.97 16.37
N TYR D 241 -5.19 37.67 17.42
CA TYR D 241 -4.43 38.91 17.26
C TYR D 241 -3.21 38.70 16.40
N TYR D 242 -2.38 37.73 16.77
CA TYR D 242 -1.15 37.44 16.04
C TYR D 242 -1.43 36.95 14.63
N ALA D 243 -2.40 36.05 14.49
CA ALA D 243 -2.78 35.49 13.19
C ALA D 243 -3.11 36.62 12.21
N GLY D 244 -3.86 37.62 12.68
CA GLY D 244 -4.20 38.74 11.81
C GLY D 244 -2.94 39.48 11.39
N GLY D 245 -1.89 39.34 12.19
CA GLY D 245 -0.65 40.01 11.86
C GLY D 245 -0.09 39.46 10.58
N LEU D 246 -0.26 38.16 10.38
CA LEU D 246 0.24 37.47 9.19
C LEU D 246 -0.25 38.11 7.89
N LEU D 247 -1.41 38.74 7.95
CA LEU D 247 -1.97 39.38 6.77
C LEU D 247 -1.97 40.89 6.90
N TYR D 248 -2.14 41.39 8.12
CA TYR D 248 -2.21 42.83 8.35
C TYR D 248 -1.01 43.51 9.03
N ALA D 249 -0.11 42.74 9.63
CA ALA D 249 1.05 43.32 10.30
C ALA D 249 1.54 44.57 9.58
N THR D 250 1.62 44.48 8.26
CA THR D 250 2.05 45.62 7.47
C THR D 250 1.17 45.65 6.22
N PRO D 251 1.30 46.70 5.41
CA PRO D 251 0.49 46.83 4.19
C PRO D 251 0.70 45.70 3.17
N GLU D 252 1.96 45.42 2.84
CA GLU D 252 2.29 44.39 1.85
C GLU D 252 1.90 42.98 2.29
N ARG D 253 1.75 42.77 3.59
CA ARG D 253 1.38 41.44 4.11
C ARG D 253 0.08 40.93 3.52
N ALA D 254 -0.76 41.84 3.04
CA ALA D 254 -2.06 41.49 2.48
C ALA D 254 -2.10 41.44 0.95
N GLU D 255 -1.09 42.01 0.31
CA GLU D 255 -1.07 42.02 -1.15
C GLU D 255 -0.51 40.73 -1.76
N SER D 256 -0.57 40.65 -3.08
CA SER D 256 -0.08 39.49 -3.82
C SER D 256 1.43 39.34 -3.72
N LEU D 257 1.89 38.21 -3.21
CA LEU D 257 3.33 37.98 -3.10
C LEU D 257 3.95 38.02 -4.50
N LEU D 258 4.03 36.85 -5.15
CA LEU D 258 4.59 36.78 -6.49
C LEU D 258 3.66 37.43 -7.51
CHA HEM E . 29.45 -45.30 -32.02
CHB HEM E . 33.63 -43.02 -32.99
CHC HEM E . 32.91 -40.04 -29.26
CHD HEM E . 28.79 -42.37 -28.22
C1A HEM E . 30.71 -45.01 -32.54
C2A HEM E . 31.40 -45.77 -33.56
C3A HEM E . 32.52 -45.10 -33.87
C4A HEM E . 32.60 -43.96 -33.00
CMA HEM E . 33.50 -45.54 -34.96
CAA HEM E . 30.94 -47.06 -34.22
CBA HEM E . 31.54 -48.33 -33.64
CGA HEM E . 30.65 -49.53 -33.87
O1A HEM E . 29.57 -49.59 -33.25
O2A HEM E . 31.03 -50.40 -34.66
C1B HEM E . 33.79 -41.98 -32.08
C2B HEM E . 34.80 -40.96 -32.17
C3B HEM E . 34.60 -40.11 -31.13
C4B HEM E . 33.47 -40.64 -30.38
CMB HEM E . 35.91 -40.81 -33.21
CAB HEM E . 35.29 -38.82 -30.67
CBB HEM E . 35.64 -37.86 -31.80
C1C HEM E . 31.74 -40.44 -28.62
C2C HEM E . 31.27 -39.90 -27.37
C3C HEM E . 30.16 -40.61 -27.03
C4C HEM E . 29.90 -41.53 -28.12
CMC HEM E . 31.92 -38.78 -26.57
CAC HEM E . 29.28 -40.64 -25.80
CBC HEM E . 28.67 -39.29 -25.46
C1D HEM E . 28.57 -43.31 -29.22
C2D HEM E . 27.35 -44.07 -29.37
C3D HEM E . 27.48 -44.81 -30.50
C4D HEM E . 28.84 -44.62 -30.96
CMD HEM E . 26.11 -44.05 -28.49
CAD HEM E . 26.32 -45.61 -31.09
CBD HEM E . 25.65 -44.95 -32.29
CGD HEM E . 24.32 -45.61 -32.66
O1D HEM E . 23.76 -45.29 -33.73
O2D HEM E . 23.82 -46.44 -31.87
NA HEM E . 31.53 -43.97 -32.12
NB HEM E . 32.96 -41.75 -31.01
NC HEM E . 30.93 -41.47 -29.04
ND HEM E . 29.43 -43.59 -30.25
FE HEM E . 31.20 -42.71 -30.60
CHA HEM F . 23.10 -37.48 -19.42
CHB HEM F . 24.85 -37.59 -23.91
CHC HEM F . 21.40 -34.53 -25.35
CHD HEM F . 19.91 -34.10 -20.75
C1A HEM F . 23.93 -37.73 -20.50
C2A HEM F . 25.09 -38.58 -20.48
C3A HEM F . 25.54 -38.66 -21.76
C4A HEM F . 24.74 -37.76 -22.55
CMA HEM F . 26.68 -39.52 -22.29
CAA HEM F . 25.75 -39.28 -19.31
CBA HEM F . 26.35 -38.31 -18.30
CGA HEM F . 26.97 -39.02 -17.12
O1A HEM F . 28.03 -39.64 -17.30
O2A HEM F . 26.38 -38.98 -16.01
C1B HEM F . 24.06 -36.79 -24.70
C2B HEM F . 24.18 -36.66 -26.12
C3B HEM F . 23.18 -35.87 -26.55
C4B HEM F . 22.47 -35.43 -25.36
CMB HEM F . 25.25 -37.32 -26.99
CAB HEM F . 22.77 -35.39 -27.94
CBB HEM F . 22.63 -36.57 -28.88
C1C HEM F . 20.71 -34.12 -24.22
C2C HEM F . 19.67 -33.12 -24.19
C3C HEM F . 19.37 -32.91 -22.89
C4C HEM F . 20.07 -33.89 -22.12
CMC HEM F . 19.00 -32.40 -25.35
CAC HEM F . 18.51 -31.90 -22.14
CBC HEM F . 17.05 -32.02 -22.61
C1D HEM F . 20.66 -34.97 -19.98
C2D HEM F . 20.39 -35.28 -18.59
C3D HEM F . 21.16 -36.35 -18.28
C4D HEM F . 22.05 -36.57 -19.39
CMD HEM F . 19.42 -34.57 -17.65
CAD HEM F . 21.00 -37.12 -16.98
CBD HEM F . 22.01 -36.74 -15.92
CGD HEM F . 23.40 -37.26 -16.22
O1D HEM F . 23.55 -38.49 -16.38
O2D HEM F . 24.34 -36.44 -16.31
NA HEM F . 23.80 -37.15 -21.74
NB HEM F . 23.01 -36.03 -24.25
NC HEM F . 20.97 -34.55 -22.93
ND HEM F . 21.69 -35.76 -20.45
FE HEM F . 22.37 -35.84 -22.33
CHA HEM G . -0.88 -20.99 -16.19
CHB HEM G . 0.24 -17.33 -13.22
CHC HEM G . 4.33 -16.58 -15.65
CHD HEM G . 2.90 -19.83 -18.96
C1A HEM G . -0.91 -20.07 -15.14
C2A HEM G . -1.91 -20.02 -14.11
C3A HEM G . -1.62 -18.96 -13.32
C4A HEM G . -0.43 -18.37 -13.83
CMA HEM G . -2.40 -18.42 -12.13
CAA HEM G . -3.11 -20.94 -13.98
CBA HEM G . -4.30 -20.29 -14.64
CGA HEM G . -5.44 -21.26 -14.86
O1A HEM G . -5.96 -21.79 -13.86
O2A HEM G . -5.79 -21.49 -16.03
C1B HEM G . 1.45 -16.80 -13.62
C2B HEM G . 2.17 -15.75 -12.93
C3B HEM G . 3.40 -15.68 -13.50
C4B HEM G . 3.35 -16.52 -14.68
CMB HEM G . 1.69 -14.90 -11.76
CAB HEM G . 4.66 -14.95 -13.08
CBB HEM G . 5.01 -15.26 -11.63
C1C HEM G . 4.28 -17.38 -16.78
C2C HEM G . 5.19 -17.27 -17.90
C3C HEM G . 4.71 -18.06 -18.88
C4C HEM G . 3.59 -18.80 -18.32
CMC HEM G . 6.45 -16.38 -17.96
CAC HEM G . 5.11 -18.23 -20.34
CBC HEM G . 6.59 -18.53 -20.61
C1D HEM G . 1.76 -20.47 -18.47
C2D HEM G . 1.15 -21.64 -19.06
C3D HEM G . 0.10 -21.97 -18.28
C4D HEM G . 0.06 -21.02 -17.20
CMD HEM G . 1.59 -22.40 -20.32
CAD HEM G . -0.86 -23.14 -18.48
CBD HEM G . -0.12 -24.41 -18.13
CGD HEM G . -0.96 -25.65 -18.30
O1D HEM G . -0.45 -26.74 -18.01
O2D HEM G . -2.14 -25.53 -18.71
NA HEM G . -0.01 -19.04 -14.96
NB HEM G . 2.17 -17.23 -14.71
NC HEM G . 3.28 -18.28 -17.08
ND HEM G . 1.12 -20.14 -17.30
FE HEM G . 1.62 -18.67 -16.02
CHA HEM H . 11.29 -21.74 -26.78
CHB HEM H . 9.08 -22.00 -22.50
CHC HEM H . 11.48 -26.06 -21.50
CHD HEM H . 13.88 -25.70 -25.67
C1A HEM H . 10.45 -21.46 -25.72
C2A HEM H . 9.54 -20.35 -25.63
C3A HEM H . 8.99 -20.38 -24.39
C4A HEM H . 9.48 -21.56 -23.75
CMA HEM H . 8.05 -19.39 -23.75
CAA HEM H . 9.21 -19.29 -26.63
CBA HEM H . 10.34 -18.31 -26.66
CGA HEM H . 10.05 -17.10 -27.51
O1A HEM H . 9.26 -17.23 -28.46
O2A HEM H . 10.63 -16.02 -27.23
C1B HEM H . 9.55 -23.12 -21.85
C2B HEM H . 9.13 -23.55 -20.54
C3B HEM H . 9.71 -24.74 -20.32
C4B HEM H . 10.62 -24.99 -21.41
CMB HEM H . 8.21 -22.80 -19.60
CAB HEM H . 9.59 -25.79 -19.20
CBB HEM H . 8.14 -26.27 -19.03
C1C HEM H . 12.38 -26.30 -22.53
C2C HEM H . 13.31 -27.40 -22.58
C3C HEM H . 14.02 -27.26 -23.71
C4C HEM H . 13.50 -26.11 -24.40
CMC HEM H . 13.44 -28.52 -21.56
CAC HEM H . 15.18 -28.08 -24.31
CBC HEM H . 14.68 -29.52 -24.54
C1D HEM H . 13.36 -24.61 -26.36
C2D HEM H . 13.72 -24.23 -27.71
C3D HEM H . 13.06 -23.10 -28.00
C4D HEM H . 12.20 -22.80 -26.86
CMD HEM H . 14.72 -24.94 -28.62
CAD HEM H . 13.35 -22.34 -29.28
CBD HEM H . 12.16 -21.72 -29.97
CGD HEM H . 12.52 -20.43 -30.70
O1D HEM H . 11.58 -19.65 -31.00
O2D HEM H . 13.71 -20.21 -31.00
NA HEM H . 10.39 -22.20 -24.55
NB HEM H . 10.50 -23.98 -22.34
NC HEM H . 12.53 -25.51 -23.65
ND HEM H . 12.39 -23.74 -25.87
FE HEM H . 11.47 -23.85 -24.13
MG BCB I . 0.32 -2.31 -4.03
CHA BCB I . 1.64 0.79 -4.83
CHB BCB I . -0.99 -1.00 -1.12
CHC BCB I . -0.81 -5.39 -3.24
CHD BCB I . 1.18 -3.40 -7.19
NA BCB I . 0.33 -0.37 -3.10
C1A BCB I . 0.98 0.76 -3.59
C2A BCB I . 0.77 1.92 -2.62
C3A BCB I . -0.20 1.40 -1.62
C4A BCB I . -0.32 -0.08 -1.91
CMA BCB I . 0.28 1.67 -0.21
CAA BCB I . 0.16 3.22 -3.12
CBA BCB I . 0.61 3.77 -4.44
CGA BCB I . -0.42 4.69 -4.95
O1A BCB I . -1.61 4.42 -4.74
O2A BCB I . -0.31 5.85 -5.65
NB BCB I . -0.78 -3.04 -2.51
C1B BCB I . -1.17 -2.35 -1.38
C2B BCB I . -1.75 -3.28 -0.44
C3B BCB I . -1.70 -4.52 -1.00
C4B BCB I . -1.04 -4.37 -2.30
CMB BCB I . -2.35 -2.83 0.89
CAB BCB I . -2.20 -5.81 -0.59
OBB BCB I . -1.91 -6.90 -1.10
CBB BCB I . -3.05 -5.80 0.66
NC BCB I . 0.06 -4.05 -5.13
C1C BCB I . -0.33 -5.24 -4.54
C2C BCB I . -0.25 -6.33 -5.59
C3C BCB I . 0.26 -5.66 -6.82
C4C BCB I . 0.52 -4.33 -6.42
CMC BCB I . 0.74 -7.40 -5.17
CAC BCB I . 0.34 -6.13 -8.10
CBC BCB I . -0.15 -7.57 -8.44
ND BCB I . 1.11 -1.52 -5.67
C1D BCB I . 1.49 -2.10 -6.86
C2D BCB I . 2.23 -1.17 -7.68
C3D BCB I . 2.34 -0.04 -6.93
C4D BCB I . 1.63 -0.26 -5.70
CMD BCB I . 2.76 -1.50 -9.08
CAD BCB I . 2.88 1.29 -6.84
OBD BCB I . 3.50 1.96 -7.66
CBD BCB I . 2.52 1.86 -5.46
CGD BCB I . 3.82 1.83 -4.64
O1D BCB I . 3.81 2.58 -3.63
O2D BCB I . 4.94 1.00 -4.97
CED BCB I . 5.36 0.36 -3.82
C1 BCB I . -1.47 6.19 -6.48
C2 BCB I . -2.28 7.14 -5.78
C3 BCB I . -2.17 8.45 -6.22
C4 BCB I . -1.13 8.87 -7.31
C5 BCB I . -3.18 9.55 -5.82
C6 BCB I . -3.36 10.65 -6.83
C7 BCB I . -4.40 11.66 -6.40
C8 BCB I . -4.38 12.95 -7.21
C9 BCB I . -3.21 13.82 -6.80
C10 BCB I . -5.66 13.77 -7.35
C11 BCB I . -6.82 13.00 -7.94
C12 BCB I . -8.03 13.92 -8.04
C13 BCB I . -9.26 13.31 -8.74
C14 BCB I . -9.01 13.11 -10.23
C15 BCB I . -10.30 14.38 -8.48
C16 BCB I . -11.74 13.90 -8.49
C17 BCB I . -12.66 15.09 -8.26
C18 BCB I . -14.05 14.73 -7.75
C19 BCB I . -14.79 16.02 -7.39
C20 BCB I . -13.95 13.82 -6.53
MG BCB J . -6.75 4.25 -8.40
CHA BCB J . -9.25 2.43 -6.80
CHB BCB J . -8.96 6.89 -8.75
CHC BCB J . -4.14 6.28 -9.28
CHD BCB J . -4.49 1.77 -7.45
NA BCB J . -8.84 4.54 -7.96
C1A BCB J . -9.66 3.68 -7.24
C2A BCB J . -11.01 4.32 -7.01
C3A BCB J . -11.00 5.52 -7.92
C4A BCB J . -9.53 5.71 -8.28
CMA BCB J . -11.77 5.23 -9.19
CAA BCB J . -11.19 4.79 -5.56
CBA BCB J . -10.14 5.79 -5.07
CGA BCB J . -10.52 6.44 -3.75
O1A BCB J . -11.51 6.04 -3.14
O2A BCB J . -9.67 7.53 -3.26
NB BCB J . -6.58 6.22 -8.90
C1B BCB J . -7.61 7.12 -9.01
C2B BCB J . -7.07 8.39 -9.44
C3B BCB J . -5.73 8.26 -9.57
C4B BCB J . -5.41 6.86 -9.27
CMB BCB J . -7.96 9.60 -9.71
CAB BCB J . -4.65 9.20 -9.91
OBB BCB J . -3.47 8.93 -10.16
CBB BCB J . -5.09 10.64 -10.01
NC BCB J . -4.64 4.04 -8.36
C1C BCB J . -3.79 4.98 -8.89
C2C BCB J . -2.43 4.38 -9.02
C3C BCB J . -2.53 3.04 -8.34
C4C BCB J . -3.90 2.91 -8.00
CMC BCB J . -2.07 4.20 -10.47
CAC BCB J . -1.49 2.29 -7.84
CBC BCB J . -0.08 2.82 -7.97
ND BCB J . -6.83 2.46 -7.50
C1D BCB J . -5.85 1.54 -7.22
C2D BCB J . -6.44 0.33 -6.66
C3D BCB J . -7.78 0.60 -6.57
C4D BCB J . -7.98 1.95 -6.98
CMD BCB J . -5.75 -0.96 -6.34
CAD BCB J . -9.07 0.07 -6.26
OBD BCB J . -9.45 -1.09 -6.07
CBD BCB J . -10.06 1.25 -6.24
CGD BCB J . -11.12 0.93 -7.31
O1D BCB J . -12.28 0.79 -6.87
O2D BCB J . -10.81 0.79 -8.68
CED BCB J . -11.90 0.98 -9.50
C1 BCB J . -9.73 7.83 -1.84
C2 BCB J . -11.00 8.55 -1.56
C3 BCB J . -11.79 9.53 -2.16
C4 BCB J . -13.06 10.05 -1.54
C5 BCB J . -11.45 10.15 -3.52
C6 BCB J . -12.47 10.93 -4.36
C7 BCB J . -13.64 10.06 -4.79
C8 BCB J . -13.26 8.83 -5.60
C9 BCB J . -14.13 7.66 -5.15
C10 BCB J . -13.26 8.85 -7.13
C11 BCB J . -12.56 10.04 -7.71
C12 BCB J . -11.96 9.70 -9.08
C13 BCB J . -12.93 9.68 -10.26
C14 BCB J . -13.67 8.38 -10.48
C15 BCB J . -12.24 10.17 -11.53
C16 BCB J . -13.13 11.02 -12.39
C17 BCB J . -12.33 11.92 -13.30
C18 BCB J . -13.17 12.99 -13.98
C19 BCB J . -12.33 13.77 -14.97
C20 BCB J . -13.79 13.93 -12.95
C1 BPB K . -8.61 19.33 -8.65
C2 BPB K . -9.83 19.14 -9.31
C3 BPB K . -10.51 18.35 -10.24
C4 BPB K . -11.95 18.77 -10.43
C5 BPB K . -10.19 17.15 -11.14
C6 BPB K . -9.50 17.42 -12.47
C7 BPB K . -9.59 16.22 -13.40
C8 BPB K . -8.50 16.15 -14.49
C9 BPB K . -8.38 17.46 -15.25
NA BPB K . -7.54 14.25 -3.22
NB BPB K . -6.62 11.55 -3.27
NC BPB K . -4.57 12.01 -1.07
ND BPB K . -5.58 14.52 -0.88
C10 BPB K . -8.91 15.05 -15.47
C11 BPB K . -8.80 13.65 -14.90
C12 BPB K . -7.37 13.15 -14.93
C13 BPB K . -7.17 11.79 -14.24
C14 BPB K . -5.71 11.41 -14.17
C15 BPB K . -7.99 10.59 -14.71
C16 BPB K . -8.03 9.44 -13.71
C17 BPB K . -8.59 8.20 -14.37
C18 BPB K . -8.77 7.01 -13.44
C19 BPB K . -9.94 7.20 -12.52
C1A BPB K . -7.77 15.59 -2.95
O1A BPB K . -7.01 17.77 -7.84
C1B BPB K . -7.62 11.43 -4.20
C1C BPB K . -4.29 10.71 -1.41
C1D BPB K . -4.72 14.67 0.16
O1D BPB K . -9.24 18.98 -1.65
C20 BPB K . -7.50 6.73 -12.67
C2A BPB K . -9.02 16.05 -3.68
O2A BPB K . -8.76 18.80 -7.30
C2B BPB K . -7.63 10.09 -4.75
C2C BPB K . -3.21 10.19 -0.51
C2D BPB K . -4.79 16.01 0.70
O2D BPB K . -9.43 17.03 -0.40
C3A BPB K . -9.52 14.82 -4.38
C3B BPB K . -6.64 9.40 -4.14
C3C BPB K . -2.90 11.32 0.43
C3D BPB K . -5.72 16.67 -0.06
C4A BPB K . -8.46 13.77 -4.13
C4B BPB K . -5.99 10.31 -3.22
C4C BPB K . -3.77 12.38 0.01
C4D BPB K . -6.17 15.76 -1.06
CAA BPB K . -8.81 17.18 -4.69
CAB BPB K . -6.14 8.05 -4.30
CAC BPB K . -1.78 11.42 1.24
CAD BPB K . -6.41 17.92 -0.29
CBA BPB K . -7.74 16.92 -5.72
CBB BPB K . -5.98 7.24 -3.05
OBB BPB K . -6.03 7.49 -5.38
CBC BPB K . -0.67 10.35 1.32
CBD BPB K . -7.24 17.77 -1.58
OBD BPB K . -6.40 18.98 0.33
CED BPB K . -10.73 17.34 -0.11
CGA BPB K . -7.85 17.83 -6.94
CGD BPB K . -8.71 17.95 -1.18
CHA BPB K . -7.11 16.30 -1.95
CHB BPB K . -8.48 12.46 -4.59
CHC BPB K . -4.93 9.96 -2.37
CHD BPB K . -3.87 13.65 0.59
CMA BPB K . -10.85 14.38 -3.74
CMB BPB K . -8.53 9.55 -5.87
CMC BPB K . -3.68 8.97 0.28
CMD BPB K . -3.93 16.52 1.84
C1 UQ2 L . -3.59 9.89 21.80
C2 UQ2 L . -4.36 11.11 21.56
C3 UQ2 L . -5.28 11.14 20.53
C4 UQ2 L . -5.47 9.98 19.69
C5 UQ2 L . -4.70 8.76 19.94
C6 UQ2 L . -3.79 8.71 20.96
CM2 UQ2 L . -4.47 12.10 23.77
CM3 UQ2 L . -6.23 13.44 20.67
CM5 UQ2 L . -4.96 7.60 18.99
C7 UQ2 L . -3.05 7.40 21.29
C8 UQ2 L . -1.78 7.29 20.68
C9 UQ2 L . -0.73 6.42 20.94
C10 UQ2 L . -0.64 5.36 22.06
C11 UQ2 L . 0.53 6.46 20.09
C12 UQ2 L . 0.30 6.15 18.61
C13 UQ2 L . -0.21 4.80 18.28
C14 UQ2 L . -0.10 4.07 17.09
C15 UQ2 L . 0.63 4.56 15.82
C16 UQ2 L . -0.69 2.66 16.92
O1 UQ2 L . -2.74 9.86 22.69
O2 UQ2 L . -4.14 12.15 22.42
O3 UQ2 L . -6.12 12.15 20.15
O4 UQ2 L . -6.27 10.02 18.78
N1 LDA M . -21.56 21.26 -3.10
O1 LDA M . -21.78 22.03 -4.05
CM1 LDA M . -21.82 21.93 -1.82
CM2 LDA M . -22.45 20.10 -3.17
C1 LDA M . -20.18 20.81 -3.13
C2 LDA M . -19.38 20.00 -4.15
C3 LDA M . -19.85 18.56 -4.19
C4 LDA M . -18.93 17.67 -5.01
C5 LDA M . -19.23 16.21 -4.67
C6 LDA M . -18.31 15.23 -5.39
C7 LDA M . -18.57 13.84 -4.85
C8 LDA M . -17.81 12.75 -5.61
C9 LDA M . -18.13 11.38 -5.03
C10 LDA M . -17.61 10.25 -5.91
C11 LDA M . -17.96 8.89 -5.31
C12 LDA M . -17.46 7.78 -6.20
FE FE2 N . -8.63 15.16 15.45
S SO4 O . -22.53 8.53 18.89
O1 SO4 O . -22.37 8.22 17.50
O2 SO4 O . -23.67 9.39 19.07
O3 SO4 O . -22.65 7.32 19.68
O4 SO4 O . -21.40 9.29 19.25
S SO4 P . 4.31 32.07 9.65
O1 SO4 P . 4.64 32.98 10.72
O2 SO4 P . 3.28 32.66 8.83
O3 SO4 P . 5.46 31.80 8.85
O4 SO4 P . 3.83 30.84 10.19
S SO4 Q . -10.24 -5.79 32.78
O1 SO4 Q . -10.79 -4.46 32.67
O2 SO4 Q . -11.01 -6.71 31.99
O3 SO4 Q . -8.87 -5.78 32.34
O4 SO4 Q . -10.32 -6.29 34.11
MG BCB R . 0.16 -8.57 7.11
CHA BCB R . 2.77 -6.44 6.14
CHB BCB R . 1.42 -8.53 10.35
CHC BCB R . -2.75 -10.01 8.21
CHD BCB R . -1.39 -7.85 4.07
NA BCB R . 1.92 -7.71 8.08
C1A BCB R . 2.84 -6.84 7.48
C2A BCB R . 3.85 -6.39 8.51
C3A BCB R . 3.61 -7.31 9.69
C4A BCB R . 2.24 -7.91 9.41
CMA BCB R . 4.67 -8.41 9.71
CAA BCB R . 3.61 -4.92 8.92
CBA BCB R . 2.27 -4.69 9.64
CGA BCB R . 2.00 -3.23 9.92
O1A BCB R . 2.84 -2.37 9.69
O2A BCB R . 0.71 -2.89 10.46
NB BCB R . -0.56 -9.10 8.95
C1B BCB R . 0.14 -9.07 10.13
C2B BCB R . -0.65 -9.76 11.14
C3B BCB R . -1.85 -10.03 10.59
C4B BCB R . -1.77 -9.72 9.17
CMB BCB R . -0.20 -10.12 12.55
CAB BCB R . -3.08 -10.60 11.14
OBB BCB R . -3.00 -11.55 11.93
CBB BCB R . -4.43 -9.95 10.94
NC BCB R . -1.70 -9.03 6.20
C1C BCB R . -2.71 -9.71 6.85
C2C BCB R . -3.77 -10.03 5.84
C3C BCB R . -3.40 -9.22 4.62
C4C BCB R . -2.15 -8.64 4.94
CMC BCB R . -3.71 -11.51 5.52
CAC BCB R . -4.26 -8.77 3.62
CBC BCB R . -5.75 -9.07 3.56
ND BCB R . 0.61 -7.56 5.43
C1D BCB R . -0.09 -7.36 4.26
C2D BCB R . 0.75 -6.71 3.27
C3D BCB R . 1.89 -6.35 3.94
C4D BCB R . 1.76 -6.81 5.29
CMD BCB R . 0.44 -6.54 1.76
CAD BCB R . 3.17 -5.69 3.87
OBD BCB R . 3.77 -5.18 2.92
CBD BCB R . 3.78 -5.68 5.28
CGD BCB R . 5.02 -6.58 5.20
O1D BCB R . 6.11 -5.99 5.18
O2D BCB R . 4.94 -7.94 5.13
CED BCB R . 6.10 -8.43 4.57
C1 BCB R . 0.63 -1.67 11.26
C2 BCB R . 0.95 -2.00 12.64
C3 BCB R . 0.80 -1.42 13.89
C4 BCB R . 0.12 -0.06 14.20
C5 BCB R . 1.37 -2.09 15.15
C6 BCB R . 2.84 -1.76 15.40
C7 BCB R . 3.01 -0.38 16.01
C8 BCB R . 2.51 -0.26 17.45
C9 BCB R . 2.62 1.17 17.95
C10 BCB R . 3.32 -1.21 18.34
C11 BCB R . 2.85 -1.30 19.78
C12 BCB R . 3.73 -2.23 20.59
C13 BCB R . 3.30 -2.40 22.05
C14 BCB R . 3.31 -1.07 22.80
C15 BCB R . 3.93 -3.52 22.88
C16 BCB R . 5.35 -3.25 23.37
C17 BCB R . 6.34 -3.16 22.22
C18 BCB R . 7.78 -2.87 22.66
C19 BCB R . 7.88 -1.53 23.37
C20 BCB R . 8.73 -2.92 21.46
MG BCB S . -5.57 -6.19 -1.79
CHA BCB S . -7.54 -7.15 0.84
CHB BCB S . -5.57 -2.93 -0.59
CHC BCB S . -3.94 -5.26 -4.56
CHD BCB S . -4.88 -9.53 -2.38
NA BCB S . -6.34 -5.22 -0.04
C1A BCB S . -7.24 -5.80 0.83
C2A BCB S . -7.73 -4.76 1.82
C3A BCB S . -6.81 -3.59 1.59
C4A BCB S . -6.18 -3.86 0.24
CMA BCB S . -7.59 -2.29 1.61
CAA BCB S . -7.59 -5.31 3.23
CBA BCB S . -7.67 -4.25 4.25
CGA BCB S . -6.49 -4.28 5.18
O1A BCB S . -6.05 -3.23 5.64
O2A BCB S . -5.84 -5.47 5.60
NB BCB S . -4.79 -4.43 -2.41
C1B BCB S . -4.95 -3.19 -1.81
C2B BCB S . -4.38 -2.18 -2.68
C3B BCB S . -3.88 -2.81 -3.78
C4B BCB S . -4.24 -4.23 -3.65
CMB BCB S . -4.30 -0.67 -2.36
CAB BCB S . -3.07 -2.37 -4.90
OBB BCB S . -2.73 -3.08 -5.83
CBB BCB S . -2.60 -0.93 -4.87
NC BCB S . -4.52 -7.23 -3.19
C1C BCB S . -4.08 -6.64 -4.36
C2C BCB S . -3.62 -7.72 -5.28
C3C BCB S . -3.63 -8.97 -4.46
C4C BCB S . -4.31 -8.62 -3.28
CMC BCB S . -4.62 -7.87 -6.42
CAC BCB S . -2.90 -10.12 -4.67
CBC BCB S . -1.93 -10.32 -5.81
ND BCB S . -6.11 -7.95 -1.03
C1D BCB S . -5.74 -9.23 -1.33
C2D BCB S . -6.53 -10.18 -0.56
C3D BCB S . -7.29 -9.42 0.27
C4D BCB S . -6.95 -8.06 0.03
CMD BCB S . -6.53 -11.70 -0.76
CAD BCB S . -8.30 -9.40 1.30
OBD BCB S . -8.90 -10.31 1.89
CBD BCB S . -8.59 -7.94 1.65
CGD BCB S . -9.92 -7.61 0.99
O1D BCB S . -10.31 -6.43 1.06
O2D BCB S . -10.66 -8.61 0.30
CED BCB S . -11.91 -8.26 -0.15
C1 BCB S . -4.87 -5.31 6.68
C2 BCB S . -5.59 -5.21 7.94
C3 BCB S . -5.80 -6.31 8.74
C4 BCB S . -5.35 -7.71 8.32
C5 BCB S . -6.41 -6.20 10.13
C6 BCB S . -5.85 -7.01 11.29
C7 BCB S . -6.55 -6.62 12.59
C8 BCB S . -6.16 -7.46 13.80
C9 BCB S . -7.05 -7.07 14.97
C10 BCB S . -4.68 -7.27 14.14
C11 BCB S . -4.13 -8.17 15.24
C12 BCB S . -2.66 -7.91 15.49
C13 BCB S . -1.98 -8.87 16.47
C14 BCB S . -2.64 -8.97 17.83
C15 BCB S . -0.79 -9.81 16.35
C16 BCB S . -1.12 -11.23 16.72
C17 BCB S . 0.04 -12.16 16.43
C18 BCB S . -0.25 -13.62 16.74
C19 BCB S . 0.91 -14.49 16.31
C20 BCB S . -0.55 -13.81 18.23
C1 BPB T . -2.95 -9.11 21.18
C2 BPB T . -2.13 -9.30 22.31
C3 BPB T . -0.84 -9.66 22.71
C4 BPB T . -0.56 -9.59 24.21
C5 BPB T . 0.40 -10.15 21.94
C6 BPB T . 1.00 -11.32 22.73
C7 BPB T . 2.49 -11.56 22.44
C8 BPB T . 3.43 -10.43 22.87
C9 BPB T . 3.51 -9.33 21.83
NA BPB T . -4.18 -3.41 16.37
NB BPB T . -3.77 -3.79 13.55
NC BPB T . -6.28 -2.21 12.85
ND BPB T . -6.65 -1.90 15.52
C10 BPB T . 4.80 -10.73 23.48
C11 BPB T . 5.81 -11.39 22.54
C12 BPB T . 5.87 -12.92 22.74
C13 BPB T . 6.75 -13.39 23.91
C14 BPB T . 6.26 -12.83 25.25
C15 BPB T . 6.98 -14.91 23.97
C16 BPB T . 8.21 -15.35 24.78
C17 BPB T . 8.09 -15.05 26.28
C18 BPB T . 7.38 -16.12 27.13
C19 BPB T . 5.96 -16.40 26.67
C1A BPB T . -4.66 -3.17 17.65
O1A BPB T . -5.23 -7.73 20.23
C1B BPB T . -2.60 -4.40 14.01
C1C BPB T . -5.86 -2.61 11.59
C1D BPB T . -7.75 -1.14 15.15
O1D BPB T . -5.22 -1.82 21.13
C20 BPB T . 7.40 -15.74 28.61
C2A BPB T . -3.66 -3.63 18.68
O2A BPB T . -3.06 -7.67 20.96
C2B BPB T . -1.85 -4.88 12.88
C2C BPB T . -6.82 -2.06 10.58
C2D BPB T . -8.44 -0.62 16.31
O2D BPB T . -4.89 -0.15 19.54
C3A BPB T . -2.48 -4.10 17.89
C3B BPB T . -2.56 -4.62 11.75
C3C BPB T . -7.79 -1.21 11.36
C3D BPB T . -7.74 -1.09 17.39
C4A BPB T . -2.95 -4.06 16.44
C4B BPB T . -3.76 -3.91 12.16
C4C BPB T . -7.43 -1.41 12.71
C4D BPB T . -6.67 -1.90 16.89
CAA BPB T . -4.18 -4.77 19.58
CAB BPB T . -2.36 -4.94 10.36
CAC BPB T . -8.71 -0.26 10.89
CAD BPB T . -7.65 -1.13 18.84
CBA BPB T . -3.85 -6.16 19.08
CBB BPB T . -2.26 -3.77 9.41
OBB BPB T . -2.00 -6.05 9.95
CBC BPB T . -8.95 0.09 9.39
CBD BPB T . -6.54 -2.12 19.22
OBD BPB T . -8.28 -0.52 19.70
CED BPB T . -4.29 0.73 20.41
CGA BPB T . -4.12 -7.23 20.12
CGD BPB T . -5.49 -1.33 20.02
CHA BPB T . -5.85 -2.46 17.89
CHB BPB T . -2.22 -4.53 15.34
CHC BPB T . -4.73 -3.37 11.30
CHD BPB T . -8.09 -0.91 13.83
CMA BPB T . -1.31 -3.15 18.12
CMB BPB T . -0.48 -5.59 12.93
CMC BPB T . -6.10 -1.22 9.54
CMD BPB T . -9.69 0.25 16.27
C1 MQ7 U . -10.97 18.76 8.95
O1 MQ7 U . -10.00 18.33 9.58
C2 MQ7 U . -11.22 18.32 7.58
C2M MQ7 U . -10.16 17.40 6.99
C3 MQ7 U . -12.33 18.76 6.89
C4 MQ7 U . -13.27 19.67 7.54
O4 MQ7 U . -14.24 20.08 6.94
C5 MQ7 U . -13.02 20.12 8.90
C6 MQ7 U . -13.91 21.01 9.50
C7 MQ7 U . -13.67 21.45 10.79
C8 MQ7 U . -12.57 21.00 11.47
C9 MQ7 U . -11.69 20.10 10.86
C10 MQ7 U . -11.92 19.67 9.58
C11 MQ7 U . -12.60 18.31 5.46
C12 MQ7 U . -13.49 17.15 5.43
C13 MQ7 U . -14.83 16.86 5.22
C14 MQ7 U . -15.95 17.85 4.81
C15 MQ7 U . -15.34 15.40 5.31
C16 MQ7 U . -15.60 14.69 3.98
C17 MQ7 U . -14.44 14.61 3.11
C18 MQ7 U . -13.88 13.59 2.37
C19 MQ7 U . -14.40 12.14 2.21
C20 MQ7 U . -12.61 13.89 1.60
C21 MQ7 U . -12.77 13.69 0.11
C22 MQ7 U . -13.43 14.81 -0.50
C23 MQ7 U . -14.21 14.84 -1.64
C24 MQ7 U . -14.52 13.61 -2.54
C25 MQ7 U . -14.82 16.14 -2.12
C26 MQ7 U . -14.00 16.49 -3.34
C27 MQ7 U . -14.56 17.65 -3.90
C28 MQ7 U . -13.92 18.62 -4.67
C29 MQ7 U . -12.42 18.59 -5.03
C30 MQ7 U . -14.71 19.81 -5.18
C31 MQ7 U . -14.65 20.00 -6.69
C32 MQ7 U . -15.08 21.35 -6.95
C33 MQ7 U . -14.57 22.20 -7.90
C34 MQ7 U . -13.47 21.73 -8.88
C35 MQ7 U . -15.03 23.64 -8.13
C36 MQ7 U . -14.19 24.72 -7.42
C37 MQ7 U . -14.61 26.06 -7.88
C38 MQ7 U . -13.88 27.08 -8.49
C39 MQ7 U . -12.38 26.93 -8.71
C40 MQ7 U . -14.36 28.46 -8.98
C41 MQ7 U . -15.30 28.58 -10.20
C42 MQ7 U . -16.71 28.27 -9.86
C43 MQ7 U . -17.64 27.25 -10.12
C44 MQ7 U . -17.42 26.00 -11.02
C45 MQ7 U . -19.08 27.26 -9.53
C1 NS5 V . 5.67 -5.83 15.12
CM1 NS5 V . 6.58 -5.54 16.31
CM2 NS5 V . 4.23 -6.02 15.57
C2 NS5 V . 6.16 -7.03 14.32
C3 NS5 V . 6.23 -8.33 15.10
C4 NS5 V . 6.73 -9.47 14.23
C5 NS5 V . 6.86 -10.75 14.97
C6 NS5 V . 8.20 -11.00 15.59
C7 NS5 V . 5.80 -11.55 15.23
C8 NS5 V . 5.89 -12.93 15.80
C9 NS5 V . 6.44 -13.96 14.79
C10 NS5 V . 5.35 -14.54 13.89
C11 NS5 V . 4.69 -15.75 14.44
C12 NS5 V . 5.21 -14.12 12.61
C13 NS5 V . 4.04 -14.24 11.73
C14 NS5 V . 2.83 -13.66 11.91
C15 NS5 V . 1.93 -13.22 10.81
C16 NS5 V . 2.42 -12.02 10.05
C17 NS5 V . 0.66 -13.71 10.67
C18 NS5 V . -0.33 -13.25 9.71
C19 NS5 V . -1.62 -13.65 9.51
C20 NS5 V . -2.34 -14.76 10.15
C21 NS5 V . -3.70 -14.86 10.20
C22 NS5 V . -4.62 -13.73 9.84
C23 NS5 V . -4.34 -16.11 10.69
C24 NS5 V . -5.64 -16.23 11.05
C25 NS5 V . -6.27 -17.46 11.55
C26 NS5 V . -7.39 -17.56 12.31
C27 NS5 V . -8.24 -16.40 12.65
C28 NS5 V . -7.90 -18.88 12.70
C29 NS5 V . -8.88 -19.09 13.62
C30 NS5 V . -9.42 -20.38 14.02
C31 NS5 V . -10.47 -20.64 14.85
C32 NS5 V . -11.38 -19.57 15.36
C33 NS5 V . -11.00 -22.03 14.97
C34 NS5 V . -10.08 -22.94 15.79
C35 NS5 V . -10.51 -24.40 15.77
C36 NS5 V . -11.54 -24.91 16.48
CM3 NS5 V . -11.93 -26.34 16.39
CM4 NS5 V . -12.34 -24.11 17.45
N1 LDA W . -21.83 16.26 -0.84
O1 LDA W . -22.76 15.68 -0.29
CM1 LDA W . -22.27 16.90 -2.07
CM2 LDA W . -21.35 17.31 0.03
C1 LDA W . -20.75 15.32 -1.18
C2 LDA W . -20.18 14.31 -0.19
C3 LDA W . -19.10 13.45 -0.81
C4 LDA W . -18.77 12.26 0.09
C5 LDA W . -17.82 11.30 -0.61
C6 LDA W . -17.88 9.88 -0.03
C7 LDA W . -17.04 8.96 -0.89
C8 LDA W . -17.25 7.48 -0.58
C9 LDA W . -16.34 6.62 -1.46
C10 LDA W . -16.38 5.16 -1.07
C11 LDA W . -15.30 4.36 -1.82
C12 LDA W . -15.34 4.34 -3.36
N1 LDA X . -26.05 -6.81 -15.06
O1 LDA X . -25.70 -7.98 -14.83
CM1 LDA X . -25.31 -6.28 -16.20
CM2 LDA X . -27.48 -6.78 -15.40
C1 LDA X . -25.82 -5.95 -13.88
C2 LDA X . -24.46 -5.55 -13.27
C3 LDA X . -24.63 -4.63 -12.06
C4 LDA X . -23.28 -4.09 -11.57
C5 LDA X . -22.40 -5.17 -10.95
C6 LDA X . -21.02 -4.61 -10.55
C7 LDA X . -20.19 -4.24 -11.78
C8 LDA X . -19.02 -3.32 -11.43
C9 LDA X . -17.90 -4.03 -10.72
C10 LDA X . -16.75 -3.08 -10.39
C11 LDA X . -15.58 -3.78 -9.73
C12 LDA X . -14.47 -2.84 -9.31
N1 LDA Y . -14.34 -6.12 33.48
O1 LDA Y . -13.31 -5.52 33.22
CM1 LDA Y . -14.43 -6.40 34.90
CM2 LDA Y . -15.49 -5.35 33.10
C1 LDA Y . -14.37 -7.39 32.75
C2 LDA Y . -13.39 -8.55 32.95
C3 LDA Y . -13.84 -9.80 32.20
C4 LDA Y . -12.98 -11.00 32.59
C5 LDA Y . -11.56 -10.89 32.06
C6 LDA Y . -11.46 -11.34 30.61
C7 LDA Y . -11.41 -12.86 30.49
C8 LDA Y . -11.58 -13.27 29.03
C9 LDA Y . -11.44 -14.78 28.84
C10 LDA Y . -12.21 -15.25 27.60
C11 LDA Y . -11.78 -14.53 26.34
C12 LDA Y . -12.72 -14.87 25.18
N1 LDA Z . 5.88 -31.03 13.01
O1 LDA Z . 4.74 -31.43 12.87
CM1 LDA Z . 6.84 -32.05 12.60
CM2 LDA Z . 6.11 -29.83 12.21
C1 LDA Z . 6.11 -30.70 14.42
C2 LDA Z . 7.44 -30.14 14.91
C3 LDA Z . 7.43 -29.86 16.40
C4 LDA Z . 6.45 -28.77 16.77
C5 LDA Z . 6.53 -28.48 18.26
C6 LDA Z . 5.49 -27.45 18.68
C7 LDA Z . 5.58 -27.18 20.18
C8 LDA Z . 4.53 -26.17 20.63
C9 LDA Z . 4.62 -25.90 22.12
C10 LDA Z . 3.58 -24.87 22.56
C11 LDA Z . 3.67 -24.59 24.05
C12 LDA Z . 2.65 -23.59 24.53
S SO4 AA . -24.51 23.18 2.32
O1 SO4 AA . -23.27 23.88 2.48
O2 SO4 AA . -24.26 22.05 1.46
O3 SO4 AA . -25.08 22.73 3.57
O4 SO4 AA . -25.42 24.09 1.67
N1 LDA BA . -34.70 16.14 10.58
O1 LDA BA . -35.84 15.97 10.95
CM1 LDA BA . -34.00 14.87 10.57
CM2 LDA BA . -34.66 16.70 9.22
C1 LDA BA . -34.00 17.04 11.48
C2 LDA BA . -34.31 18.53 11.60
C3 LDA BA . -35.66 18.75 12.22
C4 LDA BA . -35.62 18.52 13.70
C5 LDA BA . -35.46 19.84 14.47
C6 LDA BA . -34.14 20.54 14.17
C7 LDA BA . -33.94 21.71 15.13
C8 LDA BA . -32.51 22.24 15.10
C9 LDA BA . -32.20 23.12 16.32
C10 LDA BA . -33.05 24.38 16.35
C11 LDA BA . -32.67 25.35 15.24
C12 LDA BA . -31.26 25.93 15.39
#